data_4BZ9
#
_entry.id   4BZ9
#
_cell.length_a   70.280
_cell.length_b   70.316
_cell.length_c   98.130
_cell.angle_alpha   77.93
_cell.angle_beta   75.59
_cell.angle_gamma   85.54
#
_symmetry.space_group_name_H-M   'P 1'
#
loop_
_entity.id
_entity.type
_entity.pdbx_description
1 polymer 'HISTONE DEACETYLASE 8'
2 non-polymer 'ZINC ION'
3 non-polymer 'POTASSIUM ION'
4 non-polymer '3-chlorobenzothiophene-2-carbohydroxamic acid'
5 non-polymer DIMETHYLFORMAMIDE
6 non-polymer GLYCEROL
7 water water
#
_entity_poly.entity_id   1
_entity_poly.type   'polypeptide(L)'
_entity_poly.pdbx_seq_one_letter_code
;MSVGIVYGDQYRQLCCSSPKFGDRYALVMDLINAYKLIPELSRVPPLQWDSPSRMYEAVTAFHSTEYVDALKKLQMLHCE
EKELTADDELLMDSFSLNYDCPGFPSVFDYSLAAVQGSLAAASALICRHCEVVINWGGGWHHAKRSEASGFCYLNDIVLA
IHRLVSSTPPETSPNRQTRVLYVDLDLHHGDGVEEAFWYSPRVVTFSVHHASPGFFPGTGTWNMVDNDKLPIFLNGAGRG
RFSAFNLPLEEGINDLDWSNAIGPILDSLNIVIQPSYVVVQCGADCLATDPHRIFRLTNFYPNLNLDSDCDSECSLSGYL
YAIKKILSWKVPTLILGGGGYNFPDTARLWTRVTALTIEEVKGKKMTISPEIPEHSYFSRYGPDFELDIDYFPHESHNKT
LDSIQKHHRRILEQLRNYADLNKLIYDYDQVYQLYNLTGMGSLVPR
;
_entity_poly.pdbx_strand_id   A,B,C,D
#
loop_
_chem_comp.id
_chem_comp.type
_chem_comp.name
_chem_comp.formula
DMF non-polymer DIMETHYLFORMAMIDE 'C3 H7 N O'
GOL non-polymer GLYCEROL 'C3 H8 O3'
K non-polymer 'POTASSIUM ION' 'K 1'
KMY non-polymer '3-chlorobenzothiophene-2-carbohydroxamic acid' 'C9 H6 Cl N O2 S'
ZN non-polymer 'ZINC ION' 'Zn 2'
#
# COMPACT_ATOMS: atom_id res chain seq x y z
N SER A 2 -29.74 26.04 2.81
CA SER A 2 -28.35 26.16 2.36
C SER A 2 -28.03 25.24 1.18
N VAL A 3 -28.12 25.80 -0.03
CA VAL A 3 -27.86 25.08 -1.26
C VAL A 3 -26.42 25.42 -1.65
N GLY A 4 -25.63 24.41 -1.90
CA GLY A 4 -24.24 24.55 -2.30
C GLY A 4 -24.07 24.45 -3.79
N ILE A 5 -23.07 25.14 -4.33
CA ILE A 5 -22.77 25.08 -5.75
C ILE A 5 -21.26 25.07 -5.93
N VAL A 6 -20.75 24.11 -6.70
CA VAL A 6 -19.31 23.95 -6.92
C VAL A 6 -18.87 24.97 -7.94
N TYR A 7 -17.89 25.81 -7.58
CA TYR A 7 -17.30 26.78 -8.49
C TYR A 7 -16.01 27.37 -7.97
N GLY A 8 -15.27 27.96 -8.87
CA GLY A 8 -13.96 28.55 -8.57
C GLY A 8 -13.33 28.98 -9.88
N ASP A 9 -12.41 29.95 -9.81
CA ASP A 9 -11.74 30.48 -11.00
C ASP A 9 -10.96 29.40 -11.77
N GLN A 10 -10.16 28.60 -11.06
CA GLN A 10 -9.40 27.53 -11.71
C GLN A 10 -10.33 26.46 -12.23
N TYR A 11 -11.37 26.16 -11.44
CA TYR A 11 -12.34 25.12 -11.74
C TYR A 11 -13.05 25.45 -13.05
N ARG A 12 -13.45 26.71 -13.19
CA ARG A 12 -14.11 27.21 -14.39
C ARG A 12 -13.20 27.01 -15.62
N GLN A 13 -11.92 27.46 -15.55
CA GLN A 13 -10.93 27.30 -16.63
C GLN A 13 -10.75 25.83 -17.03
N LEU A 14 -10.68 24.92 -16.05
CA LEU A 14 -10.52 23.49 -16.31
C LEU A 14 -11.74 22.84 -16.96
N CYS A 15 -12.95 23.13 -16.46
CA CYS A 15 -14.22 22.63 -17.02
C CYS A 15 -14.43 23.16 -18.45
N CYS A 16 -13.80 24.29 -18.80
CA CYS A 16 -13.91 24.93 -20.11
C CYS A 16 -12.74 24.61 -21.05
N SER A 17 -11.90 23.63 -20.65
CA SER A 17 -10.70 23.31 -21.42
C SER A 17 -10.80 22.11 -22.37
N SER A 18 -11.98 21.52 -22.52
CA SER A 18 -12.12 20.35 -23.42
C SER A 18 -12.58 20.72 -24.83
N PRO A 19 -12.20 19.95 -25.88
CA PRO A 19 -12.67 20.26 -27.24
C PRO A 19 -14.15 19.97 -27.46
N LYS A 20 -14.73 19.06 -26.66
CA LYS A 20 -16.14 18.66 -26.77
C LYS A 20 -17.11 19.58 -26.04
N PHE A 21 -16.84 19.89 -24.76
CA PHE A 21 -17.74 20.73 -24.00
C PHE A 21 -17.42 22.20 -24.00
N GLY A 22 -16.31 22.56 -24.67
CA GLY A 22 -15.87 23.95 -24.81
C GLY A 22 -16.17 24.82 -23.61
N ASP A 23 -16.87 25.96 -23.82
CA ASP A 23 -17.20 26.91 -22.76
C ASP A 23 -18.57 26.68 -22.07
N ARG A 24 -19.22 25.53 -22.29
CA ARG A 24 -20.54 25.23 -21.71
C ARG A 24 -20.68 25.60 -20.22
N TYR A 25 -19.72 25.14 -19.37
CA TYR A 25 -19.72 25.41 -17.93
C TYR A 25 -19.75 26.91 -17.62
N ALA A 26 -18.94 27.72 -18.38
CA ALA A 26 -18.93 29.17 -18.23
C ALA A 26 -20.29 29.78 -18.54
N LEU A 27 -20.96 29.34 -19.63
CA LEU A 27 -22.31 29.81 -20.00
C LEU A 27 -23.28 29.47 -18.87
N VAL A 28 -23.19 28.23 -18.36
CA VAL A 28 -24.07 27.76 -17.29
C VAL A 28 -23.90 28.67 -16.05
N MET A 29 -22.66 28.84 -15.56
CA MET A 29 -22.37 29.64 -14.37
C MET A 29 -22.63 31.12 -14.55
N ASP A 30 -22.36 31.66 -15.76
CA ASP A 30 -22.62 33.08 -16.02
C ASP A 30 -24.12 33.36 -16.15
N LEU A 31 -24.92 32.37 -16.61
CA LEU A 31 -26.36 32.58 -16.69
C LEU A 31 -26.98 32.57 -15.27
N ILE A 32 -26.53 31.65 -14.39
CA ILE A 32 -26.91 31.59 -12.97
C ILE A 32 -26.54 32.91 -12.29
N ASN A 33 -25.35 33.44 -12.62
CA ASN A 33 -24.90 34.71 -12.06
C ASN A 33 -25.72 35.89 -12.61
N ALA A 34 -26.06 35.88 -13.93
CA ALA A 34 -26.90 36.91 -14.56
C ALA A 34 -28.29 36.96 -13.93
N TYR A 35 -28.82 35.78 -13.50
CA TYR A 35 -30.12 35.71 -12.83
C TYR A 35 -30.08 36.00 -11.30
N LYS A 36 -28.90 36.52 -10.82
CA LYS A 36 -28.64 36.93 -9.42
C LYS A 36 -28.88 35.80 -8.41
N LEU A 37 -28.59 34.55 -8.84
CA LEU A 37 -28.73 33.35 -8.00
C LEU A 37 -27.51 33.07 -7.12
N ILE A 38 -26.32 33.55 -7.52
CA ILE A 38 -25.07 33.31 -6.80
C ILE A 38 -25.12 33.75 -5.29
N PRO A 39 -25.66 34.95 -4.93
CA PRO A 39 -25.77 35.32 -3.50
C PRO A 39 -26.63 34.39 -2.63
N GLU A 40 -27.51 33.56 -3.25
CA GLU A 40 -28.41 32.62 -2.57
C GLU A 40 -27.75 31.28 -2.30
N LEU A 41 -26.61 31.04 -2.95
CA LEU A 41 -25.88 29.79 -2.92
C LEU A 41 -24.57 29.86 -2.13
N SER A 42 -24.22 28.75 -1.46
CA SER A 42 -22.97 28.58 -0.73
C SER A 42 -21.91 28.04 -1.74
N ARG A 43 -20.80 28.78 -1.98
CA ARG A 43 -19.81 28.24 -2.95
C ARG A 43 -19.13 27.06 -2.31
N VAL A 44 -19.09 25.94 -3.03
CA VAL A 44 -18.40 24.74 -2.56
C VAL A 44 -17.07 24.67 -3.29
N PRO A 45 -15.91 24.85 -2.61
CA PRO A 45 -14.64 24.81 -3.34
C PRO A 45 -14.26 23.38 -3.74
N PRO A 46 -13.74 23.16 -4.97
CA PRO A 46 -13.29 21.80 -5.34
C PRO A 46 -12.18 21.32 -4.40
N LEU A 47 -12.15 20.01 -4.14
CA LEU A 47 -11.18 19.40 -3.25
C LEU A 47 -9.81 19.42 -3.88
N GLN A 48 -8.81 19.74 -3.08
CA GLN A 48 -7.42 19.73 -3.49
C GLN A 48 -6.71 18.83 -2.50
N TRP A 49 -5.66 18.12 -2.95
CA TRP A 49 -4.96 17.14 -2.11
C TRP A 49 -3.60 17.59 -1.59
N ASP A 50 -3.13 16.95 -0.50
CA ASP A 50 -1.88 17.23 0.19
C ASP A 50 -0.69 16.70 -0.56
N SER A 51 -0.92 15.78 -1.51
CA SER A 51 0.18 15.17 -2.25
C SER A 51 -0.32 14.37 -3.46
N PRO A 52 0.56 14.05 -4.44
CA PRO A 52 0.16 13.16 -5.54
C PRO A 52 -0.35 11.82 -5.02
N SER A 53 0.26 11.25 -3.93
CA SER A 53 -0.17 9.97 -3.33
C SER A 53 -1.59 10.00 -2.83
N ARG A 54 -1.98 11.10 -2.15
CA ARG A 54 -3.34 11.30 -1.64
C ARG A 54 -4.34 11.42 -2.80
N MET A 55 -3.94 12.11 -3.88
CA MET A 55 -4.82 12.23 -5.06
C MET A 55 -5.02 10.82 -5.66
N TYR A 56 -3.93 10.04 -5.79
CA TYR A 56 -4.01 8.69 -6.32
C TYR A 56 -4.93 7.81 -5.46
N GLU A 57 -4.82 7.90 -4.12
CA GLU A 57 -5.65 7.15 -3.17
C GLU A 57 -7.14 7.48 -3.37
N ALA A 58 -7.45 8.76 -3.61
CA ALA A 58 -8.83 9.18 -3.86
C ALA A 58 -9.36 8.65 -5.19
N VAL A 59 -8.60 8.80 -6.30
CA VAL A 59 -9.09 8.39 -7.63
C VAL A 59 -9.14 6.88 -7.76
N THR A 60 -8.18 6.18 -7.12
CA THR A 60 -8.09 4.72 -7.15
C THR A 60 -9.05 4.00 -6.24
N ALA A 61 -9.94 4.74 -5.52
CA ALA A 61 -11.00 4.09 -4.74
C ALA A 61 -11.91 3.40 -5.79
N PHE A 62 -11.89 3.88 -7.05
CA PHE A 62 -12.64 3.29 -8.14
C PHE A 62 -11.74 2.90 -9.33
N HIS A 63 -11.01 3.86 -9.93
CA HIS A 63 -10.17 3.60 -11.11
C HIS A 63 -8.89 2.83 -10.80
N SER A 64 -8.35 2.04 -11.77
CA SER A 64 -7.12 1.32 -11.47
C SER A 64 -5.94 2.27 -11.55
N THR A 65 -4.83 1.96 -10.86
CA THR A 65 -3.64 2.79 -10.91
C THR A 65 -3.13 2.91 -12.36
N GLU A 66 -3.08 1.77 -13.09
CA GLU A 66 -2.63 1.75 -14.49
C GLU A 66 -3.47 2.70 -15.36
N TYR A 67 -4.77 2.77 -15.12
CA TYR A 67 -5.62 3.68 -15.89
C TYR A 67 -5.31 5.14 -15.61
N VAL A 68 -5.18 5.50 -14.33
CA VAL A 68 -4.85 6.87 -13.91
C VAL A 68 -3.48 7.25 -14.50
N ASP A 69 -2.50 6.32 -14.44
CA ASP A 69 -1.16 6.53 -14.98
C ASP A 69 -1.28 6.83 -16.47
N ALA A 70 -2.08 6.02 -17.19
CA ALA A 70 -2.30 6.20 -18.64
C ALA A 70 -2.90 7.60 -18.95
N LEU A 71 -3.93 8.00 -18.20
CA LEU A 71 -4.59 9.29 -18.41
C LEU A 71 -3.64 10.48 -18.13
N LYS A 72 -2.84 10.38 -17.07
CA LYS A 72 -1.86 11.41 -16.74
C LYS A 72 -0.76 11.47 -17.84
N LYS A 73 -0.29 10.29 -18.34
CA LYS A 73 0.69 10.20 -19.43
C LYS A 73 0.08 10.77 -20.74
N LEU A 74 -1.21 10.51 -21.01
CA LEU A 74 -1.92 11.03 -22.19
C LEU A 74 -1.86 12.58 -22.23
N GLN A 75 -2.11 13.22 -21.08
CA GLN A 75 -2.04 14.69 -20.96
C GLN A 75 -0.62 15.16 -21.26
N MET A 76 0.38 14.55 -20.60
CA MET A 76 1.81 14.83 -20.77
C MET A 76 2.18 14.79 -22.25
N LEU A 77 1.76 13.71 -22.94
CA LEU A 77 2.02 13.46 -24.36
C LEU A 77 1.37 14.48 -25.25
N HIS A 78 0.17 14.95 -24.86
CA HIS A 78 -0.53 15.99 -25.61
C HIS A 78 -0.03 17.41 -25.31
N CYS A 79 1.01 17.52 -24.44
CA CYS A 79 1.67 18.80 -24.08
C CYS A 79 3.04 18.96 -24.76
N GLU A 80 3.31 18.12 -25.78
CA GLU A 80 4.56 18.17 -26.56
C GLU A 80 4.31 17.96 -28.06
N GLU A 83 4.13 13.45 -32.39
CA GLU A 83 3.00 12.57 -32.14
C GLU A 83 3.35 11.36 -31.23
N LEU A 84 2.31 10.59 -30.83
CA LEU A 84 2.45 9.39 -30.01
C LEU A 84 3.21 8.28 -30.76
N THR A 85 4.01 7.52 -30.04
CA THR A 85 4.71 6.37 -30.59
C THR A 85 3.69 5.23 -30.76
N ALA A 86 4.02 4.21 -31.58
CA ALA A 86 3.15 3.04 -31.78
C ALA A 86 2.89 2.38 -30.42
N ASP A 87 3.94 2.25 -29.53
CA ASP A 87 3.73 1.65 -28.19
C ASP A 87 2.82 2.51 -27.31
N ASP A 88 2.91 3.85 -27.40
CA ASP A 88 2.03 4.69 -26.60
C ASP A 88 0.61 4.67 -27.13
N GLU A 89 0.42 4.56 -28.47
CA GLU A 89 -0.93 4.46 -29.03
C GLU A 89 -1.61 3.17 -28.54
N LEU A 90 -0.85 2.04 -28.47
CA LEU A 90 -1.35 0.74 -28.00
C LEU A 90 -1.77 0.86 -26.56
N LEU A 91 -0.94 1.49 -25.75
CA LEU A 91 -1.24 1.69 -24.33
C LEU A 91 -2.57 2.44 -24.16
N MET A 92 -2.74 3.56 -24.90
CA MET A 92 -4.00 4.33 -24.80
C MET A 92 -5.22 3.50 -25.23
N ASP A 93 -5.09 2.77 -26.35
CA ASP A 93 -6.14 1.90 -26.87
C ASP A 93 -6.56 0.84 -25.83
N SER A 94 -5.59 0.35 -25.01
CA SER A 94 -5.94 -0.66 -23.99
C SER A 94 -6.90 -0.12 -22.89
N PHE A 95 -7.01 1.23 -22.78
CA PHE A 95 -7.90 1.94 -21.87
C PHE A 95 -8.99 2.75 -22.59
N SER A 96 -9.19 2.50 -23.91
CA SER A 96 -10.13 3.25 -24.76
C SER A 96 -9.90 4.78 -24.70
N LEU A 97 -8.66 5.19 -24.49
CA LEU A 97 -8.30 6.60 -24.51
C LEU A 97 -8.02 6.95 -25.97
N ASN A 98 -9.09 7.02 -26.77
CA ASN A 98 -9.02 7.24 -28.22
C ASN A 98 -10.45 7.50 -28.73
N TYR A 99 -10.60 7.77 -30.03
CA TYR A 99 -11.91 7.95 -30.69
C TYR A 99 -12.80 8.96 -29.95
N ASP A 100 -13.82 8.47 -29.22
CA ASP A 100 -14.76 9.32 -28.46
C ASP A 100 -14.09 10.03 -27.31
N CYS A 101 -12.99 9.43 -26.77
CA CYS A 101 -12.27 9.98 -25.62
C CYS A 101 -10.83 10.32 -26.00
N PRO A 102 -10.61 11.35 -26.84
CA PRO A 102 -9.24 11.64 -27.26
C PRO A 102 -8.46 12.38 -26.19
N GLY A 103 -7.16 12.43 -26.41
CA GLY A 103 -6.29 13.22 -25.57
C GLY A 103 -6.36 14.65 -26.05
N PHE A 104 -6.03 15.55 -25.16
CA PHE A 104 -5.95 16.98 -25.40
C PHE A 104 -5.07 17.52 -24.29
N PRO A 105 -4.43 18.70 -24.46
CA PRO A 105 -3.47 19.20 -23.45
C PRO A 105 -3.86 19.18 -21.97
N SER A 106 -5.13 19.32 -21.64
CA SER A 106 -5.59 19.36 -20.24
C SER A 106 -6.48 18.17 -19.84
N VAL A 107 -6.53 17.11 -20.67
CA VAL A 107 -7.35 15.91 -20.44
C VAL A 107 -7.36 15.36 -19.01
N PHE A 108 -6.20 15.25 -18.37
CA PHE A 108 -6.18 14.77 -16.99
C PHE A 108 -6.70 15.81 -16.00
N ASP A 109 -6.20 17.07 -16.06
CA ASP A 109 -6.65 18.16 -15.17
C ASP A 109 -8.15 18.35 -15.27
N TYR A 110 -8.69 18.35 -16.52
CA TYR A 110 -10.11 18.54 -16.86
C TYR A 110 -10.96 17.45 -16.22
N SER A 111 -10.60 16.17 -16.41
CA SER A 111 -11.41 15.09 -15.81
C SER A 111 -11.25 15.00 -14.28
N LEU A 112 -10.06 15.36 -13.77
CA LEU A 112 -9.79 15.40 -12.34
C LEU A 112 -10.61 16.48 -11.68
N ALA A 113 -10.77 17.62 -12.35
CA ALA A 113 -11.54 18.75 -11.82
C ALA A 113 -12.96 18.30 -11.43
N ALA A 114 -13.64 17.52 -12.31
CA ALA A 114 -15.01 17.04 -12.01
C ALA A 114 -15.01 16.18 -10.74
N VAL A 115 -13.97 15.33 -10.57
CA VAL A 115 -13.82 14.50 -9.37
C VAL A 115 -13.62 15.40 -8.13
N GLN A 116 -12.74 16.39 -8.24
CA GLN A 116 -12.47 17.35 -7.14
C GLN A 116 -13.77 18.06 -6.77
N GLY A 117 -14.56 18.40 -7.77
CA GLY A 117 -15.82 19.10 -7.51
C GLY A 117 -16.84 18.20 -6.83
N SER A 118 -17.04 17.01 -7.36
CA SER A 118 -18.05 16.06 -6.83
C SER A 118 -17.69 15.44 -5.49
N LEU A 119 -16.39 15.29 -5.18
CA LEU A 119 -15.96 14.84 -3.85
C LEU A 119 -16.18 15.95 -2.84
N ALA A 120 -15.86 17.21 -3.21
CA ALA A 120 -16.08 18.35 -2.29
C ALA A 120 -17.60 18.50 -2.01
N ALA A 121 -18.42 18.31 -3.05
CA ALA A 121 -19.88 18.36 -2.96
C ALA A 121 -20.37 17.26 -1.98
N ALA A 122 -19.82 16.03 -2.07
CA ALA A 122 -20.22 14.95 -1.13
C ALA A 122 -19.80 15.32 0.29
N SER A 123 -18.60 15.91 0.47
CA SER A 123 -18.10 16.27 1.79
C SER A 123 -18.97 17.33 2.46
N ALA A 124 -19.46 18.33 1.68
CA ALA A 124 -20.35 19.39 2.17
C ALA A 124 -21.67 18.81 2.64
N LEU A 125 -22.17 17.72 2.01
CA LEU A 125 -23.41 17.06 2.45
C LEU A 125 -23.15 16.27 3.73
N ILE A 126 -22.01 15.56 3.80
CA ILE A 126 -21.61 14.75 4.96
C ILE A 126 -21.47 15.58 6.25
N CYS A 127 -20.75 16.71 6.19
CA CYS A 127 -20.56 17.57 7.37
C CYS A 127 -21.84 18.38 7.71
N ARG A 128 -22.89 18.23 6.86
CA ARG A 128 -24.18 18.91 6.99
C ARG A 128 -24.11 20.42 6.81
N HIS A 129 -23.10 20.91 6.09
CA HIS A 129 -22.99 22.34 5.76
C HIS A 129 -24.06 22.69 4.71
N CYS A 130 -24.31 21.75 3.76
CA CYS A 130 -25.34 21.95 2.73
C CYS A 130 -26.38 20.83 2.76
N GLU A 131 -27.67 21.18 2.50
CA GLU A 131 -28.80 20.27 2.39
C GLU A 131 -28.71 19.63 1.01
N VAL A 132 -28.35 20.44 -0.01
CA VAL A 132 -28.21 20.03 -1.40
C VAL A 132 -26.94 20.71 -1.94
N VAL A 133 -26.25 20.02 -2.87
CA VAL A 133 -25.07 20.61 -3.54
C VAL A 133 -25.21 20.35 -5.03
N ILE A 134 -24.88 21.36 -5.83
CA ILE A 134 -24.94 21.26 -7.28
C ILE A 134 -23.54 21.31 -7.88
N ASN A 135 -23.25 20.40 -8.82
CA ASN A 135 -21.98 20.46 -9.51
C ASN A 135 -22.26 20.35 -10.99
N TRP A 136 -22.38 21.51 -11.69
CA TRP A 136 -22.62 21.54 -13.14
C TRP A 136 -21.38 21.19 -13.97
N GLY A 137 -20.24 21.00 -13.29
CA GLY A 137 -19.01 20.55 -13.93
C GLY A 137 -18.85 19.04 -13.84
N GLY A 138 -19.79 18.38 -13.14
CA GLY A 138 -19.75 16.94 -12.87
C GLY A 138 -20.83 16.13 -13.58
N GLY A 139 -20.89 14.83 -13.30
CA GLY A 139 -21.88 13.92 -13.87
C GLY A 139 -21.41 13.05 -15.02
N TRP A 140 -20.13 12.63 -14.99
CA TRP A 140 -19.48 11.82 -16.04
C TRP A 140 -19.68 10.31 -15.82
N HIS A 141 -20.93 9.92 -16.00
CA HIS A 141 -21.48 8.63 -15.71
C HIS A 141 -20.98 7.44 -16.54
N HIS A 142 -20.29 7.67 -17.67
CA HIS A 142 -19.88 6.53 -18.52
C HIS A 142 -18.52 5.93 -18.20
N ALA A 143 -17.65 6.68 -17.49
CA ALA A 143 -16.28 6.22 -17.16
C ALA A 143 -16.30 4.95 -16.32
N LYS A 144 -15.45 3.99 -16.70
CA LYS A 144 -15.37 2.71 -16.01
C LYS A 144 -14.04 2.63 -15.25
N ARG A 145 -13.87 1.62 -14.41
CA ARG A 145 -12.64 1.39 -13.64
C ARG A 145 -11.33 1.64 -14.44
N SER A 146 -11.19 1.00 -15.63
CA SER A 146 -9.99 1.14 -16.49
C SER A 146 -10.34 1.44 -17.94
N GLU A 147 -11.40 2.25 -18.15
CA GLU A 147 -11.83 2.55 -19.51
C GLU A 147 -12.56 3.89 -19.59
N ALA A 148 -12.13 4.73 -20.52
CA ALA A 148 -12.78 6.02 -20.80
C ALA A 148 -13.93 5.69 -21.73
N SER A 149 -15.05 6.39 -21.60
CA SER A 149 -16.23 6.09 -22.43
C SER A 149 -17.14 7.30 -22.53
N GLY A 150 -17.68 7.57 -23.73
CA GLY A 150 -18.61 8.68 -23.95
C GLY A 150 -18.13 10.03 -23.44
N PHE A 151 -16.85 10.35 -23.68
CA PHE A 151 -16.17 11.59 -23.22
C PHE A 151 -16.11 11.68 -21.68
N CYS A 152 -16.26 10.53 -21.01
CA CYS A 152 -16.11 10.45 -19.55
C CYS A 152 -14.81 9.72 -19.33
N TYR A 153 -13.86 10.39 -18.66
CA TYR A 153 -12.53 9.86 -18.39
C TYR A 153 -12.40 9.40 -16.95
N LEU A 154 -12.97 10.17 -16.00
CA LEU A 154 -12.95 9.81 -14.59
C LEU A 154 -14.39 9.83 -14.09
N ASN A 155 -14.79 8.77 -13.38
CA ASN A 155 -16.19 8.76 -12.93
C ASN A 155 -16.35 9.48 -11.58
N ASP A 156 -16.63 10.79 -11.64
CA ASP A 156 -16.81 11.64 -10.45
C ASP A 156 -18.00 11.20 -9.61
N ILE A 157 -19.05 10.63 -10.27
CA ILE A 157 -20.27 10.22 -9.58
C ILE A 157 -19.98 9.04 -8.65
N VAL A 158 -19.34 7.99 -9.20
CA VAL A 158 -19.00 6.78 -8.43
C VAL A 158 -18.16 7.17 -7.21
N LEU A 159 -17.14 8.03 -7.41
CA LEU A 159 -16.27 8.45 -6.32
C LEU A 159 -17.02 9.25 -5.24
N ALA A 160 -17.95 10.14 -5.68
CA ALA A 160 -18.78 10.91 -4.77
C ALA A 160 -19.68 9.92 -4.02
N ILE A 161 -20.31 8.96 -4.73
CA ILE A 161 -21.21 7.99 -4.07
C ILE A 161 -20.42 7.15 -3.09
N HIS A 162 -19.24 6.70 -3.50
CA HIS A 162 -18.34 5.92 -2.63
C HIS A 162 -18.00 6.71 -1.35
N ARG A 163 -17.74 8.02 -1.46
CA ARG A 163 -17.49 8.86 -0.28
C ARG A 163 -18.76 8.90 0.61
N LEU A 164 -19.94 9.00 -0.01
CA LEU A 164 -21.22 9.10 0.74
C LEU A 164 -21.54 7.80 1.50
N VAL A 165 -21.48 6.65 0.80
CA VAL A 165 -21.79 5.32 1.33
C VAL A 165 -20.91 4.91 2.48
N SER A 166 -19.64 5.36 2.49
CA SER A 166 -18.61 5.04 3.46
C SER A 166 -18.43 6.10 4.58
N SER A 167 -19.34 7.09 4.65
CA SER A 167 -19.27 8.19 5.62
C SER A 167 -19.64 7.83 7.07
N THR A 168 -20.31 6.68 7.26
CA THR A 168 -20.67 6.19 8.60
C THR A 168 -19.50 5.42 9.19
N GLN A 177 -26.86 2.28 8.73
CA GLN A 177 -26.35 1.88 7.41
C GLN A 177 -26.73 2.87 6.31
N THR A 178 -25.70 3.49 5.71
CA THR A 178 -25.88 4.47 4.65
C THR A 178 -26.32 3.79 3.34
N ARG A 179 -27.46 4.23 2.79
CA ARG A 179 -27.99 3.81 1.50
C ARG A 179 -28.04 5.05 0.63
N VAL A 180 -27.63 4.91 -0.62
CA VAL A 180 -27.64 6.02 -1.57
C VAL A 180 -28.55 5.61 -2.72
N LEU A 181 -29.39 6.55 -3.11
CA LEU A 181 -30.25 6.40 -4.27
C LEU A 181 -29.62 7.26 -5.37
N TYR A 182 -29.27 6.65 -6.48
CA TYR A 182 -28.70 7.36 -7.61
C TYR A 182 -29.76 7.35 -8.71
N VAL A 183 -30.14 8.55 -9.16
CA VAL A 183 -31.16 8.80 -10.19
C VAL A 183 -30.43 9.47 -11.36
N ASP A 184 -30.49 8.85 -12.54
CA ASP A 184 -29.77 9.29 -13.75
C ASP A 184 -30.80 9.72 -14.82
N LEU A 185 -30.95 11.04 -14.97
CA LEU A 185 -31.94 11.64 -15.89
C LEU A 185 -31.45 11.89 -17.33
N ASP A 186 -30.17 11.66 -17.56
CA ASP A 186 -29.53 11.82 -18.87
C ASP A 186 -30.20 10.95 -19.95
N LEU A 187 -30.12 11.40 -21.21
CA LEU A 187 -30.66 10.69 -22.38
C LEU A 187 -30.05 9.32 -22.47
N HIS A 188 -28.78 9.21 -22.06
CA HIS A 188 -28.01 7.98 -22.12
C HIS A 188 -28.05 7.20 -20.81
N HIS A 189 -27.96 5.88 -20.93
CA HIS A 189 -27.89 4.97 -19.78
C HIS A 189 -26.64 5.24 -18.97
N GLY A 190 -26.80 5.32 -17.66
CA GLY A 190 -25.69 5.55 -16.74
C GLY A 190 -25.02 4.22 -16.44
N ASP A 191 -24.34 3.64 -17.47
CA ASP A 191 -23.68 2.33 -17.36
C ASP A 191 -22.53 2.26 -16.37
N GLY A 192 -21.66 3.30 -16.35
CA GLY A 192 -20.48 3.35 -15.50
C GLY A 192 -20.83 3.29 -14.02
N VAL A 193 -21.84 4.06 -13.63
CA VAL A 193 -22.32 4.11 -12.22
C VAL A 193 -23.03 2.81 -11.84
N GLU A 194 -23.92 2.34 -12.71
CA GLU A 194 -24.61 1.06 -12.51
C GLU A 194 -23.62 -0.09 -12.39
N GLU A 195 -22.60 -0.14 -13.25
CA GLU A 195 -21.59 -1.20 -13.21
C GLU A 195 -20.81 -1.15 -11.90
N ALA A 196 -20.43 0.06 -11.43
CA ALA A 196 -19.64 0.20 -10.18
C ALA A 196 -20.36 -0.37 -8.96
N PHE A 197 -21.68 -0.20 -8.92
CA PHE A 197 -22.46 -0.63 -7.78
C PHE A 197 -23.35 -1.85 -8.04
N TRP A 198 -23.03 -2.61 -9.11
CA TRP A 198 -23.77 -3.81 -9.54
C TRP A 198 -23.92 -4.84 -8.42
N TYR A 199 -22.90 -5.00 -7.58
CA TYR A 199 -22.87 -6.00 -6.51
C TYR A 199 -23.14 -5.40 -5.12
N SER A 200 -23.53 -4.11 -5.08
CA SER A 200 -23.78 -3.41 -3.81
CA SER A 200 -23.77 -3.37 -3.83
C SER A 200 -25.26 -3.09 -3.60
N PRO A 201 -25.90 -3.65 -2.54
CA PRO A 201 -27.32 -3.31 -2.30
C PRO A 201 -27.52 -1.90 -1.70
N ARG A 202 -26.47 -1.32 -1.08
CA ARG A 202 -26.51 -0.02 -0.41
C ARG A 202 -26.56 1.17 -1.38
N VAL A 203 -26.23 0.93 -2.66
CA VAL A 203 -26.33 1.96 -3.67
C VAL A 203 -27.36 1.46 -4.66
N VAL A 204 -28.51 2.12 -4.72
CA VAL A 204 -29.54 1.76 -5.67
C VAL A 204 -29.46 2.70 -6.85
N THR A 205 -29.31 2.15 -8.06
CA THR A 205 -29.17 2.96 -9.25
C THR A 205 -30.45 2.88 -10.05
N PHE A 206 -30.87 4.01 -10.62
CA PHE A 206 -32.05 4.11 -11.46
C PHE A 206 -31.76 5.11 -12.55
N SER A 207 -31.78 4.61 -13.79
CA SER A 207 -31.51 5.39 -15.00
C SER A 207 -32.72 5.26 -15.89
N VAL A 208 -33.21 6.42 -16.32
CA VAL A 208 -34.23 6.57 -17.31
C VAL A 208 -33.46 7.10 -18.52
N HIS A 209 -33.70 6.51 -19.70
CA HIS A 209 -32.88 6.89 -20.85
C HIS A 209 -33.51 6.38 -22.11
N HIS A 210 -32.97 6.78 -23.25
CA HIS A 210 -33.37 6.18 -24.50
C HIS A 210 -32.49 4.96 -24.69
N ALA A 211 -33.07 3.92 -25.25
CA ALA A 211 -32.33 2.73 -25.66
C ALA A 211 -32.91 2.22 -26.99
N SER A 212 -32.04 1.90 -27.95
CA SER A 212 -32.45 1.36 -29.26
C SER A 212 -31.22 0.74 -29.91
N PRO A 213 -31.38 -0.20 -30.87
CA PRO A 213 -30.19 -0.84 -31.46
C PRO A 213 -29.17 0.12 -32.07
N GLY A 214 -27.93 -0.04 -31.64
CA GLY A 214 -26.78 0.77 -32.06
C GLY A 214 -26.67 2.10 -31.33
N PHE A 215 -27.60 2.40 -30.42
CA PHE A 215 -27.57 3.69 -29.71
C PHE A 215 -26.71 3.55 -28.47
N PHE A 216 -25.80 4.52 -28.28
CA PHE A 216 -24.85 4.53 -27.15
C PHE A 216 -25.49 4.53 -25.75
N PRO A 217 -24.93 3.84 -24.71
CA PRO A 217 -23.83 2.84 -24.72
C PRO A 217 -24.29 1.41 -25.07
N GLY A 218 -25.60 1.23 -25.26
CA GLY A 218 -26.19 -0.06 -25.61
C GLY A 218 -26.87 -0.84 -24.49
N THR A 219 -26.61 -0.45 -23.23
CA THR A 219 -27.14 -1.13 -22.03
C THR A 219 -28.42 -0.47 -21.48
N GLY A 220 -28.90 -0.97 -20.33
CA GLY A 220 -30.05 -0.44 -19.60
C GLY A 220 -31.33 -0.83 -20.27
N THR A 221 -31.30 -1.98 -20.96
CA THR A 221 -32.45 -2.50 -21.69
C THR A 221 -32.44 -4.01 -21.66
N TRP A 222 -33.41 -4.64 -22.36
CA TRP A 222 -33.56 -6.10 -22.46
C TRP A 222 -32.26 -6.68 -22.95
N ASN A 223 -31.86 -7.83 -22.38
CA ASN A 223 -30.59 -8.49 -22.64
C ASN A 223 -30.74 -9.74 -23.50
N ILE A 232 -34.77 -10.87 -21.16
CA ILE A 232 -34.91 -10.38 -19.78
C ILE A 232 -33.94 -9.24 -19.37
N PHE A 233 -34.30 -8.53 -18.30
CA PHE A 233 -33.54 -7.41 -17.74
C PHE A 233 -32.63 -7.84 -16.61
N LEU A 234 -31.33 -7.55 -16.74
CA LEU A 234 -30.36 -7.78 -15.66
C LEU A 234 -30.58 -6.61 -14.68
N ASN A 235 -30.39 -6.84 -13.39
CA ASN A 235 -30.71 -5.83 -12.38
C ASN A 235 -29.78 -5.83 -11.17
N GLY A 236 -28.55 -6.29 -11.36
CA GLY A 236 -27.60 -6.43 -10.27
C GLY A 236 -27.28 -7.89 -10.04
N ALA A 237 -26.24 -8.17 -9.25
CA ALA A 237 -25.81 -9.54 -9.00
C ALA A 237 -25.28 -9.69 -7.60
N GLY A 238 -25.26 -10.94 -7.12
CA GLY A 238 -24.80 -11.25 -5.77
C GLY A 238 -25.71 -10.56 -4.77
N ARG A 239 -25.11 -9.93 -3.75
CA ARG A 239 -25.91 -9.22 -2.74
C ARG A 239 -26.57 -7.95 -3.30
N GLY A 240 -26.12 -7.54 -4.49
CA GLY A 240 -26.65 -6.39 -5.20
C GLY A 240 -27.76 -6.72 -6.19
N ARG A 241 -28.25 -7.98 -6.18
CA ARG A 241 -29.33 -8.39 -7.08
C ARG A 241 -30.54 -7.50 -6.83
N PHE A 242 -31.21 -7.09 -7.91
CA PHE A 242 -32.41 -6.23 -7.93
C PHE A 242 -32.16 -4.77 -7.53
N SER A 243 -30.87 -4.39 -7.35
CA SER A 243 -30.49 -3.02 -6.92
C SER A 243 -30.22 -2.04 -8.07
N ALA A 244 -30.24 -2.52 -9.33
CA ALA A 244 -30.00 -1.67 -10.50
C ALA A 244 -31.29 -1.59 -11.33
N PHE A 245 -31.90 -0.40 -11.37
CA PHE A 245 -33.18 -0.16 -12.04
C PHE A 245 -32.95 0.63 -13.32
N ASN A 246 -33.79 0.36 -14.30
CA ASN A 246 -33.69 0.95 -15.62
C ASN A 246 -35.03 1.10 -16.25
N LEU A 247 -35.23 2.23 -16.89
CA LEU A 247 -36.46 2.50 -17.63
C LEU A 247 -36.06 2.98 -19.03
N PRO A 248 -35.96 2.09 -20.05
CA PRO A 248 -35.64 2.57 -21.41
C PRO A 248 -36.91 3.10 -22.07
N LEU A 249 -36.81 4.26 -22.68
CA LEU A 249 -37.97 4.88 -23.31
C LEU A 249 -37.78 5.09 -24.80
N GLU A 250 -38.91 5.04 -25.53
CA GLU A 250 -38.90 5.24 -26.97
C GLU A 250 -38.63 6.71 -27.29
N GLU A 251 -38.08 6.96 -28.48
CA GLU A 251 -37.79 8.28 -29.06
C GLU A 251 -39.08 9.10 -29.18
N GLY A 252 -38.94 10.41 -28.96
CA GLY A 252 -40.04 11.37 -29.09
C GLY A 252 -40.82 11.66 -27.84
N ILE A 253 -40.48 11.04 -26.68
CA ILE A 253 -41.22 11.26 -25.44
C ILE A 253 -41.23 12.74 -24.99
N ASN A 254 -42.40 13.23 -24.62
CA ASN A 254 -42.60 14.61 -24.18
C ASN A 254 -42.53 14.73 -22.65
N ASP A 255 -42.59 15.98 -22.11
CA ASP A 255 -42.51 16.25 -20.67
C ASP A 255 -43.49 15.43 -19.82
N LEU A 256 -44.77 15.53 -20.13
CA LEU A 256 -45.84 14.84 -19.41
C LEU A 256 -45.70 13.31 -19.41
N ASP A 257 -45.48 12.68 -20.57
CA ASP A 257 -45.33 11.23 -20.63
C ASP A 257 -44.08 10.74 -19.91
N TRP A 258 -42.99 11.50 -20.00
CA TRP A 258 -41.73 11.16 -19.32
C TRP A 258 -41.93 11.38 -17.80
N SER A 259 -42.66 12.45 -17.41
CA SER A 259 -42.98 12.76 -16.00
C SER A 259 -43.85 11.64 -15.39
N ASN A 260 -44.88 11.18 -16.13
CA ASN A 260 -45.75 10.09 -15.65
C ASN A 260 -45.02 8.74 -15.63
N ALA A 261 -44.04 8.54 -16.54
CA ALA A 261 -43.26 7.30 -16.61
C ALA A 261 -42.31 7.16 -15.41
N ILE A 262 -41.65 8.23 -15.00
CA ILE A 262 -40.68 8.20 -13.89
C ILE A 262 -41.23 8.48 -12.46
N GLY A 263 -42.26 9.32 -12.37
CA GLY A 263 -42.86 9.80 -11.13
C GLY A 263 -43.18 8.73 -10.09
N PRO A 264 -44.03 7.74 -10.44
CA PRO A 264 -44.32 6.65 -9.49
C PRO A 264 -43.10 5.80 -9.12
N ILE A 265 -42.12 5.67 -10.05
CA ILE A 265 -40.86 4.95 -9.79
C ILE A 265 -40.03 5.67 -8.72
N LEU A 266 -39.79 6.99 -8.90
CA LEU A 266 -39.04 7.82 -7.96
C LEU A 266 -39.65 7.73 -6.57
N ASP A 267 -40.97 7.95 -6.48
CA ASP A 267 -41.67 7.90 -5.21
C ASP A 267 -41.60 6.54 -4.52
N SER A 268 -41.71 5.45 -5.31
CA SER A 268 -41.68 4.10 -4.76
C SER A 268 -40.26 3.76 -4.28
N LEU A 269 -39.22 4.19 -5.02
CA LEU A 269 -37.82 3.97 -4.64
C LEU A 269 -37.53 4.64 -3.29
N ASN A 270 -37.96 5.91 -3.13
CA ASN A 270 -37.79 6.64 -1.87
C ASN A 270 -38.48 5.97 -0.66
N ILE A 271 -39.73 5.55 -0.81
CA ILE A 271 -40.51 4.88 0.27
C ILE A 271 -39.84 3.56 0.71
N VAL A 272 -39.49 2.70 -0.28
CA VAL A 272 -38.86 1.40 -0.01
C VAL A 272 -37.40 1.50 0.46
N ILE A 273 -36.55 2.24 -0.28
CA ILE A 273 -35.12 2.33 0.04
C ILE A 273 -34.82 3.20 1.25
N GLN A 274 -35.62 4.28 1.47
CA GLN A 274 -35.43 5.28 2.53
C GLN A 274 -33.97 5.75 2.44
N PRO A 275 -33.55 6.36 1.29
CA PRO A 275 -32.14 6.71 1.15
C PRO A 275 -31.64 7.73 2.16
N SER A 276 -30.34 7.61 2.53
CA SER A 276 -29.62 8.56 3.39
C SER A 276 -29.19 9.74 2.50
N TYR A 277 -28.92 9.47 1.21
CA TYR A 277 -28.55 10.48 0.21
C TYR A 277 -29.13 10.13 -1.12
N VAL A 278 -29.39 11.17 -1.93
CA VAL A 278 -29.80 11.02 -3.31
C VAL A 278 -28.74 11.76 -4.15
N VAL A 279 -28.33 11.14 -5.24
CA VAL A 279 -27.39 11.72 -6.18
C VAL A 279 -28.15 11.68 -7.49
N VAL A 280 -28.37 12.84 -8.08
CA VAL A 280 -29.13 12.98 -9.34
C VAL A 280 -28.20 13.41 -10.45
N GLN A 281 -28.16 12.67 -11.58
CA GLN A 281 -27.36 13.09 -12.74
C GLN A 281 -28.41 13.79 -13.61
N CYS A 282 -28.15 15.05 -14.00
CA CYS A 282 -29.12 15.86 -14.74
CA CYS A 282 -29.11 15.86 -14.74
C CYS A 282 -28.65 16.23 -16.15
N GLY A 283 -28.12 15.26 -16.88
CA GLY A 283 -27.68 15.51 -18.26
C GLY A 283 -28.83 16.12 -19.04
N ALA A 284 -28.55 17.20 -19.78
CA ALA A 284 -29.55 17.98 -20.51
C ALA A 284 -29.79 17.55 -21.95
N ASP A 285 -29.35 16.34 -22.32
CA ASP A 285 -29.50 15.85 -23.69
C ASP A 285 -30.89 15.33 -24.02
N CYS A 286 -31.81 15.35 -23.04
CA CYS A 286 -33.21 14.98 -23.31
C CYS A 286 -33.98 16.17 -23.85
N LEU A 287 -33.42 17.39 -23.79
CA LEU A 287 -34.13 18.58 -24.26
C LEU A 287 -34.48 18.43 -25.74
N ALA A 288 -35.68 18.87 -26.14
CA ALA A 288 -36.17 18.82 -27.54
C ALA A 288 -35.21 19.51 -28.52
N THR A 289 -34.42 20.46 -28.00
CA THR A 289 -33.49 21.26 -28.79
C THR A 289 -32.07 20.70 -28.77
N ASP A 290 -31.84 19.61 -28.03
CA ASP A 290 -30.51 19.01 -28.04
C ASP A 290 -30.26 18.46 -29.47
N PRO A 291 -29.03 18.56 -30.07
CA PRO A 291 -28.84 18.04 -31.45
C PRO A 291 -29.10 16.53 -31.63
N HIS A 292 -29.15 15.72 -30.54
CA HIS A 292 -29.51 14.29 -30.59
C HIS A 292 -30.90 14.18 -31.19
N ARG A 293 -31.81 15.11 -30.78
CA ARG A 293 -33.20 15.21 -31.21
C ARG A 293 -33.91 13.88 -31.01
N ILE A 294 -33.77 13.32 -29.81
CA ILE A 294 -34.39 12.05 -29.41
C ILE A 294 -35.62 12.27 -28.53
N PHE A 295 -35.44 12.90 -27.35
CA PHE A 295 -36.58 13.18 -26.47
C PHE A 295 -37.05 14.59 -26.73
N ARG A 296 -38.26 14.92 -26.23
CA ARG A 296 -38.85 16.25 -26.39
C ARG A 296 -39.08 16.93 -25.05
N LEU A 297 -38.12 16.82 -24.12
CA LEU A 297 -38.25 17.50 -22.83
C LEU A 297 -37.95 19.01 -22.98
N THR A 298 -38.49 19.84 -22.05
CA THR A 298 -38.24 21.28 -22.10
C THR A 298 -37.66 21.73 -20.76
N ASN A 299 -37.49 23.03 -20.58
CA ASN A 299 -37.09 23.63 -19.30
C ASN A 299 -38.32 24.49 -18.88
N PHE A 300 -39.50 24.25 -19.46
CA PHE A 300 -40.70 25.05 -19.16
C PHE A 300 -41.13 24.91 -17.71
N TYR A 301 -41.48 26.04 -17.08
CA TYR A 301 -41.94 26.08 -15.70
C TYR A 301 -43.19 26.96 -15.67
N PRO A 302 -44.37 26.42 -16.10
CA PRO A 302 -45.58 27.26 -16.16
C PRO A 302 -46.08 27.83 -14.83
N SER A 315 -46.78 22.83 -20.73
CA SER A 315 -46.25 21.63 -20.08
C SER A 315 -45.13 21.99 -19.10
N LEU A 316 -44.99 21.20 -18.02
CA LEU A 316 -43.94 21.39 -17.00
C LEU A 316 -42.75 20.49 -17.37
N SER A 317 -41.55 21.07 -17.44
CA SER A 317 -40.32 20.35 -17.75
C SER A 317 -40.24 19.04 -16.96
N GLY A 318 -39.90 17.94 -17.65
CA GLY A 318 -39.74 16.64 -17.01
C GLY A 318 -38.67 16.70 -15.94
N TYR A 319 -37.59 17.45 -16.24
CA TYR A 319 -36.45 17.67 -15.34
C TYR A 319 -36.88 18.36 -14.05
N LEU A 320 -37.63 19.46 -14.18
CA LEU A 320 -38.12 20.24 -13.04
C LEU A 320 -39.13 19.44 -12.21
N TYR A 321 -40.02 18.68 -12.85
CA TYR A 321 -40.96 17.78 -12.15
C TYR A 321 -40.15 16.77 -11.28
N ALA A 322 -39.15 16.09 -11.92
CA ALA A 322 -38.32 15.07 -11.25
C ALA A 322 -37.48 15.68 -10.14
N ILE A 323 -36.83 16.81 -10.42
CA ILE A 323 -36.02 17.49 -9.40
C ILE A 323 -36.91 17.93 -8.21
N LYS A 324 -38.05 18.60 -8.48
CA LYS A 324 -39.00 19.04 -7.44
C LYS A 324 -39.46 17.84 -6.59
N LYS A 325 -39.82 16.71 -7.25
CA LYS A 325 -40.25 15.49 -6.57
C LYS A 325 -39.12 14.96 -5.62
N ILE A 326 -37.87 14.84 -6.12
CA ILE A 326 -36.74 14.33 -5.31
C ILE A 326 -36.49 15.23 -4.08
N LEU A 327 -36.52 16.54 -4.28
CA LEU A 327 -36.28 17.52 -3.21
C LEU A 327 -37.41 17.56 -2.17
N SER A 328 -38.63 17.13 -2.55
CA SER A 328 -39.79 17.08 -1.62
C SER A 328 -39.56 16.02 -0.52
N TRP A 329 -38.63 15.09 -0.76
CA TRP A 329 -38.29 14.01 0.18
C TRP A 329 -37.46 14.50 1.37
N LYS A 330 -36.82 15.66 1.21
CA LYS A 330 -35.98 16.33 2.22
C LYS A 330 -34.77 15.48 2.59
N VAL A 331 -34.20 14.80 1.59
CA VAL A 331 -33.03 13.94 1.81
C VAL A 331 -31.79 14.68 1.24
N PRO A 332 -30.62 14.73 1.95
CA PRO A 332 -29.46 15.44 1.40
C PRO A 332 -29.16 14.98 -0.03
N THR A 333 -29.11 15.94 -0.96
CA THR A 333 -29.01 15.59 -2.36
C THR A 333 -27.81 16.18 -3.10
N LEU A 334 -27.27 15.41 -4.02
CA LEU A 334 -26.18 15.90 -4.85
C LEU A 334 -26.74 16.00 -6.28
N ILE A 335 -26.75 17.23 -6.86
CA ILE A 335 -27.23 17.43 -8.22
C ILE A 335 -26.04 17.69 -9.13
N LEU A 336 -25.89 16.85 -10.14
CA LEU A 336 -24.78 16.91 -11.11
C LEU A 336 -25.22 17.15 -12.54
N GLY A 337 -24.30 17.65 -13.39
CA GLY A 337 -24.56 17.87 -14.80
C GLY A 337 -24.49 16.59 -15.61
N GLY A 338 -23.93 16.69 -16.80
CA GLY A 338 -23.77 15.54 -17.66
C GLY A 338 -23.82 15.98 -19.08
N GLY A 339 -24.61 15.26 -19.88
CA GLY A 339 -24.73 15.51 -21.31
C GLY A 339 -25.42 16.83 -21.60
N GLY A 340 -25.35 17.24 -22.85
CA GLY A 340 -25.97 18.47 -23.32
C GLY A 340 -25.05 19.17 -24.28
N TYR A 341 -25.31 19.02 -25.59
CA TYR A 341 -24.51 19.64 -26.65
C TYR A 341 -24.99 21.04 -27.02
N ASN A 342 -26.26 21.35 -26.76
CA ASN A 342 -26.80 22.68 -27.05
C ASN A 342 -26.46 23.48 -25.78
N PHE A 343 -25.31 24.19 -25.78
CA PHE A 343 -24.81 24.91 -24.58
C PHE A 343 -25.75 25.96 -23.99
N PRO A 344 -26.33 26.89 -24.81
CA PRO A 344 -27.23 27.90 -24.21
C PRO A 344 -28.49 27.26 -23.63
N ASP A 345 -29.04 26.21 -24.29
CA ASP A 345 -30.23 25.50 -23.80
C ASP A 345 -29.97 24.64 -22.56
N THR A 346 -28.76 24.05 -22.45
CA THR A 346 -28.32 23.35 -21.25
C THR A 346 -28.26 24.44 -20.10
N ALA A 347 -27.70 25.62 -20.36
CA ALA A 347 -27.61 26.75 -19.39
C ALA A 347 -29.00 27.18 -18.93
N ARG A 348 -29.97 27.29 -19.87
CA ARG A 348 -31.36 27.69 -19.61
C ARG A 348 -32.03 26.67 -18.66
N LEU A 349 -31.81 25.37 -18.92
CA LEU A 349 -32.37 24.33 -18.08
C LEU A 349 -31.70 24.32 -16.69
N TRP A 350 -30.36 24.31 -16.64
CA TRP A 350 -29.66 24.23 -15.36
C TRP A 350 -29.82 25.46 -14.48
N THR A 351 -30.08 26.63 -15.07
CA THR A 351 -30.40 27.87 -14.33
C THR A 351 -31.75 27.69 -13.64
N ARG A 352 -32.71 27.06 -14.33
CA ARG A 352 -34.01 26.79 -13.72
C ARG A 352 -33.93 25.71 -12.67
N VAL A 353 -33.12 24.64 -12.91
CA VAL A 353 -32.95 23.61 -11.90
C VAL A 353 -32.36 24.26 -10.62
N THR A 354 -31.40 25.19 -10.81
CA THR A 354 -30.71 25.87 -9.71
C THR A 354 -31.66 26.68 -8.86
N ALA A 355 -32.53 27.49 -9.51
CA ALA A 355 -33.55 28.34 -8.88
C ALA A 355 -34.60 27.48 -8.17
N LEU A 356 -35.00 26.34 -8.79
CA LEU A 356 -35.95 25.40 -8.20
C LEU A 356 -35.39 24.82 -6.88
N THR A 357 -34.09 24.48 -6.87
CA THR A 357 -33.42 23.93 -5.69
C THR A 357 -33.40 24.99 -4.56
N ILE A 358 -33.06 26.24 -4.88
CA ILE A 358 -33.07 27.31 -3.87
C ILE A 358 -34.49 27.41 -3.26
N GLU A 359 -35.53 27.50 -4.10
CA GLU A 359 -36.93 27.57 -3.68
C GLU A 359 -37.32 26.41 -2.75
N GLU A 360 -37.09 25.17 -3.20
CA GLU A 360 -37.41 23.95 -2.46
C GLU A 360 -36.67 23.79 -1.12
N VAL A 361 -35.40 24.20 -1.06
CA VAL A 361 -34.61 24.11 0.17
C VAL A 361 -34.86 25.29 1.13
N LYS A 362 -34.70 26.52 0.65
CA LYS A 362 -34.85 27.72 1.45
C LYS A 362 -36.31 28.13 1.72
N GLY A 363 -37.24 27.75 0.83
CA GLY A 363 -38.65 28.15 0.97
C GLY A 363 -38.85 29.61 0.60
N LYS A 364 -37.89 30.15 -0.17
CA LYS A 364 -37.80 31.53 -0.66
C LYS A 364 -38.17 31.52 -2.13
N LYS A 365 -39.15 32.34 -2.54
CA LYS A 365 -39.54 32.42 -3.94
C LYS A 365 -38.40 32.98 -4.80
N MET A 366 -38.11 32.33 -5.91
CA MET A 366 -37.09 32.76 -6.87
C MET A 366 -37.84 33.16 -8.13
N THR A 367 -37.77 34.44 -8.46
CA THR A 367 -38.45 34.96 -9.63
C THR A 367 -37.41 35.18 -10.71
N ILE A 368 -37.53 34.42 -11.78
CA ILE A 368 -36.64 34.48 -12.93
C ILE A 368 -37.40 35.17 -14.10
N SER A 369 -36.84 36.29 -14.61
CA SER A 369 -37.43 37.00 -15.75
C SER A 369 -37.43 36.08 -16.99
N PRO A 370 -38.55 35.99 -17.76
CA PRO A 370 -38.55 35.15 -18.96
C PRO A 370 -37.55 35.59 -20.03
N GLU A 371 -37.02 36.84 -19.94
CA GLU A 371 -36.01 37.37 -20.87
C GLU A 371 -34.63 37.14 -20.27
N ILE A 372 -33.67 36.77 -21.13
CA ILE A 372 -32.27 36.55 -20.72
C ILE A 372 -31.68 37.90 -20.25
N PRO A 373 -31.11 37.99 -19.03
CA PRO A 373 -30.53 39.28 -18.61
C PRO A 373 -29.20 39.52 -19.30
N GLU A 374 -28.83 40.79 -19.42
CA GLU A 374 -27.55 41.18 -20.03
C GLU A 374 -26.42 40.62 -19.20
N HIS A 375 -25.41 40.06 -19.88
CA HIS A 375 -24.19 39.44 -19.35
C HIS A 375 -23.24 39.14 -20.51
N SER A 376 -21.97 38.80 -20.22
CA SER A 376 -20.95 38.54 -21.25
C SER A 376 -21.37 37.55 -22.35
N TYR A 377 -22.22 36.54 -22.01
CA TYR A 377 -22.68 35.54 -22.98
C TYR A 377 -24.07 35.80 -23.58
N PHE A 378 -24.66 36.98 -23.33
CA PHE A 378 -25.98 37.36 -23.86
C PHE A 378 -26.22 37.01 -25.33
N SER A 379 -25.24 37.32 -26.22
CA SER A 379 -25.33 37.09 -27.66
C SER A 379 -25.55 35.62 -28.06
N ARG A 380 -25.13 34.67 -27.20
CA ARG A 380 -25.26 33.21 -27.44
C ARG A 380 -26.71 32.70 -27.32
N TYR A 381 -27.59 33.53 -26.76
CA TYR A 381 -29.00 33.18 -26.53
C TYR A 381 -29.97 33.62 -27.64
N GLY A 382 -29.44 34.30 -28.67
CA GLY A 382 -30.21 34.79 -29.81
C GLY A 382 -30.86 33.72 -30.66
N PRO A 383 -31.82 34.09 -31.57
CA PRO A 383 -32.30 35.44 -31.89
C PRO A 383 -33.45 35.96 -31.03
N ASP A 384 -34.02 35.13 -30.14
CA ASP A 384 -35.13 35.56 -29.26
C ASP A 384 -34.74 36.00 -27.83
N PHE A 385 -33.61 35.49 -27.28
CA PHE A 385 -33.10 35.84 -25.95
C PHE A 385 -34.10 35.62 -24.79
N GLU A 386 -34.81 34.48 -24.84
CA GLU A 386 -35.79 34.08 -23.83
C GLU A 386 -35.22 32.92 -23.02
N LEU A 387 -35.70 32.72 -21.77
CA LEU A 387 -35.23 31.63 -20.91
C LEU A 387 -35.81 30.29 -21.32
N ASP A 388 -37.07 30.28 -21.79
CA ASP A 388 -37.71 29.06 -22.29
C ASP A 388 -36.97 28.66 -23.55
N ILE A 389 -36.71 27.37 -23.74
CA ILE A 389 -36.07 26.88 -24.96
C ILE A 389 -36.99 27.16 -26.17
N ASP A 390 -36.41 27.27 -27.36
CA ASP A 390 -37.13 27.60 -28.60
C ASP A 390 -37.82 26.35 -29.17
N TYR A 391 -38.96 25.95 -28.56
CA TYR A 391 -39.66 24.73 -28.98
C TYR A 391 -41.17 24.78 -28.76
N PHE A 392 -41.94 24.31 -29.75
CA PHE A 392 -43.39 24.25 -29.69
C PHE A 392 -43.91 22.81 -29.75
N PRO A 393 -44.50 22.29 -28.65
CA PRO A 393 -45.01 20.92 -28.67
C PRO A 393 -46.38 20.81 -29.33
N ASP A 402 -48.91 1.25 -23.12
CA ASP A 402 -48.82 -0.16 -22.74
C ASP A 402 -47.41 -0.58 -22.35
N SER A 403 -46.39 -0.10 -23.07
CA SER A 403 -44.98 -0.38 -22.83
C SER A 403 -44.57 0.13 -21.43
N ILE A 404 -44.97 1.39 -21.08
CA ILE A 404 -44.66 2.00 -19.79
C ILE A 404 -45.33 1.28 -18.60
N GLN A 405 -46.57 0.79 -18.80
CA GLN A 405 -47.32 0.04 -17.81
C GLN A 405 -46.62 -1.30 -17.57
N LYS A 406 -46.15 -1.97 -18.65
CA LYS A 406 -45.40 -3.23 -18.61
C LYS A 406 -44.06 -3.05 -17.83
N HIS A 407 -43.34 -1.92 -18.06
CA HIS A 407 -42.10 -1.59 -17.34
C HIS A 407 -42.43 -1.27 -15.88
N HIS A 408 -43.56 -0.57 -15.62
CA HIS A 408 -43.99 -0.22 -14.26
C HIS A 408 -44.24 -1.48 -13.43
N ARG A 409 -44.91 -2.50 -14.04
CA ARG A 409 -45.17 -3.80 -13.39
C ARG A 409 -43.84 -4.54 -13.13
N ARG A 410 -42.92 -4.53 -14.12
CA ARG A 410 -41.60 -5.16 -14.00
C ARG A 410 -40.80 -4.52 -12.85
N ILE A 411 -40.78 -3.17 -12.79
CA ILE A 411 -40.05 -2.39 -11.79
C ILE A 411 -40.60 -2.58 -10.39
N LEU A 412 -41.94 -2.63 -10.28
CA LEU A 412 -42.63 -2.87 -9.00
C LEU A 412 -42.25 -4.22 -8.41
N GLU A 413 -42.18 -5.28 -9.27
CA GLU A 413 -41.77 -6.65 -8.91
C GLU A 413 -40.31 -6.66 -8.44
N GLN A 414 -39.44 -5.92 -9.17
CA GLN A 414 -38.02 -5.81 -8.85
C GLN A 414 -37.85 -5.11 -7.50
N LEU A 415 -38.67 -4.08 -7.23
CA LEU A 415 -38.59 -3.32 -5.98
C LEU A 415 -39.00 -4.21 -4.80
N ARG A 416 -40.05 -5.04 -4.99
CA ARG A 416 -40.53 -6.01 -4.02
C ARG A 416 -39.40 -7.03 -3.74
N ASN A 417 -38.78 -7.55 -4.81
CA ASN A 417 -37.66 -8.50 -4.78
C ASN A 417 -36.46 -7.90 -4.04
N TYR A 418 -36.09 -6.65 -4.35
CA TYR A 418 -35.00 -5.95 -3.67
C TYR A 418 -35.31 -5.82 -2.15
N ALA A 419 -36.53 -5.38 -1.83
CA ALA A 419 -37.00 -5.23 -0.47
C ALA A 419 -36.98 -6.57 0.32
N ASP A 420 -37.38 -7.71 -0.33
CA ASP A 420 -37.37 -9.04 0.29
C ASP A 420 -35.92 -9.52 0.56
N LEU A 421 -35.03 -9.35 -0.43
CA LEU A 421 -33.64 -9.75 -0.30
C LEU A 421 -32.94 -8.94 0.80
N ASN A 422 -33.25 -7.65 0.88
CA ASN A 422 -32.63 -6.73 1.83
C ASN A 422 -33.32 -6.57 3.18
N LYS A 423 -34.40 -7.37 3.43
CA LYS A 423 -35.20 -7.39 4.66
C LYS A 423 -35.65 -5.99 5.10
N LEU A 424 -36.19 -5.22 4.15
CA LEU A 424 -36.71 -3.88 4.39
C LEU A 424 -38.22 -3.93 4.64
N ILE A 425 -38.70 -3.16 5.64
CA ILE A 425 -40.12 -3.10 6.01
C ILE A 425 -40.80 -2.07 5.11
N TYR A 426 -41.78 -2.52 4.32
CA TYR A 426 -42.52 -1.67 3.38
C TYR A 426 -43.98 -2.08 3.28
N ASP A 427 -44.85 -1.15 2.87
CA ASP A 427 -46.26 -1.42 2.66
C ASP A 427 -46.52 -1.50 1.16
N TYR A 428 -46.80 -2.72 0.66
CA TYR A 428 -47.06 -3.00 -0.76
C TYR A 428 -48.18 -2.15 -1.36
N ASP A 429 -49.30 -1.96 -0.61
CA ASP A 429 -50.46 -1.16 -1.05
C ASP A 429 -50.17 0.33 -1.19
N GLN A 430 -49.32 0.89 -0.29
CA GLN A 430 -48.88 2.30 -0.33
C GLN A 430 -48.04 2.52 -1.61
N VAL A 431 -47.26 1.49 -2.01
CA VAL A 431 -46.40 1.50 -3.19
C VAL A 431 -47.20 1.22 -4.49
N TYR A 432 -48.10 0.21 -4.46
CA TYR A 432 -48.97 -0.21 -5.58
C TYR A 432 -49.82 0.97 -6.08
N GLN A 433 -50.45 1.73 -5.15
CA GLN A 433 -51.31 2.87 -5.42
C GLN A 433 -50.64 4.08 -6.10
N LEU A 434 -49.29 4.20 -6.06
CA LEU A 434 -48.55 5.28 -6.72
C LEU A 434 -48.65 5.16 -8.24
N TYR A 435 -48.67 3.92 -8.75
CA TYR A 435 -48.78 3.58 -10.17
C TYR A 435 -50.26 3.56 -10.56
N SER B 2 22.32 44.97 12.50
CA SER B 2 21.34 44.42 13.40
C SER B 2 20.49 43.36 12.71
N VAL B 3 20.35 42.17 13.33
CA VAL B 3 19.42 41.15 12.81
C VAL B 3 18.20 41.27 13.73
N GLY B 4 17.06 41.59 13.14
CA GLY B 4 15.84 41.71 13.89
C GLY B 4 15.04 40.44 13.90
N ILE B 5 14.21 40.29 14.92
CA ILE B 5 13.30 39.15 15.02
C ILE B 5 12.03 39.66 15.66
N VAL B 6 10.90 39.39 15.04
CA VAL B 6 9.61 39.79 15.55
C VAL B 6 9.18 38.90 16.70
N TYR B 7 8.95 39.51 17.89
CA TYR B 7 8.45 38.78 19.05
C TYR B 7 7.82 39.75 20.03
N GLY B 8 6.97 39.21 20.89
CA GLY B 8 6.31 39.90 21.98
C GLY B 8 5.48 38.89 22.74
N ASP B 9 5.10 39.19 23.99
CA ASP B 9 4.30 38.26 24.79
C ASP B 9 2.90 38.04 24.16
N GLN B 10 2.20 39.11 23.84
CA GLN B 10 0.85 39.06 23.25
C GLN B 10 0.91 38.40 21.87
N TYR B 11 1.93 38.74 21.11
CA TYR B 11 2.19 38.22 19.77
C TYR B 11 2.33 36.70 19.81
N ARG B 12 3.13 36.20 20.73
CA ARG B 12 3.31 34.77 20.91
C ARG B 12 1.95 34.11 21.25
N GLN B 13 1.16 34.70 22.19
CA GLN B 13 -0.18 34.15 22.54
C GLN B 13 -1.09 34.09 21.30
N LEU B 14 -1.12 35.15 20.47
CA LEU B 14 -1.94 35.19 19.26
C LEU B 14 -1.46 34.25 18.15
N CYS B 15 -0.12 34.17 17.90
CA CYS B 15 0.41 33.25 16.88
C CYS B 15 0.15 31.80 17.25
N CYS B 16 -0.07 31.54 18.56
CA CYS B 16 -0.33 30.22 19.11
C CYS B 16 -1.80 29.94 19.35
N SER B 17 -2.71 30.79 18.87
CA SER B 17 -4.13 30.62 19.15
C SER B 17 -4.95 29.94 18.05
N SER B 18 -4.31 29.51 16.96
CA SER B 18 -5.06 28.86 15.89
C SER B 18 -5.21 27.34 16.06
N PRO B 19 -6.29 26.72 15.52
CA PRO B 19 -6.43 25.26 15.61
C PRO B 19 -5.48 24.49 14.69
N LYS B 20 -5.08 25.08 13.55
CA LYS B 20 -4.18 24.43 12.59
C LYS B 20 -2.71 24.48 13.02
N PHE B 21 -2.19 25.64 13.40
CA PHE B 21 -0.78 25.78 13.74
C PHE B 21 -0.44 25.61 15.21
N GLY B 22 -1.45 25.45 16.04
CA GLY B 22 -1.31 25.25 17.49
C GLY B 22 -0.20 26.11 18.07
N ASP B 23 0.71 25.48 18.81
CA ASP B 23 1.82 26.16 19.49
C ASP B 23 3.14 26.18 18.69
N ARG B 24 3.13 25.97 17.37
CA ARG B 24 4.38 25.91 16.55
C ARG B 24 5.29 27.12 16.76
N TYR B 25 4.71 28.33 16.76
CA TYR B 25 5.48 29.59 16.90
C TYR B 25 6.24 29.59 18.22
N ALA B 26 5.59 29.07 19.32
CA ALA B 26 6.20 28.95 20.64
C ALA B 26 7.36 27.97 20.60
N LEU B 27 7.20 26.79 19.93
CA LEU B 27 8.35 25.87 19.84
C LEU B 27 9.55 26.52 19.11
N VAL B 28 9.23 27.22 18.01
CA VAL B 28 10.22 27.93 17.17
C VAL B 28 10.99 28.94 17.99
N MET B 29 10.28 29.89 18.59
CA MET B 29 10.88 30.96 19.38
C MET B 29 11.61 30.42 20.63
N ASP B 30 11.03 29.40 21.28
CA ASP B 30 11.67 28.81 22.47
C ASP B 30 12.92 28.02 22.12
N LEU B 31 12.96 27.37 20.94
CA LEU B 31 14.19 26.65 20.51
C LEU B 31 15.28 27.64 20.19
N ILE B 32 14.92 28.72 19.51
CA ILE B 32 15.89 29.79 19.19
C ILE B 32 16.40 30.35 20.52
N ASN B 33 15.48 30.51 21.51
CA ASN B 33 15.85 31.00 22.84
C ASN B 33 16.75 29.99 23.59
N ALA B 34 16.43 28.68 23.53
CA ALA B 34 17.20 27.63 24.20
C ALA B 34 18.61 27.54 23.67
N TYR B 35 18.81 27.84 22.39
CA TYR B 35 20.14 27.82 21.77
C TYR B 35 20.89 29.15 22.00
N LYS B 36 20.35 30.02 22.88
CA LYS B 36 20.92 31.31 23.32
C LYS B 36 21.13 32.28 22.15
N LEU B 37 20.21 32.25 21.19
CA LEU B 37 20.30 33.12 20.00
C LEU B 37 19.63 34.47 20.21
N ILE B 38 18.63 34.52 21.10
CA ILE B 38 17.85 35.73 21.43
C ILE B 38 18.71 36.97 21.78
N PRO B 39 19.76 36.88 22.64
CA PRO B 39 20.57 38.09 22.93
C PRO B 39 21.37 38.58 21.71
N GLU B 40 21.47 37.77 20.63
CA GLU B 40 22.16 38.21 19.41
C GLU B 40 21.27 39.07 18.54
N LEU B 41 19.96 38.94 18.77
CA LEU B 41 18.94 39.54 17.93
C LEU B 41 18.31 40.75 18.52
N SER B 42 17.87 41.69 17.65
CA SER B 42 17.17 42.89 18.09
C SER B 42 15.67 42.54 18.01
N ARG B 43 14.94 42.65 19.14
CA ARG B 43 13.50 42.34 19.11
C ARG B 43 12.76 43.39 18.28
N VAL B 44 11.96 42.95 17.30
CA VAL B 44 11.18 43.89 16.51
C VAL B 44 9.73 43.81 17.01
N PRO B 45 9.22 44.83 17.71
CA PRO B 45 7.85 44.73 18.24
C PRO B 45 6.78 44.81 17.15
N PRO B 46 5.72 43.98 17.23
CA PRO B 46 4.63 44.09 16.23
C PRO B 46 4.04 45.50 16.18
N LEU B 47 3.60 45.88 15.01
CA LEU B 47 3.04 47.20 14.81
C LEU B 47 1.65 47.27 15.46
N GLN B 48 1.39 48.39 16.17
CA GLN B 48 0.08 48.66 16.76
C GLN B 48 -0.35 49.99 16.23
N TRP B 49 -1.65 50.20 16.10
CA TRP B 49 -2.18 51.46 15.56
C TRP B 49 -2.81 52.39 16.63
N ASP B 50 -2.97 53.67 16.28
CA ASP B 50 -3.54 54.74 17.09
C ASP B 50 -5.06 54.67 17.13
N SER B 51 -5.66 53.91 16.19
CA SER B 51 -7.11 53.78 16.10
C SER B 51 -7.53 52.60 15.24
N PRO B 52 -8.81 52.11 15.39
CA PRO B 52 -9.32 51.05 14.49
C PRO B 52 -9.36 51.50 13.03
N SER B 53 -9.61 52.81 12.72
CA SER B 53 -9.61 53.30 11.33
C SER B 53 -8.19 53.24 10.76
N ARG B 54 -7.14 53.51 11.57
CA ARG B 54 -5.74 53.34 11.09
C ARG B 54 -5.41 51.87 10.82
N MET B 55 -5.91 50.96 11.66
CA MET B 55 -5.68 49.51 11.45
C MET B 55 -6.37 49.09 10.14
N TYR B 56 -7.62 49.49 9.99
CA TYR B 56 -8.43 49.18 8.83
C TYR B 56 -7.80 49.74 7.55
N GLU B 57 -7.33 51.00 7.56
CA GLU B 57 -6.62 51.59 6.42
C GLU B 57 -5.41 50.75 6.01
N ALA B 58 -4.61 50.30 7.02
CA ALA B 58 -3.43 49.49 6.78
C ALA B 58 -3.75 48.15 6.13
N VAL B 59 -4.78 47.40 6.65
CA VAL B 59 -5.14 46.10 6.08
C VAL B 59 -5.81 46.27 4.70
N THR B 60 -6.55 47.38 4.51
CA THR B 60 -7.20 47.65 3.23
C THR B 60 -6.32 48.23 2.15
N ALA B 61 -4.98 48.27 2.40
CA ALA B 61 -4.03 48.66 1.35
C ALA B 61 -4.03 47.51 0.33
N PHE B 62 -4.38 46.28 0.79
CA PHE B 62 -4.56 45.13 -0.11
C PHE B 62 -5.98 44.52 -0.06
N HIS B 63 -6.46 44.15 1.14
CA HIS B 63 -7.73 43.44 1.28
C HIS B 63 -8.91 44.31 1.12
N SER B 64 -10.01 43.77 0.60
CA SER B 64 -11.22 44.57 0.41
C SER B 64 -11.87 44.86 1.74
N THR B 65 -12.60 45.97 1.81
CA THR B 65 -13.32 46.39 3.00
C THR B 65 -14.34 45.30 3.39
N GLU B 66 -15.08 44.73 2.41
CA GLU B 66 -16.08 43.69 2.70
C GLU B 66 -15.46 42.42 3.29
N TYR B 67 -14.29 42.02 2.75
CA TYR B 67 -13.58 40.84 3.24
C TYR B 67 -13.09 41.07 4.66
N VAL B 68 -12.46 42.23 4.91
CA VAL B 68 -11.97 42.59 6.26
C VAL B 68 -13.18 42.64 7.22
N ASP B 69 -14.31 43.23 6.78
CA ASP B 69 -15.54 43.26 7.59
C ASP B 69 -16.03 41.84 7.98
N ALA B 70 -16.10 40.91 6.98
CA ALA B 70 -16.53 39.53 7.20
C ALA B 70 -15.61 38.79 8.17
N LEU B 71 -14.28 38.99 8.06
CA LEU B 71 -13.33 38.35 8.95
C LEU B 71 -13.51 38.79 10.40
N LYS B 72 -13.73 40.10 10.62
CA LYS B 72 -13.96 40.69 11.93
C LYS B 72 -15.28 40.12 12.50
N LYS B 73 -16.29 39.96 11.61
CA LYS B 73 -17.61 39.42 12.01
C LYS B 73 -17.45 37.94 12.37
N LEU B 74 -16.63 37.20 11.61
CA LEU B 74 -16.38 35.78 11.86
C LEU B 74 -15.82 35.57 13.29
N GLN B 75 -14.86 36.42 13.70
CA GLN B 75 -14.28 36.36 15.04
C GLN B 75 -15.39 36.63 16.09
N MET B 76 -16.16 37.71 15.88
CA MET B 76 -17.25 38.10 16.80
C MET B 76 -18.25 36.94 16.91
N LEU B 77 -18.58 36.27 15.78
CA LEU B 77 -19.51 35.12 15.79
C LEU B 77 -18.95 33.93 16.56
N HIS B 78 -17.66 33.63 16.38
CA HIS B 78 -17.06 32.51 17.11
C HIS B 78 -16.83 32.79 18.60
N CYS B 79 -16.99 34.05 19.03
CA CYS B 79 -16.90 34.49 20.43
C CYS B 79 -18.25 34.52 21.15
N GLU B 80 -19.27 33.88 20.56
CA GLU B 80 -20.61 33.75 21.16
C GLU B 80 -21.15 32.33 21.04
N LEU B 84 -24.53 30.38 13.87
CA LEU B 84 -24.62 31.33 12.76
C LEU B 84 -25.97 31.27 12.08
N THR B 85 -26.49 32.42 11.60
CA THR B 85 -27.76 32.44 10.84
C THR B 85 -27.42 31.95 9.42
N ALA B 86 -28.44 31.59 8.63
CA ALA B 86 -28.26 31.17 7.24
C ALA B 86 -27.60 32.28 6.40
N ASP B 87 -27.95 33.57 6.64
CA ASP B 87 -27.30 34.68 5.93
C ASP B 87 -25.83 34.84 6.35
N ASP B 88 -25.50 34.64 7.65
CA ASP B 88 -24.10 34.72 8.13
C ASP B 88 -23.27 33.60 7.52
N GLU B 89 -23.83 32.36 7.46
CA GLU B 89 -23.12 31.23 6.83
C GLU B 89 -22.84 31.54 5.34
N LEU B 90 -23.84 32.08 4.61
CA LEU B 90 -23.66 32.47 3.20
C LEU B 90 -22.58 33.55 3.04
N LEU B 91 -22.58 34.58 3.91
CA LEU B 91 -21.60 35.66 3.87
C LEU B 91 -20.17 35.09 4.04
N MET B 92 -19.97 34.23 5.05
CA MET B 92 -18.70 33.57 5.32
C MET B 92 -18.25 32.69 4.13
N ASP B 93 -19.17 31.91 3.54
CA ASP B 93 -18.85 31.07 2.36
C ASP B 93 -18.43 31.92 1.14
N SER B 94 -18.97 33.15 1.02
CA SER B 94 -18.63 34.05 -0.09
C SER B 94 -17.18 34.53 -0.07
N PHE B 95 -16.49 34.44 1.11
CA PHE B 95 -15.12 34.86 1.29
C PHE B 95 -14.20 33.65 1.56
N SER B 96 -14.74 32.42 1.36
CA SER B 96 -14.07 31.13 1.62
C SER B 96 -13.67 31.02 3.07
N LEU B 97 -14.46 31.64 3.97
CA LEU B 97 -14.20 31.56 5.42
C LEU B 97 -14.90 30.33 5.98
N ASN B 98 -14.45 29.19 5.51
CA ASN B 98 -15.01 27.86 5.81
C ASN B 98 -13.98 26.80 5.40
N TYR B 99 -14.34 25.51 5.53
CA TYR B 99 -13.51 24.35 5.19
C TYR B 99 -12.04 24.48 5.64
N ASP B 100 -11.13 24.87 4.72
CA ASP B 100 -9.70 25.01 5.00
C ASP B 100 -9.35 26.23 5.86
N CYS B 101 -10.24 27.26 5.87
CA CYS B 101 -10.02 28.51 6.63
C CYS B 101 -11.23 28.75 7.54
N PRO B 102 -11.42 27.93 8.59
CA PRO B 102 -12.61 28.11 9.42
C PRO B 102 -12.49 29.26 10.40
N GLY B 103 -13.60 29.56 11.03
CA GLY B 103 -13.62 30.54 12.10
C GLY B 103 -13.16 29.87 13.38
N PHE B 104 -12.72 30.68 14.30
CA PHE B 104 -12.30 30.28 15.64
C PHE B 104 -12.29 31.54 16.46
N PRO B 105 -12.35 31.49 17.81
CA PRO B 105 -12.48 32.74 18.58
C PRO B 105 -11.46 33.86 18.37
N SER B 106 -10.22 33.53 17.96
CA SER B 106 -9.19 34.55 17.78
C SER B 106 -8.81 34.77 16.32
N VAL B 107 -9.65 34.30 15.37
CA VAL B 107 -9.38 34.35 13.93
C VAL B 107 -8.93 35.69 13.39
N PHE B 108 -9.59 36.81 13.76
CA PHE B 108 -9.15 38.12 13.28
C PHE B 108 -7.85 38.55 13.98
N ASP B 109 -7.78 38.41 15.32
CA ASP B 109 -6.58 38.77 16.08
C ASP B 109 -5.35 38.00 15.59
N TYR B 110 -5.50 36.68 15.42
CA TYR B 110 -4.48 35.76 14.91
C TYR B 110 -3.95 36.21 13.55
N SER B 111 -4.87 36.44 12.59
CA SER B 111 -4.54 36.85 11.22
C SER B 111 -3.88 38.22 11.23
N LEU B 112 -4.44 39.14 12.00
CA LEU B 112 -3.92 40.51 12.08
C LEU B 112 -2.54 40.53 12.71
N ALA B 113 -2.29 39.64 13.69
CA ALA B 113 -0.97 39.55 14.36
C ALA B 113 0.16 39.39 13.33
N ALA B 114 0.02 38.47 12.32
CA ALA B 114 1.06 38.29 11.28
C ALA B 114 1.28 39.58 10.48
N VAL B 115 0.21 40.33 10.22
CA VAL B 115 0.28 41.61 9.51
C VAL B 115 1.08 42.58 10.35
N GLN B 116 0.74 42.70 11.63
CA GLN B 116 1.45 43.56 12.61
C GLN B 116 2.93 43.26 12.68
N GLY B 117 3.30 41.98 12.68
CA GLY B 117 4.71 41.60 12.73
C GLY B 117 5.45 41.91 11.44
N SER B 118 4.85 41.59 10.28
CA SER B 118 5.50 41.82 8.98
C SER B 118 5.63 43.29 8.58
N LEU B 119 4.61 44.12 8.96
CA LEU B 119 4.65 45.57 8.72
C LEU B 119 5.73 46.20 9.59
N ALA B 120 5.86 45.73 10.86
CA ALA B 120 6.90 46.22 11.78
C ALA B 120 8.28 45.82 11.22
N ALA B 121 8.40 44.56 10.70
CA ALA B 121 9.64 44.06 10.08
C ALA B 121 10.01 44.95 8.90
N ALA B 122 9.04 45.23 7.98
CA ALA B 122 9.29 46.10 6.85
C ALA B 122 9.77 47.51 7.33
N SER B 123 9.15 48.04 8.39
CA SER B 123 9.49 49.36 8.94
C SER B 123 10.90 49.42 9.49
N ALA B 124 11.35 48.33 10.19
CA ALA B 124 12.71 48.22 10.75
C ALA B 124 13.78 48.27 9.64
N LEU B 125 13.49 47.63 8.46
CA LEU B 125 14.37 47.61 7.28
C LEU B 125 14.43 49.01 6.66
N ILE B 126 13.26 49.67 6.50
CA ILE B 126 13.12 51.00 5.92
C ILE B 126 13.94 52.06 6.66
N CYS B 127 13.83 52.14 7.99
CA CYS B 127 14.60 53.14 8.74
C CYS B 127 16.07 52.68 8.98
N ARG B 128 16.45 51.51 8.44
CA ARG B 128 17.79 50.91 8.55
C ARG B 128 18.19 50.53 9.98
N HIS B 129 17.21 50.28 10.85
CA HIS B 129 17.46 49.81 12.21
C HIS B 129 18.02 48.38 12.11
N CYS B 130 17.55 47.62 11.09
CA CYS B 130 17.94 46.23 10.84
C CYS B 130 18.33 46.01 9.40
N GLU B 131 19.34 45.16 9.17
CA GLU B 131 19.73 44.78 7.82
C GLU B 131 18.83 43.65 7.40
N VAL B 132 18.41 42.85 8.38
CA VAL B 132 17.57 41.66 8.16
C VAL B 132 16.59 41.55 9.27
N VAL B 133 15.35 41.17 8.93
CA VAL B 133 14.34 40.95 9.95
C VAL B 133 13.68 39.62 9.68
N ILE B 134 13.56 38.85 10.74
CA ILE B 134 12.93 37.54 10.69
C ILE B 134 11.54 37.63 11.34
N ASN B 135 10.50 37.07 10.68
CA ASN B 135 9.19 36.97 11.33
C ASN B 135 8.67 35.54 11.14
N TRP B 136 8.92 34.67 12.12
CA TRP B 136 8.42 33.30 12.07
C TRP B 136 6.91 33.15 12.30
N GLY B 137 6.23 34.25 12.57
CA GLY B 137 4.78 34.25 12.69
C GLY B 137 4.10 34.71 11.42
N GLY B 138 4.88 35.11 10.44
CA GLY B 138 4.37 35.61 9.15
C GLY B 138 4.64 34.64 8.03
N GLY B 139 4.26 35.02 6.82
CA GLY B 139 4.48 34.21 5.61
C GLY B 139 3.22 33.63 5.02
N TRP B 140 2.06 34.28 5.25
CA TRP B 140 0.76 33.77 4.82
C TRP B 140 0.40 34.12 3.38
N HIS B 141 1.18 33.51 2.48
CA HIS B 141 1.21 33.75 1.04
C HIS B 141 -0.03 33.44 0.21
N HIS B 142 -0.98 32.65 0.71
CA HIS B 142 -2.15 32.28 -0.10
C HIS B 142 -3.32 33.23 -0.01
N ALA B 143 -3.34 34.13 0.97
CA ALA B 143 -4.49 35.00 1.18
C ALA B 143 -4.67 35.94 0.01
N LYS B 144 -5.91 36.05 -0.47
CA LYS B 144 -6.22 36.95 -1.58
C LYS B 144 -6.93 38.18 -1.07
N ARG B 145 -7.10 39.16 -1.97
CA ARG B 145 -7.82 40.40 -1.75
C ARG B 145 -9.13 40.23 -0.97
N SER B 146 -9.99 39.30 -1.42
CA SER B 146 -11.30 39.08 -0.79
C SER B 146 -11.56 37.62 -0.60
N GLU B 147 -10.52 36.86 -0.27
CA GLU B 147 -10.65 35.42 -0.13
C GLU B 147 -9.55 34.88 0.78
N ALA B 148 -9.95 34.06 1.74
CA ALA B 148 -9.02 33.35 2.63
C ALA B 148 -8.65 32.09 1.86
N SER B 149 -7.40 31.65 1.96
CA SER B 149 -7.01 30.44 1.25
C SER B 149 -5.91 29.74 1.99
N GLY B 150 -5.95 28.40 2.01
CA GLY B 150 -4.93 27.53 2.60
C GLY B 150 -4.46 27.95 3.98
N PHE B 151 -5.42 28.19 4.89
CA PHE B 151 -5.20 28.70 6.27
C PHE B 151 -4.55 30.09 6.33
N CYS B 152 -4.62 30.86 5.23
CA CYS B 152 -4.10 32.24 5.16
C CYS B 152 -5.33 33.15 5.08
N TYR B 153 -5.51 34.04 6.06
CA TYR B 153 -6.69 34.92 6.12
C TYR B 153 -6.32 36.34 5.73
N LEU B 154 -5.14 36.80 6.14
CA LEU B 154 -4.69 38.14 5.77
C LEU B 154 -3.30 37.97 5.21
N ASN B 155 -3.01 38.60 4.07
CA ASN B 155 -1.71 38.41 3.45
C ASN B 155 -0.67 39.41 3.98
N ASP B 156 0.04 39.00 5.06
CA ASP B 156 1.06 39.83 5.71
C ASP B 156 2.15 40.17 4.73
N ILE B 157 2.50 39.20 3.82
CA ILE B 157 3.56 39.35 2.81
C ILE B 157 3.26 40.49 1.85
N VAL B 158 2.04 40.51 1.30
CA VAL B 158 1.69 41.55 0.35
C VAL B 158 1.79 42.90 1.03
N LEU B 159 1.25 43.00 2.23
CA LEU B 159 1.23 44.28 2.97
C LEU B 159 2.64 44.77 3.29
N ALA B 160 3.55 43.86 3.66
CA ALA B 160 4.94 44.18 3.97
C ALA B 160 5.67 44.64 2.71
N ILE B 161 5.44 43.97 1.56
CA ILE B 161 6.05 44.32 0.28
C ILE B 161 5.57 45.70 -0.14
N HIS B 162 4.26 45.93 0.01
CA HIS B 162 3.67 47.23 -0.35
C HIS B 162 4.29 48.38 0.46
N ARG B 163 4.56 48.17 1.76
CA ARG B 163 5.21 49.18 2.61
C ARG B 163 6.65 49.40 2.08
N LEU B 164 7.37 48.31 1.77
CA LEU B 164 8.75 48.40 1.23
C LEU B 164 8.80 49.15 -0.12
N VAL B 165 7.93 48.78 -1.10
CA VAL B 165 7.91 49.40 -2.44
C VAL B 165 7.54 50.86 -2.44
N SER B 166 6.72 51.30 -1.48
CA SER B 166 6.29 52.70 -1.40
C SER B 166 7.16 53.55 -0.48
N SER B 167 8.35 53.01 -0.06
CA SER B 167 9.32 53.70 0.79
C SER B 167 10.22 54.65 -0.01
N GLN B 177 12.43 53.03 -9.32
CA GLN B 177 13.78 52.84 -8.79
C GLN B 177 13.81 51.81 -7.65
N THR B 178 12.86 51.89 -6.69
CA THR B 178 12.77 50.93 -5.57
C THR B 178 12.07 49.68 -6.11
N ARG B 179 12.80 48.58 -6.12
CA ARG B 179 12.27 47.31 -6.56
C ARG B 179 12.39 46.28 -5.46
N VAL B 180 11.40 45.37 -5.37
CA VAL B 180 11.46 44.29 -4.37
C VAL B 180 11.48 42.96 -5.10
N LEU B 181 12.36 42.05 -4.67
CA LEU B 181 12.37 40.71 -5.16
C LEU B 181 11.76 39.84 -4.07
N TYR B 182 10.68 39.10 -4.39
CA TYR B 182 10.04 38.15 -3.47
C TYR B 182 10.45 36.73 -3.85
N VAL B 183 10.95 35.97 -2.87
CA VAL B 183 11.42 34.61 -3.10
C VAL B 183 10.60 33.67 -2.22
N ASP B 184 9.84 32.78 -2.83
CA ASP B 184 8.94 31.91 -2.08
C ASP B 184 9.45 30.48 -2.12
N LEU B 185 10.02 30.01 -0.98
CA LEU B 185 10.66 28.68 -0.87
C LEU B 185 9.75 27.59 -0.37
N ASP B 186 8.52 27.95 -0.02
CA ASP B 186 7.51 27.05 0.48
C ASP B 186 7.18 25.96 -0.55
N LEU B 187 6.78 24.77 -0.08
CA LEU B 187 6.36 23.65 -0.95
C LEU B 187 5.24 24.05 -1.96
N HIS B 188 4.38 24.99 -1.55
CA HIS B 188 3.26 25.45 -2.34
C HIS B 188 3.57 26.73 -3.10
N HIS B 189 2.95 26.88 -4.27
CA HIS B 189 3.05 28.07 -5.11
C HIS B 189 2.54 29.29 -4.31
N GLY B 190 3.31 30.36 -4.33
CA GLY B 190 2.92 31.61 -3.67
C GLY B 190 1.92 32.38 -4.52
N ASP B 191 0.73 31.80 -4.75
CA ASP B 191 -0.34 32.38 -5.57
C ASP B 191 -0.87 33.76 -5.11
N GLY B 192 -1.10 33.96 -3.81
CA GLY B 192 -1.67 35.22 -3.30
C GLY B 192 -0.76 36.41 -3.57
N VAL B 193 0.55 36.21 -3.32
CA VAL B 193 1.58 37.22 -3.54
C VAL B 193 1.76 37.49 -5.00
N GLU B 194 1.87 36.42 -5.79
CA GLU B 194 2.06 36.55 -7.25
C GLU B 194 0.90 37.33 -7.88
N GLU B 195 -0.35 36.98 -7.48
CA GLU B 195 -1.54 37.67 -7.98
C GLU B 195 -1.59 39.14 -7.59
N ALA B 196 -1.23 39.47 -6.34
CA ALA B 196 -1.22 40.85 -5.83
C ALA B 196 -0.31 41.76 -6.68
N PHE B 197 0.83 41.23 -7.15
CA PHE B 197 1.79 42.01 -7.93
C PHE B 197 1.86 41.66 -9.42
N TRP B 198 0.85 40.92 -9.92
CA TRP B 198 0.72 40.49 -11.32
C TRP B 198 0.93 41.63 -12.35
N TYR B 199 0.42 42.85 -12.07
CA TYR B 199 0.48 44.02 -12.97
C TYR B 199 1.54 45.03 -12.57
N SER B 200 2.37 44.70 -11.58
CA SER B 200 3.40 45.61 -11.05
C SER B 200 4.80 45.15 -11.44
N PRO B 201 5.54 45.97 -12.21
CA PRO B 201 6.93 45.60 -12.55
C PRO B 201 7.92 45.75 -11.38
N ARG B 202 7.62 46.61 -10.39
CA ARG B 202 8.49 46.91 -9.24
C ARG B 202 8.57 45.80 -8.20
N VAL B 203 7.67 44.84 -8.28
CA VAL B 203 7.68 43.68 -7.40
C VAL B 203 7.83 42.48 -8.27
N VAL B 204 8.99 41.84 -8.20
CA VAL B 204 9.29 40.64 -8.98
C VAL B 204 9.04 39.46 -8.03
N THR B 205 8.21 38.52 -8.44
CA THR B 205 7.94 37.38 -7.55
C THR B 205 8.61 36.14 -8.15
N PHE B 206 9.21 35.32 -7.29
CA PHE B 206 9.79 34.05 -7.75
C PHE B 206 9.41 32.95 -6.78
N SER B 207 8.63 31.98 -7.27
CA SER B 207 8.20 30.86 -6.44
C SER B 207 8.75 29.55 -6.98
N VAL B 208 9.36 28.75 -6.09
CA VAL B 208 9.82 27.37 -6.35
C VAL B 208 8.87 26.49 -5.55
N HIS B 209 8.34 25.41 -6.15
CA HIS B 209 7.32 24.64 -5.45
C HIS B 209 7.02 23.36 -6.13
N HIS B 210 6.22 22.52 -5.47
CA HIS B 210 5.72 21.36 -6.13
C HIS B 210 4.43 21.80 -6.83
N ALA B 211 4.17 21.24 -8.00
CA ALA B 211 2.92 21.41 -8.73
C ALA B 211 2.65 20.08 -9.41
N SER B 212 1.39 19.58 -9.32
CA SER B 212 0.93 18.35 -9.92
C SER B 212 -0.60 18.38 -9.90
N PRO B 213 -1.29 17.62 -10.78
CA PRO B 213 -2.76 17.68 -10.82
C PRO B 213 -3.43 17.37 -9.47
N GLY B 214 -4.30 18.27 -9.04
CA GLY B 214 -5.03 18.17 -7.78
C GLY B 214 -4.26 18.69 -6.58
N PHE B 215 -2.99 19.07 -6.77
CA PHE B 215 -2.17 19.56 -5.65
C PHE B 215 -2.39 21.06 -5.44
N PHE B 216 -2.64 21.46 -4.17
CA PHE B 216 -2.93 22.86 -3.81
C PHE B 216 -1.77 23.83 -4.08
N PRO B 217 -1.98 25.07 -4.57
CA PRO B 217 -3.26 25.68 -5.00
C PRO B 217 -3.59 25.44 -6.47
N GLY B 218 -2.69 24.82 -7.23
CA GLY B 218 -2.92 24.47 -8.63
C GLY B 218 -2.20 25.35 -9.64
N THR B 219 -1.78 26.53 -9.22
CA THR B 219 -1.10 27.52 -10.06
C THR B 219 0.43 27.36 -9.98
N GLY B 220 1.17 28.25 -10.66
CA GLY B 220 2.64 28.24 -10.68
C GLY B 220 3.19 27.17 -11.59
N THR B 221 2.39 26.75 -12.61
CA THR B 221 2.76 25.71 -13.58
C THR B 221 2.25 26.01 -15.00
N TRP B 222 2.43 25.08 -15.95
CA TRP B 222 2.00 25.23 -17.34
C TRP B 222 0.50 25.49 -17.45
N ASN B 223 0.12 26.32 -18.45
CA ASN B 223 -1.27 26.71 -18.73
C ASN B 223 -1.62 26.37 -20.18
N PRO B 231 1.66 24.11 -24.11
CA PRO B 231 1.35 25.00 -22.99
C PRO B 231 2.43 26.05 -22.77
N ILE B 232 2.02 27.16 -22.12
CA ILE B 232 2.89 28.31 -21.80
C ILE B 232 2.83 28.60 -20.30
N PHE B 233 3.78 29.41 -19.80
CA PHE B 233 3.75 29.90 -18.43
C PHE B 233 3.22 31.32 -18.51
N LEU B 234 2.17 31.64 -17.74
CA LEU B 234 1.71 33.01 -17.59
C LEU B 234 2.73 33.60 -16.60
N ASN B 235 3.08 34.89 -16.73
CA ASN B 235 4.17 35.50 -15.98
C ASN B 235 3.92 37.02 -15.68
N GLY B 236 2.67 37.39 -15.57
CA GLY B 236 2.31 38.78 -15.32
C GLY B 236 1.60 39.36 -16.51
N ALA B 237 1.04 40.57 -16.34
CA ALA B 237 0.28 41.26 -17.40
C ALA B 237 0.47 42.78 -17.33
N GLY B 238 0.25 43.45 -18.47
CA GLY B 238 0.42 44.89 -18.61
C GLY B 238 1.86 45.27 -18.30
N ARG B 239 2.05 46.29 -17.41
CA ARG B 239 3.37 46.74 -16.93
C ARG B 239 4.12 45.63 -16.19
N GLY B 240 3.38 44.68 -15.63
CA GLY B 240 3.93 43.58 -14.88
C GLY B 240 4.26 42.35 -15.71
N ARG B 241 4.19 42.45 -17.04
CA ARG B 241 4.51 41.29 -17.88
C ARG B 241 5.96 40.86 -17.59
N PHE B 242 6.19 39.54 -17.48
CA PHE B 242 7.52 38.93 -17.25
C PHE B 242 8.03 39.09 -15.81
N SER B 243 7.23 39.70 -14.90
CA SER B 243 7.65 39.93 -13.51
C SER B 243 7.30 38.77 -12.54
N ALA B 244 6.50 37.76 -12.97
CA ALA B 244 6.09 36.64 -12.13
C ALA B 244 6.83 35.40 -12.63
N PHE B 245 7.78 34.88 -11.81
CA PHE B 245 8.64 33.73 -12.13
C PHE B 245 8.19 32.53 -11.33
N ASN B 246 8.18 31.36 -11.96
CA ASN B 246 7.73 30.13 -11.31
C ASN B 246 8.58 28.99 -11.72
N LEU B 247 8.95 28.16 -10.75
CA LEU B 247 9.74 26.95 -11.02
C LEU B 247 9.03 25.77 -10.36
N PRO B 248 8.09 25.11 -11.06
CA PRO B 248 7.44 23.94 -10.45
C PRO B 248 8.37 22.73 -10.56
N LEU B 249 8.46 21.93 -9.49
CA LEU B 249 9.33 20.75 -9.48
C LEU B 249 8.56 19.50 -9.10
N GLU B 250 9.01 18.34 -9.62
CA GLU B 250 8.41 17.03 -9.38
C GLU B 250 8.72 16.58 -7.94
N GLU B 251 7.91 15.65 -7.39
CA GLU B 251 8.19 15.15 -6.04
C GLU B 251 9.51 14.43 -5.92
N GLY B 252 10.05 14.46 -4.70
CA GLY B 252 11.26 13.74 -4.33
C GLY B 252 12.55 14.51 -4.32
N ILE B 253 12.55 15.80 -4.74
CA ILE B 253 13.79 16.61 -4.79
C ILE B 253 14.54 16.69 -3.45
N ASN B 254 15.87 16.53 -3.48
CA ASN B 254 16.72 16.56 -2.30
C ASN B 254 17.40 17.91 -2.15
N ASP B 255 18.21 18.10 -1.09
CA ASP B 255 18.84 19.40 -0.81
C ASP B 255 19.73 19.91 -1.97
N LEU B 256 20.62 19.06 -2.50
CA LEU B 256 21.57 19.45 -3.55
C LEU B 256 20.87 19.80 -4.88
N ASP B 257 19.89 18.99 -5.28
CA ASP B 257 19.19 19.22 -6.53
C ASP B 257 18.31 20.47 -6.47
N TRP B 258 17.67 20.73 -5.31
CA TRP B 258 16.84 21.92 -5.11
C TRP B 258 17.75 23.16 -5.08
N SER B 259 18.91 23.05 -4.40
CA SER B 259 19.91 24.11 -4.30
C SER B 259 20.43 24.52 -5.67
N ASN B 260 20.81 23.54 -6.48
CA ASN B 260 21.29 23.77 -7.85
C ASN B 260 20.16 24.22 -8.76
N ALA B 261 18.91 23.86 -8.44
CA ALA B 261 17.76 24.30 -9.23
C ALA B 261 17.53 25.82 -9.07
N ILE B 262 17.63 26.33 -7.83
CA ILE B 262 17.34 27.73 -7.56
C ILE B 262 18.51 28.69 -7.43
N GLY B 263 19.66 28.18 -6.99
CA GLY B 263 20.89 28.95 -6.83
C GLY B 263 21.20 29.91 -7.98
N PRO B 264 21.38 29.41 -9.23
CA PRO B 264 21.67 30.31 -10.36
C PRO B 264 20.52 31.24 -10.76
N ILE B 265 19.27 30.84 -10.50
CA ILE B 265 18.12 31.70 -10.84
C ILE B 265 18.10 32.87 -9.84
N LEU B 266 18.28 32.57 -8.53
CA LEU B 266 18.33 33.63 -7.50
C LEU B 266 19.41 34.69 -7.83
N ASP B 267 20.62 34.23 -8.09
CA ASP B 267 21.78 35.07 -8.40
C ASP B 267 21.53 35.91 -9.66
N SER B 268 20.92 35.33 -10.71
CA SER B 268 20.57 36.04 -11.94
C SER B 268 19.48 37.09 -11.67
N LEU B 269 18.46 36.73 -10.86
CA LEU B 269 17.40 37.69 -10.53
C LEU B 269 18.02 38.88 -9.80
N ASN B 270 18.95 38.63 -8.85
CA ASN B 270 19.62 39.72 -8.15
C ASN B 270 20.45 40.60 -9.10
N ILE B 271 21.24 39.95 -10.00
CA ILE B 271 22.08 40.67 -10.98
C ILE B 271 21.23 41.62 -11.83
N VAL B 272 20.14 41.09 -12.40
CA VAL B 272 19.28 41.82 -13.32
C VAL B 272 18.32 42.82 -12.68
N ILE B 273 17.54 42.37 -11.68
CA ILE B 273 16.56 43.24 -11.02
C ILE B 273 17.22 44.26 -10.11
N GLN B 274 18.39 43.94 -9.55
CA GLN B 274 19.06 44.81 -8.57
C GLN B 274 18.04 45.28 -7.49
N PRO B 275 17.38 44.35 -6.76
CA PRO B 275 16.37 44.77 -5.77
C PRO B 275 16.91 45.61 -4.61
N SER B 276 16.07 46.50 -4.10
CA SER B 276 16.41 47.35 -2.96
C SER B 276 16.14 46.56 -1.69
N TYR B 277 15.21 45.62 -1.76
CA TYR B 277 14.82 44.72 -0.69
C TYR B 277 14.50 43.36 -1.27
N VAL B 278 14.70 42.35 -0.44
CA VAL B 278 14.36 40.98 -0.78
C VAL B 278 13.41 40.51 0.33
N VAL B 279 12.35 39.82 -0.07
CA VAL B 279 11.43 39.23 0.90
C VAL B 279 11.45 37.74 0.60
N VAL B 280 11.74 36.96 1.63
CA VAL B 280 11.88 35.51 1.53
C VAL B 280 10.80 34.84 2.36
N GLN B 281 9.96 34.01 1.73
CA GLN B 281 8.97 33.20 2.49
C GLN B 281 9.72 31.86 2.62
N CYS B 282 9.96 31.44 3.85
CA CYS B 282 10.75 30.23 4.18
C CYS B 282 9.86 29.09 4.78
N GLY B 283 8.75 28.79 4.12
CA GLY B 283 7.86 27.71 4.51
C GLY B 283 8.62 26.40 4.63
N ALA B 284 8.43 25.71 5.77
CA ALA B 284 9.17 24.50 6.13
C ALA B 284 8.57 23.21 5.66
N ASP B 285 7.58 23.27 4.78
CA ASP B 285 6.91 22.07 4.27
C ASP B 285 7.68 21.27 3.24
N CYS B 286 8.89 21.73 2.83
CA CYS B 286 9.75 20.98 1.87
C CYS B 286 10.58 19.97 2.60
N LEU B 287 10.59 19.99 3.93
CA LEU B 287 11.39 19.07 4.72
C LEU B 287 10.98 17.63 4.47
N ALA B 288 11.94 16.72 4.41
CA ALA B 288 11.65 15.30 4.15
C ALA B 288 10.71 14.69 5.19
N THR B 289 10.70 15.24 6.41
CA THR B 289 9.88 14.79 7.54
C THR B 289 8.55 15.55 7.64
N ASP B 290 8.27 16.47 6.70
CA ASP B 290 6.96 17.14 6.67
C ASP B 290 5.89 16.07 6.35
N PRO B 291 4.70 16.04 7.00
CA PRO B 291 3.69 15.03 6.62
C PRO B 291 3.21 15.11 5.17
N HIS B 292 3.45 16.24 4.42
CA HIS B 292 3.11 16.27 2.98
C HIS B 292 3.92 15.19 2.26
N ARG B 293 5.18 14.94 2.73
CA ARG B 293 6.11 13.93 2.20
C ARG B 293 6.30 14.05 0.67
N ILE B 294 6.59 15.27 0.21
CA ILE B 294 6.77 15.54 -1.21
C ILE B 294 8.23 15.81 -1.54
N PHE B 295 8.84 16.83 -0.95
CA PHE B 295 10.27 17.07 -1.20
C PHE B 295 11.09 16.36 -0.13
N ARG B 296 12.43 16.30 -0.32
CA ARG B 296 13.32 15.63 0.64
C ARG B 296 14.40 16.55 1.17
N LEU B 297 14.01 17.77 1.58
CA LEU B 297 15.00 18.73 2.11
C LEU B 297 15.30 18.47 3.57
N THR B 298 16.44 18.99 4.06
CA THR B 298 16.81 18.80 5.46
C THR B 298 17.13 20.13 6.09
N ASN B 299 17.54 20.13 7.37
CA ASN B 299 18.07 21.32 8.04
C ASN B 299 19.59 21.01 8.32
N PHE B 300 20.23 20.10 7.54
CA PHE B 300 21.62 19.69 7.78
C PHE B 300 22.61 20.79 7.50
N TYR B 301 23.57 20.96 8.40
CA TYR B 301 24.61 21.97 8.29
C TYR B 301 25.96 21.26 8.49
N PRO B 302 26.47 20.52 7.47
CA PRO B 302 27.71 19.74 7.67
C PRO B 302 28.98 20.56 7.84
N ASN B 303 29.98 19.97 8.55
CA ASN B 303 31.30 20.59 8.78
C ASN B 303 32.11 20.72 7.48
N ASP B 311 32.27 14.54 -2.17
CA ASP B 311 30.93 14.44 -2.76
C ASP B 311 30.05 13.40 -2.01
N SER B 312 30.64 12.70 -1.04
CA SER B 312 29.96 11.69 -0.24
C SER B 312 29.33 12.30 1.01
N GLU B 313 29.80 13.51 1.42
CA GLU B 313 29.28 14.20 2.59
C GLU B 313 27.83 14.62 2.40
N CYS B 314 27.09 14.77 3.51
CA CYS B 314 25.71 15.24 3.49
C CYS B 314 25.70 16.58 2.78
N SER B 315 24.68 16.83 1.95
CA SER B 315 24.61 18.10 1.27
C SER B 315 24.14 19.18 2.27
N LEU B 316 24.51 20.44 2.05
CA LEU B 316 24.01 21.50 2.91
C LEU B 316 22.50 21.61 2.66
N SER B 317 21.70 21.77 3.74
CA SER B 317 20.26 22.02 3.68
C SER B 317 19.98 22.98 2.51
N GLY B 318 19.03 22.63 1.64
CA GLY B 318 18.61 23.51 0.55
C GLY B 318 18.23 24.88 1.04
N TYR B 319 17.46 24.91 2.11
CA TYR B 319 17.04 26.16 2.79
C TYR B 319 18.21 27.05 3.21
N LEU B 320 19.21 26.48 3.94
CA LEU B 320 20.34 27.26 4.39
C LEU B 320 21.19 27.68 3.19
N TYR B 321 21.29 26.83 2.15
CA TYR B 321 22.02 27.18 0.94
C TYR B 321 21.38 28.44 0.31
N ALA B 322 20.06 28.43 0.11
CA ALA B 322 19.36 29.57 -0.49
C ALA B 322 19.38 30.80 0.40
N ILE B 323 19.23 30.64 1.74
CA ILE B 323 19.29 31.78 2.67
C ILE B 323 20.70 32.40 2.64
N LYS B 324 21.74 31.55 2.73
CA LYS B 324 23.12 32.04 2.68
C LYS B 324 23.37 32.80 1.36
N LYS B 325 22.89 32.28 0.23
CA LYS B 325 23.01 32.95 -1.08
C LYS B 325 22.34 34.33 -1.09
N ILE B 326 21.09 34.41 -0.66
CA ILE B 326 20.35 35.68 -0.63
C ILE B 326 21.06 36.69 0.28
N LEU B 327 21.52 36.24 1.45
CA LEU B 327 22.20 37.15 2.36
C LEU B 327 23.55 37.63 1.87
N SER B 328 24.23 36.82 1.00
CA SER B 328 25.54 37.20 0.43
C SER B 328 25.39 38.47 -0.46
N TRP B 329 24.16 38.78 -0.92
CA TRP B 329 23.89 39.95 -1.76
C TRP B 329 23.94 41.25 -0.99
N LYS B 330 23.82 41.17 0.37
CA LYS B 330 23.89 42.34 1.27
C LYS B 330 22.79 43.35 0.95
N VAL B 331 21.58 42.83 0.64
CA VAL B 331 20.42 43.64 0.32
C VAL B 331 19.50 43.52 1.55
N PRO B 332 18.93 44.63 2.12
CA PRO B 332 18.01 44.48 3.26
C PRO B 332 16.96 43.42 2.98
N THR B 333 16.80 42.46 3.92
CA THR B 333 15.95 41.29 3.70
C THR B 333 14.98 41.01 4.82
N LEU B 334 13.79 40.61 4.45
CA LEU B 334 12.76 40.13 5.33
C LEU B 334 12.65 38.60 5.14
N ILE B 335 12.84 37.85 6.24
CA ILE B 335 12.72 36.38 6.25
C ILE B 335 11.43 36.01 7.00
N LEU B 336 10.47 35.41 6.30
CA LEU B 336 9.17 35.03 6.89
C LEU B 336 9.06 33.51 6.93
N GLY B 337 8.17 33.02 7.77
CA GLY B 337 7.90 31.58 7.85
C GLY B 337 6.91 31.14 6.79
N GLY B 338 5.89 30.41 7.20
CA GLY B 338 4.87 29.88 6.31
C GLY B 338 4.43 28.49 6.72
N GLY B 339 4.33 27.61 5.72
CA GLY B 339 3.90 26.24 5.94
C GLY B 339 4.87 25.40 6.74
N GLY B 340 4.40 24.26 7.21
CA GLY B 340 5.18 23.31 7.99
C GLY B 340 4.33 22.74 9.11
N TYR B 341 3.83 21.50 8.92
CA TYR B 341 2.95 20.82 9.87
C TYR B 341 3.70 19.97 10.90
N ASN B 342 5.00 19.71 10.68
CA ASN B 342 5.81 18.95 11.65
C ASN B 342 6.44 20.05 12.51
N PHE B 343 5.79 20.38 13.65
CA PHE B 343 6.23 21.52 14.48
C PHE B 343 7.65 21.44 14.98
N PRO B 344 8.09 20.32 15.59
CA PRO B 344 9.50 20.24 16.05
C PRO B 344 10.51 20.34 14.90
N ASP B 345 10.21 19.77 13.72
CA ASP B 345 11.13 19.85 12.60
C ASP B 345 11.20 21.24 11.98
N THR B 346 10.08 21.97 12.06
CA THR B 346 9.99 23.35 11.58
C THR B 346 10.88 24.22 12.49
N ALA B 347 10.77 24.02 13.82
CA ALA B 347 11.61 24.75 14.77
C ALA B 347 13.10 24.45 14.56
N ARG B 348 13.45 23.16 14.33
CA ARG B 348 14.83 22.68 14.09
C ARG B 348 15.43 23.43 12.85
N LEU B 349 14.63 23.54 11.77
CA LEU B 349 15.04 24.24 10.55
C LEU B 349 15.15 25.73 10.79
N TRP B 350 14.09 26.35 11.29
CA TRP B 350 14.05 27.82 11.52
C TRP B 350 15.07 28.29 12.52
N THR B 351 15.45 27.41 13.47
CA THR B 351 16.51 27.70 14.44
C THR B 351 17.83 27.83 13.69
N ARG B 352 18.12 26.87 12.77
CA ARG B 352 19.34 26.91 11.93
C ARG B 352 19.35 28.12 11.03
N VAL B 353 18.19 28.46 10.43
CA VAL B 353 18.09 29.68 9.56
C VAL B 353 18.44 30.94 10.39
N THR B 354 17.90 31.02 11.61
CA THR B 354 18.15 32.15 12.50
C THR B 354 19.65 32.28 12.80
N ALA B 355 20.32 31.16 13.13
CA ALA B 355 21.74 31.16 13.48
C ALA B 355 22.58 31.56 12.27
N LEU B 356 22.21 31.06 11.09
CA LEU B 356 22.92 31.32 9.84
C LEU B 356 22.82 32.82 9.48
N THR B 357 21.64 33.41 9.72
CA THR B 357 21.36 34.84 9.48
C THR B 357 22.28 35.71 10.37
N ILE B 358 22.42 35.35 11.67
CA ILE B 358 23.31 36.05 12.61
C ILE B 358 24.72 35.92 12.10
N GLU B 359 25.13 34.68 11.72
CA GLU B 359 26.48 34.38 11.21
C GLU B 359 26.80 35.22 9.97
N GLU B 360 25.90 35.18 8.95
CA GLU B 360 26.08 35.92 7.69
C GLU B 360 26.04 37.46 7.85
N VAL B 361 25.19 37.99 8.74
CA VAL B 361 25.07 39.44 8.90
C VAL B 361 26.09 40.08 9.85
N LYS B 362 26.23 39.53 11.06
CA LYS B 362 27.11 40.04 12.11
C LYS B 362 28.56 39.57 11.98
N GLY B 363 28.79 38.51 11.21
CA GLY B 363 30.12 37.91 11.06
C GLY B 363 30.57 37.16 12.30
N LYS B 364 29.62 36.79 13.19
CA LYS B 364 29.89 36.08 14.43
C LYS B 364 29.55 34.60 14.25
N LYS B 365 30.49 33.70 14.59
CA LYS B 365 30.26 32.27 14.50
C LYS B 365 29.13 31.88 15.47
N MET B 366 28.16 31.12 14.96
CA MET B 366 27.08 30.63 15.78
C MET B 366 27.17 29.12 15.78
N THR B 367 27.66 28.56 16.89
CA THR B 367 27.80 27.12 17.04
C THR B 367 26.59 26.58 17.79
N ILE B 368 25.90 25.68 17.13
CA ILE B 368 24.71 25.09 17.72
C ILE B 368 25.04 23.64 18.11
N SER B 369 24.85 23.28 19.39
CA SER B 369 25.08 21.91 19.85
C SER B 369 24.16 20.95 19.05
N PRO B 370 24.62 19.73 18.69
CA PRO B 370 23.71 18.80 17.99
C PRO B 370 22.60 18.27 18.91
N GLU B 371 22.77 18.40 20.25
CA GLU B 371 21.78 17.99 21.25
C GLU B 371 20.87 19.17 21.54
N ILE B 372 19.55 18.94 21.48
CA ILE B 372 18.55 19.98 21.81
C ILE B 372 18.79 20.42 23.25
N PRO B 373 18.85 21.74 23.54
CA PRO B 373 19.10 22.15 24.94
C PRO B 373 17.87 22.02 25.80
N GLU B 374 18.10 21.99 27.10
CA GLU B 374 17.06 21.95 28.10
C GLU B 374 16.17 23.20 27.91
N HIS B 375 14.85 23.00 27.86
CA HIS B 375 13.83 24.03 27.75
C HIS B 375 12.45 23.34 27.90
N SER B 376 11.40 24.11 28.22
CA SER B 376 10.07 23.54 28.50
C SER B 376 9.44 22.69 27.37
N TYR B 377 9.90 22.85 26.10
CA TYR B 377 9.43 22.03 24.99
C TYR B 377 10.43 20.93 24.62
N PHE B 378 11.47 20.68 25.44
CA PHE B 378 12.48 19.64 25.19
C PHE B 378 11.85 18.30 24.78
N SER B 379 10.77 17.86 25.50
CA SER B 379 10.08 16.59 25.26
C SER B 379 9.45 16.47 23.85
N ARG B 380 9.26 17.57 23.16
CA ARG B 380 8.66 17.52 21.80
C ARG B 380 9.68 17.11 20.73
N TYR B 381 10.97 17.05 21.11
CA TYR B 381 12.07 16.71 20.18
C TYR B 381 12.50 15.26 20.21
N GLY B 382 11.65 14.40 20.75
CA GLY B 382 11.94 12.97 20.85
C GLY B 382 11.73 12.21 19.55
N PRO B 383 12.20 10.94 19.42
CA PRO B 383 12.92 10.13 20.41
C PRO B 383 14.42 10.41 20.51
N ASP B 384 14.98 11.16 19.56
CA ASP B 384 16.42 11.46 19.46
C ASP B 384 16.90 12.67 20.26
N PHE B 385 16.07 13.73 20.41
CA PHE B 385 16.48 14.99 21.08
C PHE B 385 17.74 15.60 20.41
N GLU B 386 17.80 15.49 19.10
CA GLU B 386 18.89 16.04 18.29
C GLU B 386 18.38 17.15 17.37
N LEU B 387 19.25 18.12 17.05
CA LEU B 387 18.87 19.24 16.17
C LEU B 387 18.65 18.80 14.69
N ASP B 388 19.46 17.88 14.18
CA ASP B 388 19.24 17.42 12.79
C ASP B 388 17.94 16.64 12.73
N ILE B 389 17.15 16.84 11.64
CA ILE B 389 15.89 16.11 11.48
C ILE B 389 16.20 14.62 11.35
N ASP B 390 15.25 13.79 11.77
CA ASP B 390 15.40 12.33 11.72
C ASP B 390 15.13 11.81 10.30
N TYR B 391 16.09 12.03 9.39
CA TYR B 391 15.98 11.60 8.01
C TYR B 391 17.34 11.14 7.51
N PHE B 392 17.34 10.07 6.71
CA PHE B 392 18.55 9.46 6.18
C PHE B 392 18.58 9.65 4.66
N PRO B 393 19.22 10.75 4.17
CA PRO B 393 19.25 11.01 2.71
C PRO B 393 19.85 9.88 1.91
N HIS B 394 19.18 9.49 0.81
CA HIS B 394 19.60 8.35 -0.02
C HIS B 394 19.18 8.55 -1.48
N GLU B 395 19.72 7.75 -2.40
CA GLU B 395 19.41 7.84 -3.83
C GLU B 395 19.31 6.45 -4.48
N LEU B 401 17.56 12.46 -16.47
CA LEU B 401 16.19 12.62 -16.95
C LEU B 401 15.32 13.58 -16.09
N ASP B 402 15.74 13.85 -14.84
CA ASP B 402 15.00 14.67 -13.89
C ASP B 402 15.52 16.13 -13.82
N SER B 403 16.37 16.53 -14.77
CA SER B 403 16.94 17.88 -14.78
C SER B 403 15.91 18.89 -15.24
N ILE B 404 16.19 20.16 -15.02
CA ILE B 404 15.30 21.27 -15.35
C ILE B 404 16.07 22.33 -16.12
N GLN B 405 17.02 21.91 -16.99
CA GLN B 405 17.76 22.88 -17.80
C GLN B 405 16.88 23.70 -18.76
N LYS B 406 15.78 23.11 -19.26
CA LYS B 406 14.85 23.87 -20.11
C LYS B 406 14.07 24.93 -19.29
N HIS B 407 13.87 24.68 -17.98
CA HIS B 407 13.25 25.67 -17.10
C HIS B 407 14.23 26.83 -16.88
N HIS B 408 15.53 26.52 -16.71
CA HIS B 408 16.57 27.54 -16.58
C HIS B 408 16.61 28.44 -17.82
N ARG B 409 16.54 27.84 -19.00
CA ARG B 409 16.52 28.56 -20.28
C ARG B 409 15.28 29.44 -20.43
N ARG B 410 14.11 28.90 -20.06
CA ARG B 410 12.83 29.60 -20.11
C ARG B 410 12.85 30.80 -19.11
N ILE B 411 13.26 30.54 -17.86
CA ILE B 411 13.35 31.58 -16.82
C ILE B 411 14.31 32.74 -17.23
N LEU B 412 15.49 32.38 -17.76
CA LEU B 412 16.47 33.38 -18.22
C LEU B 412 15.94 34.21 -19.38
N GLU B 413 15.20 33.58 -20.32
CA GLU B 413 14.58 34.30 -21.45
C GLU B 413 13.54 35.23 -20.89
N GLN B 414 12.74 34.80 -19.90
CA GLN B 414 11.75 35.66 -19.25
C GLN B 414 12.45 36.84 -18.57
N LEU B 415 13.60 36.58 -17.89
CA LEU B 415 14.37 37.64 -17.22
C LEU B 415 14.91 38.68 -18.21
N ARG B 416 15.33 38.22 -19.39
CA ARG B 416 15.82 39.06 -20.48
C ARG B 416 14.66 39.94 -20.97
N ASN B 417 13.44 39.34 -21.14
CA ASN B 417 12.23 40.06 -21.56
C ASN B 417 11.79 41.08 -20.52
N TYR B 418 11.92 40.72 -19.22
CA TYR B 418 11.61 41.66 -18.13
C TYR B 418 12.54 42.91 -18.23
N ALA B 419 13.86 42.68 -18.30
CA ALA B 419 14.85 43.75 -18.41
C ALA B 419 14.58 44.65 -19.62
N ASP B 420 14.22 44.06 -20.79
CA ASP B 420 13.89 44.79 -22.03
C ASP B 420 12.68 45.68 -21.83
N LEU B 421 11.55 45.10 -21.37
CA LEU B 421 10.32 45.84 -21.09
C LEU B 421 10.57 47.02 -20.12
N ASN B 422 11.33 46.79 -19.05
CA ASN B 422 11.57 47.79 -18.02
C ASN B 422 12.77 48.73 -18.22
N LYS B 423 13.48 48.60 -19.35
CA LYS B 423 14.63 49.42 -19.72
C LYS B 423 15.78 49.31 -18.74
N LEU B 424 16.03 48.08 -18.26
CA LEU B 424 17.10 47.76 -17.32
C LEU B 424 18.27 47.12 -18.06
N ILE B 425 19.49 47.33 -17.56
CA ILE B 425 20.66 46.71 -18.16
C ILE B 425 20.57 45.19 -17.92
N TYR B 426 20.70 44.41 -19.00
CA TYR B 426 20.73 42.95 -18.90
C TYR B 426 22.21 42.60 -19.09
N ASP B 427 22.92 42.36 -17.98
CA ASP B 427 24.35 42.07 -18.00
C ASP B 427 24.61 40.61 -18.42
N TYR B 428 24.57 40.37 -19.74
CA TYR B 428 24.80 39.04 -20.33
C TYR B 428 26.09 38.38 -19.84
N ASP B 429 27.23 39.11 -19.83
CA ASP B 429 28.51 38.57 -19.38
C ASP B 429 28.49 38.05 -17.95
N GLN B 430 27.90 38.81 -16.99
CA GLN B 430 27.81 38.38 -15.60
C GLN B 430 26.89 37.18 -15.40
N VAL B 431 25.76 37.14 -16.11
CA VAL B 431 24.81 35.99 -16.00
C VAL B 431 25.46 34.78 -16.67
N TYR B 432 26.11 34.99 -17.84
CA TYR B 432 26.80 33.90 -18.54
C TYR B 432 27.86 33.29 -17.62
N GLN B 433 28.70 34.14 -16.98
CA GLN B 433 29.77 33.70 -16.09
C GLN B 433 29.22 32.95 -14.88
N LEU B 434 28.08 33.39 -14.34
CA LEU B 434 27.44 32.71 -13.23
C LEU B 434 27.02 31.28 -13.62
N TYR B 435 26.40 31.12 -14.82
CA TYR B 435 25.99 29.80 -15.33
C TYR B 435 27.18 28.95 -15.80
N ASN B 436 28.22 29.59 -16.36
CA ASN B 436 29.47 28.96 -16.84
C ASN B 436 30.18 28.18 -15.72
N LEU B 437 29.95 28.55 -14.44
CA LEU B 437 30.52 27.89 -13.27
C LEU B 437 30.11 26.41 -13.16
N THR B 438 28.94 26.07 -13.71
CA THR B 438 28.40 24.70 -13.73
C THR B 438 28.50 24.12 -15.15
N GLY B 439 29.08 24.88 -16.07
CA GLY B 439 29.21 24.49 -17.47
C GLY B 439 27.90 24.62 -18.22
N MET B 440 26.98 25.46 -17.68
CA MET B 440 25.66 25.72 -18.23
C MET B 440 25.54 27.12 -18.86
N GLY B 441 26.67 27.71 -19.24
CA GLY B 441 26.71 29.03 -19.88
C GLY B 441 25.83 29.16 -21.11
N SER B 442 25.77 28.10 -21.93
CA SER B 442 24.96 28.02 -23.16
C SER B 442 23.44 28.23 -22.90
N LEU B 443 22.99 28.11 -21.66
CA LEU B 443 21.57 28.34 -21.31
C LEU B 443 21.18 29.82 -21.30
N VAL B 444 22.17 30.71 -21.13
CA VAL B 444 21.94 32.17 -21.02
C VAL B 444 21.68 32.86 -22.38
N PRO B 445 20.51 33.53 -22.58
CA PRO B 445 20.29 34.25 -23.84
C PRO B 445 21.00 35.60 -23.84
N ARG B 446 21.39 36.10 -25.02
CA ARG B 446 22.09 37.39 -25.18
C ARG B 446 21.24 38.59 -24.78
N SER C 2 -28.63 -41.07 12.11
CA SER C 2 -28.00 -40.41 13.25
C SER C 2 -26.81 -39.60 12.77
N VAL C 3 -26.87 -38.28 12.96
CA VAL C 3 -25.72 -37.40 12.66
C VAL C 3 -25.09 -37.22 14.03
N GLY C 4 -23.85 -37.64 14.16
CA GLY C 4 -23.15 -37.53 15.42
C GLY C 4 -22.37 -36.23 15.48
N ILE C 5 -22.12 -35.76 16.70
CA ILE C 5 -21.26 -34.58 16.90
C ILE C 5 -20.42 -34.80 18.14
N VAL C 6 -19.11 -34.67 18.01
CA VAL C 6 -18.19 -34.84 19.16
C VAL C 6 -18.30 -33.63 20.11
N TYR C 7 -18.69 -33.88 21.35
CA TYR C 7 -18.77 -32.82 22.37
C TYR C 7 -18.66 -33.43 23.76
N GLY C 8 -18.23 -32.61 24.72
CA GLY C 8 -18.08 -32.99 26.12
C GLY C 8 -17.63 -31.79 26.92
N ASP C 9 -17.97 -31.76 28.21
CA ASP C 9 -17.58 -30.65 29.09
C ASP C 9 -16.05 -30.48 29.16
N GLN C 10 -15.32 -31.57 29.46
CA GLN C 10 -13.85 -31.49 29.53
C GLN C 10 -13.26 -31.32 28.13
N TYR C 11 -13.93 -31.91 27.13
CA TYR C 11 -13.55 -31.79 25.74
C TYR C 11 -13.56 -30.34 25.30
N ARG C 12 -14.63 -29.61 25.62
CA ARG C 12 -14.76 -28.19 25.33
C ARG C 12 -13.65 -27.38 26.02
N GLN C 13 -13.40 -27.66 27.32
CA GLN C 13 -12.38 -26.95 28.09
C GLN C 13 -10.99 -27.14 27.46
N LEU C 14 -10.66 -28.38 27.05
CA LEU C 14 -9.37 -28.72 26.40
C LEU C 14 -9.25 -28.13 25.02
N CYS C 15 -10.35 -28.17 24.21
CA CYS C 15 -10.35 -27.58 22.88
C CYS C 15 -10.19 -26.09 22.93
N CYS C 16 -10.56 -25.47 24.06
CA CYS C 16 -10.44 -24.03 24.25
C CYS C 16 -9.23 -23.58 25.03
N SER C 17 -8.29 -24.49 25.29
CA SER C 17 -7.13 -24.18 26.12
C SER C 17 -5.86 -23.69 25.41
N SER C 18 -5.85 -23.66 24.06
CA SER C 18 -4.66 -23.28 23.30
C SER C 18 -4.51 -21.76 23.10
N PRO C 19 -3.26 -21.20 23.03
CA PRO C 19 -3.13 -19.75 22.79
C PRO C 19 -3.52 -19.30 21.37
N LYS C 20 -3.41 -20.18 20.36
CA LYS C 20 -3.72 -19.84 18.97
C LYS C 20 -5.21 -19.95 18.68
N PHE C 21 -5.86 -21.04 19.12
CA PHE C 21 -7.29 -21.16 18.79
C PHE C 21 -8.25 -20.64 19.83
N GLY C 22 -7.72 -20.20 20.98
CA GLY C 22 -8.50 -19.61 22.06
C GLY C 22 -9.82 -20.32 22.27
N ASP C 23 -10.93 -19.55 22.27
CA ASP C 23 -12.28 -20.10 22.49
C ASP C 23 -13.03 -20.45 21.20
N ARG C 24 -12.36 -20.59 20.06
CA ARG C 24 -13.06 -20.89 18.79
C ARG C 24 -14.10 -22.02 18.87
N TYR C 25 -13.70 -23.17 19.43
CA TYR C 25 -14.56 -24.37 19.55
C TYR C 25 -15.83 -24.05 20.32
N ALA C 26 -15.73 -23.25 21.42
CA ALA C 26 -16.87 -22.84 22.25
C ALA C 26 -17.84 -21.99 21.43
N LEU C 27 -17.32 -21.04 20.63
CA LEU C 27 -18.19 -20.21 19.79
C LEU C 27 -18.96 -21.07 18.80
N VAL C 28 -18.26 -22.06 18.18
CA VAL C 28 -18.79 -22.97 17.17
C VAL C 28 -19.95 -23.78 17.78
N MET C 29 -19.64 -24.49 18.87
CA MET C 29 -20.61 -25.35 19.55
C MET C 29 -21.79 -24.58 20.15
N ASP C 30 -21.54 -23.36 20.66
CA ASP C 30 -22.60 -22.54 21.26
C ASP C 30 -23.49 -21.92 20.19
N LEU C 31 -22.97 -21.63 18.99
CA LEU C 31 -23.82 -21.11 17.91
C LEU C 31 -24.69 -22.25 17.37
N ILE C 32 -24.12 -23.46 17.25
CA ILE C 32 -24.89 -24.65 16.84
C ILE C 32 -25.94 -24.91 17.92
N ASN C 33 -25.57 -24.74 19.19
CA ASN C 33 -26.53 -24.87 20.28
C ASN C 33 -27.61 -23.76 20.22
N ALA C 34 -27.18 -22.51 19.95
CA ALA C 34 -28.10 -21.35 19.91
C ALA C 34 -29.16 -21.47 18.80
N TYR C 35 -28.79 -22.11 17.69
CA TYR C 35 -29.68 -22.36 16.56
C TYR C 35 -30.57 -23.59 16.76
N LYS C 36 -30.53 -24.19 17.97
CA LYS C 36 -31.37 -25.34 18.37
C LYS C 36 -31.08 -26.63 17.56
N LEU C 37 -29.83 -26.79 17.14
CA LEU C 37 -29.40 -27.96 16.39
C LEU C 37 -28.99 -29.13 17.27
N ILE C 38 -28.52 -28.86 18.50
CA ILE C 38 -28.05 -29.89 19.46
C ILE C 38 -29.05 -31.06 19.67
N PRO C 39 -30.38 -30.83 19.87
CA PRO C 39 -31.32 -31.97 20.00
C PRO C 39 -31.46 -32.83 18.73
N GLU C 40 -30.99 -32.35 17.55
CA GLU C 40 -31.07 -33.16 16.30
C GLU C 40 -29.90 -34.14 16.19
N LEU C 41 -28.89 -33.88 16.99
CA LEU C 41 -27.61 -34.55 16.92
C LEU C 41 -27.36 -35.49 18.07
N SER C 42 -26.66 -36.57 17.78
CA SER C 42 -26.28 -37.57 18.75
C SER C 42 -24.90 -37.17 19.28
N ARG C 43 -24.79 -36.88 20.59
CA ARG C 43 -23.50 -36.57 21.15
C ARG C 43 -22.55 -37.77 21.05
N VAL C 44 -21.39 -37.56 20.43
CA VAL C 44 -20.40 -38.61 20.35
C VAL C 44 -19.34 -38.31 21.44
N PRO C 45 -19.21 -39.12 22.51
CA PRO C 45 -18.24 -38.77 23.56
C PRO C 45 -16.78 -39.03 23.15
N PRO C 46 -15.80 -38.15 23.48
CA PRO C 46 -14.38 -38.45 23.14
C PRO C 46 -13.94 -39.78 23.75
N LEU C 47 -13.09 -40.50 23.05
CA LEU C 47 -12.62 -41.79 23.50
C LEU C 47 -11.66 -41.59 24.67
N GLN C 48 -11.80 -42.43 25.71
CA GLN C 48 -10.87 -42.45 26.84
C GLN C 48 -10.31 -43.86 26.94
N TRP C 49 -9.08 -44.02 27.45
CA TRP C 49 -8.44 -45.33 27.55
C TRP C 49 -8.40 -45.86 28.99
N ASP C 50 -8.16 -47.19 29.11
CA ASP C 50 -8.05 -47.98 30.34
C ASP C 50 -6.74 -47.77 31.07
N SER C 51 -5.73 -47.22 30.38
CA SER C 51 -4.38 -47.04 30.94
C SER C 51 -3.54 -46.12 30.08
N PRO C 52 -2.43 -45.54 30.64
CA PRO C 52 -1.53 -44.72 29.79
C PRO C 52 -0.92 -45.56 28.65
N SER C 53 -0.67 -46.89 28.87
CA SER C 53 -0.14 -47.77 27.81
C SER C 53 -1.13 -47.97 26.65
N ARG C 54 -2.46 -48.07 26.91
CA ARG C 54 -3.43 -48.15 25.81
C ARG C 54 -3.50 -46.81 25.06
N MET C 55 -3.37 -45.68 25.80
CA MET C 55 -3.34 -44.35 25.17
C MET C 55 -2.11 -44.27 24.24
N TYR C 56 -0.96 -44.71 24.74
CA TYR C 56 0.27 -44.66 23.95
C TYR C 56 0.19 -45.53 22.71
N GLU C 57 -0.41 -46.71 22.83
CA GLU C 57 -0.61 -47.65 21.72
C GLU C 57 -1.46 -46.97 20.62
N ALA C 58 -2.49 -46.24 21.03
CA ALA C 58 -3.38 -45.56 20.10
C ALA C 58 -2.65 -44.46 19.35
N VAL C 59 -1.98 -43.52 20.07
CA VAL C 59 -1.25 -42.38 19.46
C VAL C 59 -0.07 -42.85 18.63
N THR C 60 0.63 -43.94 19.07
CA THR C 60 1.78 -44.50 18.34
C THR C 60 1.45 -45.40 17.17
N ALA C 61 0.14 -45.52 16.82
CA ALA C 61 -0.24 -46.23 15.59
C ALA C 61 0.33 -45.37 14.43
N PHE C 62 0.46 -44.04 14.67
CA PHE C 62 1.09 -43.12 13.71
C PHE C 62 2.37 -42.45 14.23
N HIS C 63 2.28 -41.76 15.39
CA HIS C 63 3.39 -40.94 15.89
C HIS C 63 4.47 -41.76 16.53
N SER C 64 5.75 -41.34 16.45
CA SER C 64 6.80 -42.12 17.09
C SER C 64 6.66 -41.97 18.60
N THR C 65 7.13 -42.98 19.35
CA THR C 65 7.14 -42.99 20.81
C THR C 65 7.97 -41.81 21.33
N GLU C 66 9.14 -41.53 20.71
CA GLU C 66 10.01 -40.41 21.11
C GLU C 66 9.31 -39.05 20.96
N TYR C 67 8.52 -38.88 19.90
CA TYR C 67 7.78 -37.62 19.68
C TYR C 67 6.67 -37.45 20.73
N VAL C 68 5.89 -38.52 20.98
CA VAL C 68 4.80 -38.50 21.98
C VAL C 68 5.44 -38.21 23.34
N ASP C 69 6.62 -38.82 23.62
CA ASP C 69 7.34 -38.61 24.89
C ASP C 69 7.68 -37.13 25.07
N ALA C 70 8.28 -36.52 24.03
CA ALA C 70 8.70 -35.11 24.04
C ALA C 70 7.48 -34.22 24.24
N LEU C 71 6.36 -34.50 23.53
CA LEU C 71 5.15 -33.69 23.65
C LEU C 71 4.58 -33.74 25.08
N LYS C 72 4.63 -34.93 25.71
CA LYS C 72 4.21 -35.10 27.10
C LYS C 72 5.14 -34.27 28.00
N LYS C 73 6.47 -34.32 27.71
CA LYS C 73 7.49 -33.58 28.48
C LYS C 73 7.31 -32.05 28.31
N LEU C 74 6.95 -31.60 27.09
CA LEU C 74 6.73 -30.19 26.81
C LEU C 74 5.62 -29.66 27.75
N GLN C 75 4.49 -30.41 27.84
CA GLN C 75 3.39 -30.06 28.73
C GLN C 75 3.90 -29.98 30.15
N MET C 76 4.52 -31.07 30.66
CA MET C 76 5.04 -31.12 32.04
C MET C 76 5.91 -29.89 32.30
N LEU C 77 6.85 -29.57 31.37
CA LEU C 77 7.75 -28.41 31.53
C LEU C 77 6.99 -27.09 31.56
N HIS C 78 5.95 -26.92 30.72
CA HIS C 78 5.16 -25.70 30.75
C HIS C 78 4.25 -25.52 31.98
N CYS C 79 3.99 -26.61 32.72
CA CYS C 79 3.21 -26.57 33.97
C CYS C 79 4.06 -26.24 35.20
N GLU C 80 5.39 -26.36 35.08
CA GLU C 80 6.32 -26.09 36.19
C GLU C 80 6.97 -24.71 36.08
N GLU C 83 12.51 -22.33 33.80
CA GLU C 83 13.08 -22.31 32.46
C GLU C 83 13.72 -23.65 32.05
N LEU C 84 13.50 -24.05 30.78
CA LEU C 84 14.02 -25.28 30.19
C LEU C 84 15.54 -25.26 30.15
N THR C 85 16.18 -26.43 30.32
CA THR C 85 17.64 -26.59 30.20
C THR C 85 17.96 -26.55 28.69
N ALA C 86 19.25 -26.42 28.35
CA ALA C 86 19.72 -26.40 26.96
C ALA C 86 19.45 -27.75 26.30
N ASP C 87 19.59 -28.88 27.03
CA ASP C 87 19.26 -30.21 26.47
C ASP C 87 17.76 -30.33 26.18
N ASP C 88 16.91 -29.75 27.05
CA ASP C 88 15.45 -29.79 26.87
C ASP C 88 15.03 -29.00 25.66
N GLU C 89 15.62 -27.80 25.46
CA GLU C 89 15.32 -26.93 24.30
C GLU C 89 15.72 -27.67 23.00
N LEU C 90 16.89 -28.34 22.98
CA LEU C 90 17.37 -29.12 21.84
C LEU C 90 16.45 -30.28 21.53
N LEU C 91 15.95 -30.99 22.57
CA LEU C 91 15.02 -32.08 22.41
C LEU C 91 13.75 -31.56 21.72
N MET C 92 13.15 -30.45 22.25
CA MET C 92 11.97 -29.80 21.69
C MET C 92 12.20 -29.33 20.25
N ASP C 93 13.35 -28.69 19.97
CA ASP C 93 13.67 -28.24 18.62
C ASP C 93 13.78 -29.41 17.65
N SER C 94 14.28 -30.59 18.12
CA SER C 94 14.39 -31.78 17.26
C SER C 94 13.03 -32.31 16.76
N PHE C 95 11.89 -31.92 17.41
CA PHE C 95 10.54 -32.33 17.01
C PHE C 95 9.69 -31.14 16.51
N SER C 96 10.35 -30.01 16.21
CA SER C 96 9.78 -28.72 15.80
C SER C 96 8.74 -28.26 16.83
N LEU C 97 8.99 -28.55 18.12
CA LEU C 97 8.08 -28.15 19.19
C LEU C 97 8.52 -26.80 19.67
N ASN C 98 8.40 -25.81 18.75
CA ASN C 98 8.83 -24.44 18.94
C ASN C 98 8.15 -23.57 17.88
N TYR C 99 8.44 -22.26 17.92
CA TYR C 99 7.99 -21.25 16.94
C TYR C 99 6.49 -21.25 16.67
N ASP C 100 6.01 -21.91 15.57
CA ASP C 100 4.57 -21.99 15.24
C ASP C 100 3.85 -23.06 16.05
N CYS C 101 4.63 -23.90 16.74
CA CYS C 101 4.08 -24.98 17.57
C CYS C 101 4.69 -24.89 18.96
N PRO C 102 4.42 -23.77 19.68
CA PRO C 102 5.00 -23.63 21.01
C PRO C 102 4.35 -24.54 22.05
N GLY C 103 5.06 -24.67 23.17
CA GLY C 103 4.52 -25.37 24.31
C GLY C 103 3.62 -24.43 25.07
N PHE C 104 2.70 -24.97 25.81
CA PHE C 104 1.79 -24.20 26.65
C PHE C 104 1.35 -25.16 27.70
N PRO C 105 0.82 -24.71 28.85
CA PRO C 105 0.50 -25.67 29.91
C PRO C 105 -0.40 -26.85 29.58
N SER C 106 -1.28 -26.76 28.57
CA SER C 106 -2.18 -27.88 28.27
C SER C 106 -1.90 -28.56 26.93
N VAL C 107 -0.72 -28.29 26.34
CA VAL C 107 -0.32 -28.76 25.01
C VAL C 107 -0.58 -30.22 24.68
N PHE C 108 -0.19 -31.15 25.56
CA PHE C 108 -0.42 -32.57 25.31
C PHE C 108 -1.92 -32.89 25.41
N ASP C 109 -2.62 -32.42 26.47
CA ASP C 109 -4.07 -32.67 26.68
C ASP C 109 -4.90 -32.08 25.52
N TYR C 110 -4.54 -30.86 25.07
CA TYR C 110 -5.21 -30.17 23.96
C TYR C 110 -5.09 -31.01 22.70
N SER C 111 -3.84 -31.41 22.37
CA SER C 111 -3.48 -32.20 21.20
C SER C 111 -4.15 -33.56 21.24
N LEU C 112 -4.11 -34.23 22.41
CA LEU C 112 -4.74 -35.54 22.60
C LEU C 112 -6.26 -35.46 22.48
N ALA C 113 -6.86 -34.33 22.93
CA ALA C 113 -8.34 -34.20 22.87
C ALA C 113 -8.84 -34.38 21.46
N ALA C 114 -8.17 -33.78 20.45
CA ALA C 114 -8.59 -33.92 19.03
C ALA C 114 -8.54 -35.39 18.60
N VAL C 115 -7.51 -36.11 19.03
CA VAL C 115 -7.35 -37.53 18.74
C VAL C 115 -8.50 -38.31 19.39
N GLN C 116 -8.78 -38.05 20.67
CA GLN C 116 -9.89 -38.69 21.42
C GLN C 116 -11.20 -38.46 20.70
N GLY C 117 -11.41 -37.23 20.22
CA GLY C 117 -12.64 -36.88 19.51
C GLY C 117 -12.79 -37.60 18.19
N SER C 118 -11.73 -37.56 17.36
CA SER C 118 -11.74 -38.18 16.03
C SER C 118 -11.77 -39.69 16.01
N LEU C 119 -11.13 -40.34 17.02
CA LEU C 119 -11.14 -41.80 17.18
C LEU C 119 -12.54 -42.24 17.57
N ALA C 120 -13.18 -41.50 18.50
CA ALA C 120 -14.58 -41.80 18.90
C ALA C 120 -15.51 -41.62 17.67
N ALA C 121 -15.26 -40.59 16.85
CA ALA C 121 -16.08 -40.32 15.66
C ALA C 121 -15.98 -41.49 14.67
N ALA C 122 -14.73 -41.98 14.40
CA ALA C 122 -14.50 -43.11 13.52
C ALA C 122 -15.20 -44.37 14.09
N SER C 123 -15.14 -44.60 15.42
CA SER C 123 -15.78 -45.78 16.04
C SER C 123 -17.29 -45.78 15.89
N ALA C 124 -17.90 -44.59 15.99
CA ALA C 124 -19.35 -44.40 15.84
C ALA C 124 -19.79 -44.71 14.38
N LEU C 125 -18.91 -44.43 13.40
CA LEU C 125 -19.22 -44.75 11.99
C LEU C 125 -19.08 -46.27 11.77
N ILE C 126 -18.00 -46.88 12.33
CA ILE C 126 -17.72 -48.31 12.18
C ILE C 126 -18.85 -49.20 12.71
N CYS C 127 -19.33 -48.93 13.93
CA CYS C 127 -20.40 -49.70 14.54
C CYS C 127 -21.79 -49.30 14.02
N ARG C 128 -21.85 -48.37 13.03
CA ARG C 128 -23.08 -47.91 12.36
C ARG C 128 -24.07 -47.18 13.29
N HIS C 129 -23.55 -46.62 14.39
CA HIS C 129 -24.36 -45.83 15.33
C HIS C 129 -24.72 -44.50 14.65
N CYS C 130 -23.79 -43.96 13.83
CA CYS C 130 -23.97 -42.70 13.11
C CYS C 130 -23.65 -42.92 11.66
N GLU C 131 -24.43 -42.27 10.78
CA GLU C 131 -24.14 -42.31 9.34
C GLU C 131 -23.03 -41.30 9.08
N VAL C 132 -23.03 -40.18 9.83
CA VAL C 132 -22.07 -39.07 9.68
C VAL C 132 -21.68 -38.60 11.08
N VAL C 133 -20.44 -38.20 11.27
CA VAL C 133 -20.00 -37.70 12.57
C VAL C 133 -19.22 -36.41 12.33
N ILE C 134 -19.56 -35.40 13.10
CA ILE C 134 -18.86 -34.12 12.99
C ILE C 134 -17.93 -33.95 14.18
N ASN C 135 -16.68 -33.55 13.93
CA ASN C 135 -15.79 -33.21 15.04
C ASN C 135 -15.19 -31.84 14.76
N TRP C 136 -15.81 -30.78 15.30
CA TRP C 136 -15.26 -29.44 15.12
C TRP C 136 -13.99 -29.15 15.94
N GLY C 137 -13.59 -30.09 16.78
CA GLY C 137 -12.36 -29.98 17.57
C GLY C 137 -11.15 -30.65 16.93
N GLY C 138 -11.38 -31.29 15.79
CA GLY C 138 -10.35 -32.01 15.06
C GLY C 138 -10.05 -31.40 13.71
N GLY C 139 -9.25 -32.11 12.92
CA GLY C 139 -8.84 -31.66 11.58
C GLY C 139 -7.42 -31.17 11.50
N TRP C 140 -6.53 -31.68 12.38
CA TRP C 140 -5.12 -31.25 12.47
C TRP C 140 -4.18 -31.95 11.49
N HIS C 141 -4.41 -31.61 10.22
CA HIS C 141 -3.79 -32.22 9.06
C HIS C 141 -2.29 -32.01 8.85
N HIS C 142 -1.66 -31.02 9.50
CA HIS C 142 -0.21 -30.81 9.26
C HIS C 142 0.74 -31.66 10.12
N ALA C 143 0.28 -32.22 11.23
CA ALA C 143 1.18 -32.97 12.12
C ALA C 143 1.78 -34.20 11.45
N LYS C 144 3.08 -34.45 11.66
CA LYS C 144 3.79 -35.59 11.08
C LYS C 144 4.17 -36.58 12.18
N ARG C 145 4.61 -37.78 11.78
CA ARG C 145 5.00 -38.87 12.68
C ARG C 145 5.86 -38.37 13.85
N SER C 146 6.89 -37.57 13.58
CA SER C 146 7.78 -37.07 14.64
C SER C 146 7.97 -35.57 14.48
N GLU C 147 6.91 -34.84 14.07
CA GLU C 147 7.07 -33.41 13.89
C GLU C 147 5.79 -32.63 14.03
N ALA C 148 5.80 -31.58 14.88
CA ALA C 148 4.66 -30.67 15.03
C ALA C 148 4.78 -29.71 13.88
N SER C 149 3.66 -29.33 13.27
CA SER C 149 3.68 -28.41 12.14
C SER C 149 2.39 -27.60 12.06
N GLY C 150 2.50 -26.29 11.79
CA GLY C 150 1.36 -25.38 11.63
C GLY C 150 0.27 -25.52 12.67
N PHE C 151 0.68 -25.47 13.95
CA PHE C 151 -0.16 -25.62 15.14
C PHE C 151 -0.92 -26.96 15.25
N CYS C 152 -0.40 -28.01 14.57
CA CYS C 152 -0.92 -29.38 14.60
C CYS C 152 0.17 -30.22 15.34
N TYR C 153 -0.17 -30.74 16.50
CA TYR C 153 0.77 -31.51 17.31
C TYR C 153 0.58 -33.00 17.14
N LEU C 154 -0.66 -33.43 17.02
CA LEU C 154 -1.02 -34.83 16.85
C LEU C 154 -2.00 -34.88 15.69
N ASN C 155 -1.78 -35.80 14.75
CA ASN C 155 -2.64 -35.92 13.58
C ASN C 155 -3.84 -36.81 13.89
N ASP C 156 -4.95 -36.20 14.32
CA ASP C 156 -6.17 -36.91 14.68
C ASP C 156 -6.77 -37.54 13.41
N ILE C 157 -6.58 -36.85 12.27
CA ILE C 157 -7.09 -37.29 10.96
C ILE C 157 -6.47 -38.63 10.55
N VAL C 158 -5.12 -38.71 10.58
CA VAL C 158 -4.41 -39.94 10.26
C VAL C 158 -4.87 -41.05 11.21
N LEU C 159 -4.93 -40.75 12.52
CA LEU C 159 -5.36 -41.76 13.49
C LEU C 159 -6.80 -42.24 13.23
N ALA C 160 -7.73 -41.31 12.93
CA ALA C 160 -9.12 -41.67 12.60
C ALA C 160 -9.19 -42.52 11.35
N ILE C 161 -8.47 -42.13 10.27
CA ILE C 161 -8.44 -42.87 9.00
C ILE C 161 -7.90 -44.27 9.20
N HIS C 162 -6.83 -44.40 10.01
CA HIS C 162 -6.21 -45.70 10.27
C HIS C 162 -7.23 -46.63 10.92
N ARG C 163 -8.03 -46.12 11.90
CA ARG C 163 -9.07 -46.92 12.57
C ARG C 163 -10.10 -47.36 11.53
N LEU C 164 -10.53 -46.43 10.64
CA LEU C 164 -11.55 -46.74 9.63
C LEU C 164 -11.07 -47.82 8.63
N VAL C 165 -9.88 -47.61 8.08
CA VAL C 165 -9.32 -48.49 7.06
C VAL C 165 -9.00 -49.88 7.59
N SER C 166 -8.74 -50.00 8.93
CA SER C 166 -8.42 -51.24 9.65
C SER C 166 -9.66 -52.00 10.16
N SER C 167 -10.89 -51.47 9.93
CA SER C 167 -12.13 -52.13 10.35
C SER C 167 -12.62 -53.15 9.33
N GLN C 177 -12.65 -54.79 -0.52
CA GLN C 177 -11.60 -54.03 0.17
C GLN C 177 -12.15 -52.70 0.74
N THR C 178 -11.80 -52.40 2.00
CA THR C 178 -12.16 -51.16 2.68
C THR C 178 -11.21 -50.06 2.19
N ARG C 179 -11.79 -49.06 1.49
CA ARG C 179 -11.06 -47.90 1.01
C ARG C 179 -11.59 -46.63 1.66
N VAL C 180 -10.70 -45.70 2.00
CA VAL C 180 -11.15 -44.41 2.58
C VAL C 180 -10.81 -43.28 1.58
N LEU C 181 -11.74 -42.36 1.34
CA LEU C 181 -11.45 -41.19 0.55
C LEU C 181 -11.32 -40.03 1.51
N TYR C 182 -10.17 -39.36 1.49
CA TYR C 182 -9.93 -38.20 2.34
C TYR C 182 -10.03 -36.96 1.47
N VAL C 183 -10.89 -36.02 1.86
CA VAL C 183 -11.09 -34.78 1.12
C VAL C 183 -10.64 -33.63 1.99
N ASP C 184 -9.67 -32.81 1.52
CA ASP C 184 -9.14 -31.73 2.36
C ASP C 184 -9.49 -30.39 1.74
N LEU C 185 -10.45 -29.68 2.36
CA LEU C 185 -10.97 -28.39 1.84
C LEU C 185 -10.31 -27.16 2.42
N ASP C 186 -9.42 -27.34 3.39
CA ASP C 186 -8.76 -26.24 4.05
C ASP C 186 -7.94 -25.47 3.00
N LEU C 187 -7.73 -24.17 3.24
CA LEU C 187 -6.90 -23.30 2.39
C LEU C 187 -5.49 -23.88 2.18
N HIS C 188 -4.94 -24.58 3.19
CA HIS C 188 -3.59 -25.12 3.15
C HIS C 188 -3.57 -26.58 2.69
N HIS C 189 -2.48 -26.99 2.03
CA HIS C 189 -2.29 -28.37 1.55
C HIS C 189 -2.32 -29.34 2.75
N GLY C 190 -3.06 -30.42 2.63
CA GLY C 190 -3.12 -31.43 3.70
C GLY C 190 -1.93 -32.38 3.67
N ASP C 191 -0.72 -31.83 3.81
CA ASP C 191 0.58 -32.53 3.75
C ASP C 191 0.76 -33.68 4.76
N GLY C 192 0.37 -33.49 6.03
CA GLY C 192 0.53 -34.53 7.06
C GLY C 192 -0.26 -35.79 6.75
N VAL C 193 -1.49 -35.60 6.27
CA VAL C 193 -2.38 -36.70 5.88
C VAL C 193 -1.88 -37.36 4.64
N GLU C 194 -1.56 -36.56 3.62
CA GLU C 194 -1.03 -37.09 2.36
C GLU C 194 0.25 -37.92 2.58
N GLU C 195 1.17 -37.40 3.42
CA GLU C 195 2.44 -38.07 3.72
C GLU C 195 2.20 -39.41 4.42
N ALA C 196 1.26 -39.44 5.37
CA ALA C 196 0.99 -40.65 6.15
C ALA C 196 0.52 -41.82 5.28
N PHE C 197 -0.22 -41.52 4.21
CA PHE C 197 -0.82 -42.49 3.30
C PHE C 197 -0.22 -42.48 1.90
N TRP C 198 0.99 -41.86 1.70
CA TRP C 198 1.70 -41.74 0.41
C TRP C 198 1.92 -43.14 -0.27
N TYR C 199 2.17 -44.17 0.53
CA TYR C 199 2.42 -45.56 0.07
C TYR C 199 1.22 -46.48 0.19
N SER C 200 0.06 -45.95 0.60
CA SER C 200 -1.16 -46.72 0.83
C SER C 200 -2.21 -46.50 -0.25
N PRO C 201 -2.52 -47.55 -1.04
CA PRO C 201 -3.56 -47.38 -2.08
C PRO C 201 -4.98 -47.33 -1.50
N ARG C 202 -5.17 -47.89 -0.29
CA ARG C 202 -6.50 -47.98 0.32
C ARG C 202 -6.99 -46.65 0.94
N VAL C 203 -6.13 -45.64 0.97
CA VAL C 203 -6.50 -44.34 1.47
C VAL C 203 -6.15 -43.39 0.36
N VAL C 204 -7.16 -42.81 -0.28
CA VAL C 204 -6.97 -41.87 -1.37
C VAL C 204 -7.08 -40.50 -0.73
N THR C 205 -6.08 -39.66 -0.94
CA THR C 205 -6.13 -38.34 -0.36
C THR C 205 -6.40 -37.34 -1.49
N PHE C 206 -7.26 -36.34 -1.24
CA PHE C 206 -7.51 -35.30 -2.22
C PHE C 206 -7.52 -33.95 -1.53
N SER C 207 -6.55 -33.10 -1.84
CA SER C 207 -6.47 -31.77 -1.26
C SER C 207 -6.64 -30.65 -2.30
N VAL C 208 -7.50 -29.67 -1.99
CA VAL C 208 -7.76 -28.46 -2.77
C VAL C 208 -7.24 -27.36 -1.91
N HIS C 209 -6.37 -26.48 -2.45
CA HIS C 209 -5.76 -25.49 -1.55
C HIS C 209 -5.12 -24.42 -2.37
N HIS C 210 -4.63 -23.38 -1.71
CA HIS C 210 -3.82 -22.38 -2.37
C HIS C 210 -2.40 -22.90 -2.28
N ALA C 211 -1.58 -22.60 -3.29
CA ALA C 211 -0.15 -22.90 -3.29
C ALA C 211 0.52 -21.79 -4.07
N SER C 212 1.63 -21.24 -3.54
CA SER C 212 2.39 -20.16 -4.16
C SER C 212 3.74 -20.10 -3.44
N PRO C 213 4.79 -19.52 -4.04
CA PRO C 213 6.11 -19.57 -3.40
C PRO C 213 6.15 -18.90 -2.03
N GLY C 214 6.65 -19.62 -1.04
CA GLY C 214 6.74 -19.14 0.33
C GLY C 214 5.45 -19.35 1.12
N PHE C 215 4.40 -19.87 0.47
CA PHE C 215 3.13 -20.10 1.17
C PHE C 215 3.13 -21.45 1.87
N PHE C 216 2.83 -21.45 3.18
CA PHE C 216 2.81 -22.67 4.01
C PHE C 216 1.80 -23.73 3.50
N PRO C 217 2.12 -25.06 3.58
CA PRO C 217 3.39 -25.69 3.96
C PRO C 217 4.37 -25.84 2.79
N GLY C 218 3.94 -25.49 1.56
CA GLY C 218 4.79 -25.47 0.37
C GLY C 218 4.58 -26.61 -0.60
N THR C 219 3.87 -27.66 -0.17
CA THR C 219 3.64 -28.87 -0.97
C THR C 219 2.27 -28.81 -1.63
N GLY C 220 1.88 -29.91 -2.31
CA GLY C 220 0.61 -30.04 -3.01
C GLY C 220 0.61 -29.29 -4.33
N THR C 221 1.80 -29.08 -4.90
CA THR C 221 1.94 -28.38 -6.17
C THR C 221 3.02 -28.99 -7.10
N TRP C 222 3.35 -28.30 -8.20
CA TRP C 222 4.36 -28.75 -9.15
C TRP C 222 5.71 -28.92 -8.45
N ASN C 223 6.41 -30.01 -8.80
CA ASN C 223 7.71 -30.34 -8.22
C ASN C 223 8.86 -30.02 -9.18
N LYS C 229 13.48 -31.00 -18.04
CA LYS C 229 12.11 -31.42 -18.29
C LYS C 229 11.08 -30.59 -17.49
N LEU C 230 9.82 -30.57 -17.98
CA LEU C 230 8.68 -29.87 -17.38
C LEU C 230 8.42 -30.35 -15.95
N PRO C 231 7.92 -29.47 -15.04
CA PRO C 231 7.60 -29.94 -13.68
C PRO C 231 6.44 -30.91 -13.70
N ILE C 232 6.42 -31.80 -12.72
CA ILE C 232 5.38 -32.82 -12.57
C ILE C 232 4.79 -32.77 -11.17
N PHE C 233 3.62 -33.41 -10.98
CA PHE C 233 3.00 -33.55 -9.69
C PHE C 233 3.35 -34.93 -9.18
N LEU C 234 3.92 -34.99 -7.97
CA LEU C 234 4.17 -36.26 -7.31
C LEU C 234 2.77 -36.65 -6.78
N ASN C 235 2.44 -37.94 -6.79
CA ASN C 235 1.09 -38.38 -6.46
C ASN C 235 1.03 -39.72 -5.71
N GLY C 236 2.07 -40.01 -4.94
CA GLY C 236 2.16 -41.26 -4.20
C GLY C 236 3.27 -42.13 -4.75
N ALA C 237 3.73 -43.08 -3.95
CA ALA C 237 4.83 -43.94 -4.40
C ALA C 237 4.57 -45.41 -4.01
N GLY C 238 5.24 -46.32 -4.72
CA GLY C 238 5.12 -47.76 -4.52
C GLY C 238 3.69 -48.23 -4.75
N ARG C 239 3.11 -48.90 -3.74
CA ARG C 239 1.73 -49.36 -3.81
C ARG C 239 0.73 -48.18 -3.81
N GLY C 240 1.14 -47.04 -3.28
CA GLY C 240 0.29 -45.85 -3.22
C GLY C 240 0.44 -44.92 -4.43
N ARG C 241 1.14 -45.35 -5.49
CA ARG C 241 1.30 -44.49 -6.66
C ARG C 241 -0.08 -44.11 -7.21
N PHE C 242 -0.26 -42.81 -7.56
CA PHE C 242 -1.51 -42.24 -8.09
C PHE C 242 -2.62 -42.08 -7.01
N SER C 243 -2.33 -42.32 -5.72
CA SER C 243 -3.34 -42.24 -4.63
C SER C 243 -3.40 -40.89 -3.93
N ALA C 244 -2.47 -39.97 -4.23
CA ALA C 244 -2.44 -38.66 -3.58
C ALA C 244 -2.77 -37.59 -4.62
N PHE C 245 -3.96 -37.01 -4.50
CA PHE C 245 -4.45 -36.03 -5.47
C PHE C 245 -4.36 -34.65 -4.90
N ASN C 246 -3.98 -33.69 -5.76
CA ASN C 246 -3.84 -32.29 -5.38
C ASN C 246 -4.36 -31.37 -6.45
N LEU C 247 -5.02 -30.33 -6.01
CA LEU C 247 -5.51 -29.26 -6.89
C LEU C 247 -5.11 -27.92 -6.29
N PRO C 248 -3.93 -27.40 -6.65
CA PRO C 248 -3.54 -26.10 -6.14
C PRO C 248 -4.23 -25.00 -6.94
N LEU C 249 -4.78 -24.01 -6.25
CA LEU C 249 -5.47 -22.90 -6.94
C LEU C 249 -4.85 -21.55 -6.64
N GLU C 250 -4.97 -20.62 -7.58
CA GLU C 250 -4.45 -19.27 -7.40
C GLU C 250 -5.36 -18.49 -6.42
N GLU C 251 -4.83 -17.41 -5.84
CA GLU C 251 -5.66 -16.58 -4.96
C GLU C 251 -6.86 -15.94 -5.68
N GLY C 252 -7.89 -15.64 -4.88
CA GLY C 252 -9.08 -14.92 -5.31
C GLY C 252 -10.26 -15.77 -5.70
N ILE C 253 -10.15 -17.11 -5.62
CA ILE C 253 -11.25 -18.01 -6.02
C ILE C 253 -12.54 -17.77 -5.25
N ASN C 254 -13.68 -17.68 -5.96
CA ASN C 254 -14.99 -17.46 -5.33
C ASN C 254 -15.74 -18.78 -5.16
N ASP C 255 -16.95 -18.76 -4.61
CA ASP C 255 -17.72 -19.97 -4.29
C ASP C 255 -18.02 -20.81 -5.54
N LEU C 256 -18.57 -20.22 -6.61
CA LEU C 256 -18.94 -20.95 -7.83
C LEU C 256 -17.73 -21.57 -8.54
N ASP C 257 -16.64 -20.80 -8.69
CA ASP C 257 -15.45 -21.31 -9.37
C ASP C 257 -14.77 -22.43 -8.59
N TRP C 258 -14.71 -22.32 -7.24
CA TRP C 258 -14.13 -23.37 -6.37
C TRP C 258 -15.04 -24.61 -6.43
N SER C 259 -16.38 -24.40 -6.43
CA SER C 259 -17.42 -25.43 -6.49
C SER C 259 -17.32 -26.20 -7.79
N ASN C 260 -17.19 -25.47 -8.91
CA ASN C 260 -17.04 -26.08 -10.23
C ASN C 260 -15.65 -26.71 -10.38
N ALA C 261 -14.64 -26.21 -9.62
CA ALA C 261 -13.29 -26.76 -9.65
C ALA C 261 -13.28 -28.17 -9.04
N ILE C 262 -13.90 -28.34 -7.86
CA ILE C 262 -13.84 -29.63 -7.15
C ILE C 262 -14.99 -30.62 -7.33
N GLY C 263 -16.16 -30.09 -7.65
CA GLY C 263 -17.40 -30.85 -7.86
C GLY C 263 -17.22 -32.08 -8.73
N PRO C 264 -16.80 -31.94 -10.00
CA PRO C 264 -16.64 -33.12 -10.86
C PRO C 264 -15.53 -34.10 -10.43
N ILE C 265 -14.43 -33.59 -9.79
CA ILE C 265 -13.33 -34.44 -9.34
C ILE C 265 -13.86 -35.30 -8.19
N LEU C 266 -14.58 -34.67 -7.25
CA LEU C 266 -15.18 -35.35 -6.09
C LEU C 266 -16.08 -36.49 -6.55
N ASP C 267 -16.98 -36.23 -7.53
CA ASP C 267 -17.90 -37.26 -8.03
C ASP C 267 -17.15 -38.40 -8.75
N SER C 268 -16.13 -38.05 -9.54
CA SER C 268 -15.28 -39.00 -10.26
C SER C 268 -14.50 -39.85 -9.26
N LEU C 269 -13.98 -39.22 -8.16
CA LEU C 269 -13.26 -39.96 -7.12
C LEU C 269 -14.21 -40.97 -6.47
N ASN C 270 -15.46 -40.55 -6.18
CA ASN C 270 -16.45 -41.46 -5.60
C ASN C 270 -16.81 -42.61 -6.55
N ILE C 271 -17.00 -42.29 -7.85
CA ILE C 271 -17.34 -43.33 -8.87
C ILE C 271 -16.27 -44.41 -8.98
N VAL C 272 -15.00 -43.98 -9.08
CA VAL C 272 -13.87 -44.88 -9.28
C VAL C 272 -13.40 -45.58 -8.02
N ILE C 273 -13.14 -44.82 -6.94
CA ILE C 273 -12.65 -45.40 -5.70
CA ILE C 273 -12.65 -45.40 -5.70
C ILE C 273 -13.74 -46.20 -4.98
N GLN C 274 -15.00 -45.74 -5.04
CA GLN C 274 -16.12 -46.41 -4.35
C GLN C 274 -15.70 -46.53 -2.87
N PRO C 275 -15.36 -45.40 -2.19
CA PRO C 275 -14.91 -45.51 -0.79
C PRO C 275 -15.96 -46.07 0.18
N SER C 276 -15.53 -46.73 1.25
CA SER C 276 -16.40 -47.30 2.27
C SER C 276 -16.70 -46.22 3.28
N TYR C 277 -15.77 -45.24 3.41
CA TYR C 277 -15.85 -44.08 4.28
C TYR C 277 -15.26 -42.90 3.56
N VAL C 278 -15.77 -41.73 3.92
CA VAL C 278 -15.25 -40.45 3.43
C VAL C 278 -14.86 -39.64 4.69
N VAL C 279 -13.66 -39.05 4.69
CA VAL C 279 -13.22 -38.19 5.77
C VAL C 279 -13.04 -36.81 5.16
N VAL C 280 -13.73 -35.80 5.71
CA VAL C 280 -13.69 -34.44 5.17
C VAL C 280 -13.07 -33.47 6.19
N GLN C 281 -11.98 -32.78 5.82
CA GLN C 281 -11.40 -31.75 6.69
C GLN C 281 -12.03 -30.47 6.11
N CYS C 282 -12.74 -29.72 6.95
CA CYS C 282 -13.51 -28.55 6.50
C CYS C 282 -13.00 -27.24 7.14
N GLY C 283 -11.69 -27.02 7.03
CA GLY C 283 -11.00 -25.82 7.52
C GLY C 283 -11.62 -24.59 6.89
N ALA C 284 -12.00 -23.62 7.74
CA ALA C 284 -12.72 -22.40 7.35
C ALA C 284 -11.83 -21.27 6.86
N ASP C 285 -10.56 -21.52 6.63
CA ASP C 285 -9.65 -20.47 6.18
C ASP C 285 -9.80 -20.02 4.72
N CYS C 286 -10.74 -20.63 3.93
CA CYS C 286 -11.00 -20.20 2.55
C CYS C 286 -12.03 -19.12 2.54
N LEU C 287 -12.64 -18.78 3.71
CA LEU C 287 -13.63 -17.70 3.76
C LEU C 287 -13.00 -16.39 3.38
N ALA C 288 -13.75 -15.56 2.67
CA ALA C 288 -13.32 -14.25 2.18
C ALA C 288 -12.92 -13.33 3.33
N THR C 289 -13.51 -13.56 4.50
CA THR C 289 -13.27 -12.76 5.71
C THR C 289 -12.17 -13.41 6.63
N ASP C 290 -11.58 -14.53 6.20
CA ASP C 290 -10.45 -15.10 6.95
C ASP C 290 -9.24 -14.10 6.88
N PRO C 291 -8.44 -13.88 7.97
CA PRO C 291 -7.29 -12.95 7.86
C PRO C 291 -6.25 -13.34 6.82
N HIS C 292 -6.21 -14.61 6.34
CA HIS C 292 -5.26 -14.99 5.26
C HIS C 292 -5.59 -14.17 4.03
N ARG C 293 -6.89 -13.88 3.83
CA ARG C 293 -7.42 -13.05 2.72
C ARG C 293 -6.93 -13.61 1.38
N ILE C 294 -7.12 -14.94 1.19
CA ILE C 294 -6.64 -15.57 -0.05
C ILE C 294 -7.80 -16.00 -0.95
N PHE C 295 -8.65 -16.94 -0.50
CA PHE C 295 -9.82 -17.32 -1.27
C PHE C 295 -11.00 -16.42 -0.85
N ARG C 296 -12.07 -16.46 -1.64
CA ARG C 296 -13.21 -15.60 -1.40
C ARG C 296 -14.47 -16.43 -1.24
N LEU C 297 -14.38 -17.51 -0.46
CA LEU C 297 -15.55 -18.37 -0.22
C LEU C 297 -16.47 -17.72 0.82
N THR C 298 -17.76 -18.16 0.86
CA THR C 298 -18.71 -17.64 1.82
C THR C 298 -19.38 -18.82 2.55
N ASN C 299 -20.32 -18.51 3.44
CA ASN C 299 -21.20 -19.47 4.12
C ASN C 299 -22.63 -19.22 3.58
N PHE C 300 -22.77 -18.54 2.40
CA PHE C 300 -24.09 -18.23 1.84
C PHE C 300 -24.91 -19.43 1.44
N TYR C 301 -26.18 -19.37 1.79
CA TYR C 301 -27.12 -20.44 1.49
C TYR C 301 -28.35 -19.78 0.85
N PRO C 302 -28.27 -19.45 -0.46
CA PRO C 302 -29.39 -18.74 -1.11
C PRO C 302 -30.68 -19.54 -1.17
N CYS C 314 -26.72 -14.71 -5.81
CA CYS C 314 -25.66 -15.20 -4.93
C CYS C 314 -25.48 -16.68 -5.12
N SER C 315 -24.23 -17.11 -5.24
CA SER C 315 -23.97 -18.53 -5.41
C SER C 315 -24.01 -19.25 -4.05
N LEU C 316 -24.23 -20.55 -4.08
CA LEU C 316 -24.17 -21.33 -2.86
C LEU C 316 -22.69 -21.38 -2.41
N SER C 317 -22.45 -21.22 -1.11
CA SER C 317 -21.16 -21.40 -0.46
C SER C 317 -20.46 -22.63 -1.06
N GLY C 318 -19.21 -22.45 -1.48
CA GLY C 318 -18.41 -23.55 -1.98
C GLY C 318 -18.40 -24.74 -1.03
N TYR C 319 -18.19 -24.45 0.26
CA TYR C 319 -18.16 -25.46 1.33
C TYR C 319 -19.44 -26.27 1.41
N LEU C 320 -20.60 -25.57 1.38
CA LEU C 320 -21.89 -26.25 1.50
C LEU C 320 -22.14 -27.08 0.23
N TYR C 321 -21.70 -26.55 -0.89
CA TYR C 321 -21.84 -27.24 -2.16
C TYR C 321 -21.04 -28.57 -2.11
N ALA C 322 -19.78 -28.53 -1.66
CA ALA C 322 -18.95 -29.73 -1.60
C ALA C 322 -19.50 -30.72 -0.56
N ILE C 323 -19.92 -30.24 0.63
CA ILE C 323 -20.46 -31.12 1.69
C ILE C 323 -21.77 -31.79 1.22
N LYS C 324 -22.66 -31.01 0.59
CA LYS C 324 -23.92 -31.56 0.04
C LYS C 324 -23.60 -32.64 -0.99
N LYS C 325 -22.66 -32.36 -1.89
CA LYS C 325 -22.20 -33.34 -2.89
C LYS C 325 -21.67 -34.63 -2.23
N ILE C 326 -20.80 -34.49 -1.22
CA ILE C 326 -20.22 -35.63 -0.51
C ILE C 326 -21.32 -36.45 0.16
N LEU C 327 -22.21 -35.76 0.86
CA LEU C 327 -23.33 -36.43 1.55
C LEU C 327 -24.34 -37.11 0.62
N SER C 328 -24.47 -36.62 -0.65
CA SER C 328 -25.39 -37.21 -1.64
C SER C 328 -24.96 -38.66 -1.99
N TRP C 329 -23.68 -39.03 -1.72
CA TRP C 329 -23.18 -40.36 -2.03
C TRP C 329 -23.66 -41.42 -1.06
N LYS C 330 -24.16 -40.98 0.14
CA LYS C 330 -24.69 -41.84 1.21
C LYS C 330 -23.59 -42.82 1.72
N VAL C 331 -22.35 -42.32 1.78
CA VAL C 331 -21.20 -43.08 2.29
C VAL C 331 -20.94 -42.61 3.73
N PRO C 332 -20.76 -43.49 4.74
CA PRO C 332 -20.48 -42.99 6.11
C PRO C 332 -19.33 -41.97 6.06
N THR C 333 -19.50 -40.80 6.65
CA THR C 333 -18.57 -39.69 6.55
C THR C 333 -18.20 -39.08 7.88
N LEU C 334 -16.98 -38.67 8.00
CA LEU C 334 -16.49 -37.94 9.14
C LEU C 334 -16.22 -36.55 8.60
N ILE C 335 -16.77 -35.54 9.30
CA ILE C 335 -16.58 -34.15 8.95
C ILE C 335 -15.76 -33.50 10.05
N LEU C 336 -14.58 -32.96 9.68
CA LEU C 336 -13.63 -32.41 10.63
C LEU C 336 -13.42 -30.92 10.41
N GLY C 337 -12.98 -30.24 11.47
CA GLY C 337 -12.72 -28.81 11.43
C GLY C 337 -11.37 -28.58 10.80
N GLY C 338 -10.61 -27.67 11.36
CA GLY C 338 -9.30 -27.34 10.84
C GLY C 338 -8.99 -25.88 11.04
N GLY C 339 -8.39 -25.25 10.02
CA GLY C 339 -8.01 -23.85 10.08
C GLY C 339 -9.18 -22.90 10.09
N GLY C 340 -8.90 -21.64 10.40
CA GLY C 340 -9.89 -20.57 10.46
C GLY C 340 -9.63 -19.67 11.64
N TYR C 341 -8.99 -18.51 11.37
CA TYR C 341 -8.57 -17.52 12.35
C TYR C 341 -9.61 -16.49 12.72
N ASN C 342 -10.69 -16.36 11.95
CA ASN C 342 -11.79 -15.44 12.22
C ASN C 342 -12.81 -16.33 12.97
N PHE C 343 -12.80 -16.31 14.32
CA PHE C 343 -13.64 -17.26 15.06
C PHE C 343 -15.15 -17.16 14.82
N PRO C 344 -15.76 -15.96 14.84
CA PRO C 344 -17.21 -15.88 14.60
C PRO C 344 -17.59 -16.33 13.17
N ASP C 345 -16.75 -16.00 12.15
CA ASP C 345 -17.05 -16.45 10.78
C ASP C 345 -16.85 -17.93 10.59
N THR C 346 -15.90 -18.51 11.32
CA THR C 346 -15.73 -19.97 11.32
C THR C 346 -17.00 -20.62 11.93
N ALA C 347 -17.47 -20.11 13.08
CA ALA C 347 -18.71 -20.60 13.71
C ALA C 347 -19.91 -20.46 12.75
N ARG C 348 -20.01 -19.30 12.04
CA ARG C 348 -21.09 -19.06 11.06
C ARG C 348 -21.10 -20.14 9.96
N LEU C 349 -19.90 -20.47 9.43
CA LEU C 349 -19.76 -21.50 8.39
C LEU C 349 -20.11 -22.89 8.95
N TRP C 350 -19.44 -23.27 10.04
CA TRP C 350 -19.63 -24.57 10.66
C TRP C 350 -21.02 -24.88 11.14
N THR C 351 -21.77 -23.83 11.53
CA THR C 351 -23.18 -23.98 11.92
C THR C 351 -23.99 -24.35 10.70
N ARG C 352 -23.76 -23.68 9.54
CA ARG C 352 -24.49 -23.98 8.30
C ARG C 352 -24.12 -25.36 7.79
N VAL C 353 -22.83 -25.78 7.94
CA VAL C 353 -22.40 -27.14 7.53
C VAL C 353 -23.17 -28.15 8.42
N THR C 354 -23.27 -27.86 9.73
CA THR C 354 -23.97 -28.76 10.66
C THR C 354 -25.44 -28.92 10.27
N ALA C 355 -26.12 -27.80 10.00
CA ALA C 355 -27.54 -27.78 9.64
C ALA C 355 -27.76 -28.51 8.32
N LEU C 356 -26.86 -28.32 7.35
CA LEU C 356 -26.93 -29.00 6.04
C LEU C 356 -26.76 -30.50 6.22
N THR C 357 -25.85 -30.91 7.11
CA THR C 357 -25.63 -32.31 7.41
C THR C 357 -26.89 -32.96 7.97
N ILE C 358 -27.57 -32.30 8.91
CA ILE C 358 -28.84 -32.79 9.49
C ILE C 358 -29.87 -32.93 8.37
N GLU C 359 -29.99 -31.90 7.48
CA GLU C 359 -30.98 -31.91 6.40
C GLU C 359 -30.78 -33.09 5.45
N GLU C 360 -29.54 -33.24 4.96
CA GLU C 360 -29.14 -34.26 3.99
C GLU C 360 -29.30 -35.67 4.50
N VAL C 361 -28.89 -35.91 5.74
CA VAL C 361 -28.93 -37.25 6.34
C VAL C 361 -30.34 -37.60 6.84
N LYS C 362 -30.93 -36.73 7.67
CA LYS C 362 -32.24 -36.98 8.26
C LYS C 362 -33.44 -36.67 7.34
N GLY C 363 -33.23 -35.86 6.30
CA GLY C 363 -34.30 -35.42 5.40
C GLY C 363 -35.21 -34.42 6.10
N LYS C 364 -34.71 -33.81 7.17
CA LYS C 364 -35.44 -32.87 8.03
C LYS C 364 -35.02 -31.46 7.68
N LYS C 365 -35.97 -30.60 7.24
CA LYS C 365 -35.69 -29.20 6.92
C LYS C 365 -35.15 -28.47 8.13
N MET C 366 -33.99 -27.84 7.98
CA MET C 366 -33.39 -27.04 9.04
C MET C 366 -33.43 -25.59 8.53
N THR C 367 -34.16 -24.73 9.22
CA THR C 367 -34.24 -23.32 8.85
C THR C 367 -33.47 -22.55 9.89
N ILE C 368 -32.48 -21.81 9.44
CA ILE C 368 -31.65 -21.03 10.34
C ILE C 368 -32.06 -19.56 10.15
N SER C 369 -32.41 -18.86 11.24
CA SER C 369 -32.74 -17.44 11.17
C SER C 369 -31.52 -16.65 10.64
N PRO C 370 -31.72 -15.61 9.80
CA PRO C 370 -30.56 -14.80 9.35
C PRO C 370 -29.93 -13.98 10.49
N GLU C 371 -30.67 -13.77 11.60
CA GLU C 371 -30.17 -13.07 12.77
C GLU C 371 -29.58 -14.09 13.76
N ILE C 372 -28.38 -13.81 14.28
CA ILE C 372 -27.76 -14.68 15.30
C ILE C 372 -28.69 -14.73 16.53
N PRO C 373 -29.02 -15.93 17.06
CA PRO C 373 -29.87 -15.98 18.25
C PRO C 373 -29.13 -15.56 19.50
N GLU C 374 -29.90 -15.20 20.52
CA GLU C 374 -29.40 -14.85 21.82
C GLU C 374 -28.60 -16.05 22.37
N HIS C 375 -27.38 -15.79 22.85
CA HIS C 375 -26.51 -16.75 23.54
C HIS C 375 -25.35 -15.95 24.14
N SER C 376 -24.60 -16.52 25.10
CA SER C 376 -23.51 -15.80 25.78
C SER C 376 -22.39 -15.25 24.86
N TYR C 377 -22.24 -15.79 23.62
CA TYR C 377 -21.26 -15.26 22.65
C TYR C 377 -21.91 -14.37 21.57
N PHE C 378 -23.17 -13.93 21.78
CA PHE C 378 -23.88 -13.09 20.79
C PHE C 378 -23.07 -11.83 20.40
N SER C 379 -22.47 -11.12 21.39
CA SER C 379 -21.66 -9.89 21.19
C SER C 379 -20.45 -10.10 20.24
N ARG C 380 -20.01 -11.35 20.05
CA ARG C 380 -18.87 -11.66 19.16
C ARG C 380 -19.26 -11.59 17.68
N TYR C 381 -20.57 -11.56 17.35
CA TYR C 381 -21.08 -11.53 15.97
C TYR C 381 -21.41 -10.15 15.42
N GLY C 382 -20.92 -9.10 16.08
CA GLY C 382 -21.13 -7.74 15.65
C GLY C 382 -20.29 -7.32 14.46
N PRO C 383 -20.54 -6.14 13.83
CA PRO C 383 -21.60 -5.17 14.14
C PRO C 383 -22.97 -5.54 13.58
N ASP C 384 -23.04 -6.53 12.65
CA ASP C 384 -24.29 -6.93 11.99
C ASP C 384 -25.15 -7.92 12.80
N PHE C 385 -24.54 -8.84 13.56
CA PHE C 385 -25.26 -9.89 14.32
C PHE C 385 -26.14 -10.78 13.38
N GLU C 386 -25.64 -11.00 12.18
CA GLU C 386 -26.28 -11.82 11.16
C GLU C 386 -25.48 -13.07 10.91
N LEU C 387 -26.16 -14.12 10.46
CA LEU C 387 -25.47 -15.39 10.16
C LEU C 387 -24.57 -15.33 8.91
N ASP C 388 -24.99 -14.63 7.84
CA ASP C 388 -24.17 -14.54 6.62
C ASP C 388 -22.91 -13.77 6.95
N ILE C 389 -21.76 -14.22 6.43
CA ILE C 389 -20.51 -13.47 6.62
C ILE C 389 -20.62 -12.06 5.99
N ASP C 390 -19.87 -11.10 6.55
CA ASP C 390 -19.89 -9.70 6.11
C ASP C 390 -18.95 -9.50 4.91
N TYR C 391 -19.39 -9.98 3.74
CA TYR C 391 -18.63 -9.90 2.49
C TYR C 391 -19.61 -9.72 1.36
N PHE C 392 -19.21 -8.93 0.35
CA PHE C 392 -20.03 -8.59 -0.80
C PHE C 392 -19.36 -9.16 -2.06
N PRO C 393 -19.76 -10.38 -2.49
CA PRO C 393 -19.10 -11.02 -3.65
C PRO C 393 -19.25 -10.21 -4.94
N HIS C 394 -18.14 -10.02 -5.65
CA HIS C 394 -18.16 -9.15 -6.83
C HIS C 394 -17.38 -9.68 -8.02
N THR C 400 -11.93 -16.07 -18.18
CA THR C 400 -11.51 -16.92 -19.29
C THR C 400 -10.16 -17.63 -19.07
N LEU C 401 -9.12 -16.85 -18.76
CA LEU C 401 -7.77 -17.36 -18.60
C LEU C 401 -7.52 -18.19 -17.36
N ASP C 402 -8.14 -17.83 -16.21
CA ASP C 402 -7.98 -18.45 -14.88
C ASP C 402 -8.60 -19.87 -14.70
N SER C 403 -8.99 -20.53 -15.80
CA SER C 403 -9.59 -21.87 -15.75
C SER C 403 -8.56 -22.94 -15.39
N ILE C 404 -9.05 -24.12 -15.00
CA ILE C 404 -8.18 -25.22 -14.55
C ILE C 404 -8.51 -26.51 -15.26
N GLN C 405 -9.01 -26.39 -16.50
CA GLN C 405 -9.35 -27.58 -17.30
C GLN C 405 -8.15 -28.53 -17.53
N LYS C 406 -6.91 -28.02 -17.61
CA LYS C 406 -5.77 -28.96 -17.73
C LYS C 406 -5.50 -29.75 -16.42
N HIS C 407 -5.90 -29.19 -15.24
CA HIS C 407 -5.76 -29.86 -13.95
C HIS C 407 -6.81 -30.96 -13.92
N HIS C 408 -8.01 -30.67 -14.48
CA HIS C 408 -9.09 -31.67 -14.58
C HIS C 408 -8.61 -32.86 -15.40
N ARG C 409 -7.98 -32.61 -16.56
CA ARG C 409 -7.45 -33.66 -17.45
C ARG C 409 -6.31 -34.45 -16.78
N ARG C 410 -5.45 -33.73 -16.07
CA ARG C 410 -4.31 -34.32 -15.34
C ARG C 410 -4.83 -35.19 -14.17
N ILE C 411 -5.82 -34.69 -13.41
CA ILE C 411 -6.37 -35.43 -12.27
C ILE C 411 -7.11 -36.68 -12.74
N LEU C 412 -7.85 -36.57 -13.85
CA LEU C 412 -8.59 -37.71 -14.40
C LEU C 412 -7.67 -38.78 -14.97
N GLU C 413 -6.53 -38.37 -15.58
CA GLU C 413 -5.53 -39.33 -16.09
C GLU C 413 -4.95 -40.06 -14.88
N GLN C 414 -4.67 -39.33 -13.79
CA GLN C 414 -4.14 -39.93 -12.57
C GLN C 414 -5.17 -40.92 -11.98
N LEU C 415 -6.47 -40.59 -12.05
CA LEU C 415 -7.52 -41.49 -11.54
C LEU C 415 -7.60 -42.79 -12.37
N ARG C 416 -7.47 -42.70 -13.70
CA ARG C 416 -7.45 -43.89 -14.57
C ARG C 416 -6.19 -44.72 -14.25
N ASN C 417 -5.04 -44.05 -13.98
CA ASN C 417 -3.78 -44.68 -13.59
C ASN C 417 -3.92 -45.40 -12.25
N TYR C 418 -4.57 -44.77 -11.27
CA TYR C 418 -4.86 -45.39 -9.96
C TYR C 418 -5.70 -46.68 -10.14
N ALA C 419 -6.78 -46.60 -10.95
CA ALA C 419 -7.71 -47.69 -11.23
C ALA C 419 -7.03 -48.87 -11.93
N ASP C 420 -6.10 -48.61 -12.90
CA ASP C 420 -5.34 -49.64 -13.62
C ASP C 420 -4.42 -50.38 -12.66
N LEU C 421 -3.61 -49.64 -11.89
CA LEU C 421 -2.69 -50.19 -10.90
C LEU C 421 -3.38 -51.05 -9.84
N ASN C 422 -4.54 -50.60 -9.36
CA ASN C 422 -5.29 -51.26 -8.30
C ASN C 422 -6.36 -52.24 -8.79
N LYS C 423 -6.39 -52.51 -10.13
CA LYS C 423 -7.34 -53.43 -10.79
C LYS C 423 -8.81 -53.11 -10.43
N LEU C 424 -9.16 -51.80 -10.43
CA LEU C 424 -10.52 -51.38 -10.16
C LEU C 424 -11.22 -51.07 -11.47
N ILE C 425 -12.54 -51.21 -11.51
CA ILE C 425 -13.32 -50.87 -12.67
C ILE C 425 -13.26 -49.32 -12.86
N TYR C 426 -12.79 -48.87 -14.04
CA TYR C 426 -12.77 -47.46 -14.39
C TYR C 426 -13.94 -47.29 -15.35
N ASP C 427 -15.08 -46.80 -14.83
CA ASP C 427 -16.29 -46.63 -15.62
C ASP C 427 -16.23 -45.33 -16.42
N TYR C 428 -15.61 -45.40 -17.61
CA TYR C 428 -15.44 -44.24 -18.50
C TYR C 428 -16.78 -43.56 -18.82
N ASP C 429 -17.81 -44.33 -19.19
CA ASP C 429 -19.14 -43.81 -19.53
C ASP C 429 -19.74 -42.92 -18.44
N GLN C 430 -19.70 -43.38 -17.18
CA GLN C 430 -20.22 -42.62 -16.04
C GLN C 430 -19.42 -41.35 -15.77
N VAL C 431 -18.07 -41.44 -15.82
CA VAL C 431 -17.20 -40.26 -15.61
C VAL C 431 -17.44 -39.28 -16.78
N TYR C 432 -17.51 -39.80 -18.03
CA TYR C 432 -17.78 -38.99 -19.23
C TYR C 432 -19.08 -38.22 -19.07
N GLN C 433 -20.17 -38.94 -18.73
CA GLN C 433 -21.50 -38.32 -18.54
C GLN C 433 -21.47 -37.23 -17.47
N LEU C 434 -20.73 -37.48 -16.39
CA LEU C 434 -20.49 -36.58 -15.26
C LEU C 434 -19.91 -35.24 -15.82
N TYR C 435 -18.77 -35.30 -16.55
CA TYR C 435 -18.13 -34.11 -17.14
C TYR C 435 -18.93 -33.52 -18.31
N ASN C 436 -19.64 -34.37 -19.08
CA ASN C 436 -20.47 -33.90 -20.21
C ASN C 436 -21.65 -33.00 -19.79
N LEU C 437 -22.03 -33.04 -18.50
CA LEU C 437 -23.09 -32.18 -17.96
C LEU C 437 -22.70 -30.69 -18.10
N THR C 438 -21.38 -30.38 -18.07
CA THR C 438 -20.83 -29.02 -18.20
C THR C 438 -20.12 -28.76 -19.54
N GLY C 439 -20.21 -29.74 -20.45
CA GLY C 439 -19.58 -29.67 -21.77
C GLY C 439 -18.09 -29.95 -21.76
N MET C 440 -17.61 -30.62 -20.70
CA MET C 440 -16.20 -30.98 -20.50
C MET C 440 -15.92 -32.50 -20.62
N GLY C 441 -16.74 -33.22 -21.38
CA GLY C 441 -16.58 -34.66 -21.60
C GLY C 441 -15.26 -35.05 -22.25
N SER C 442 -14.72 -34.17 -23.11
CA SER C 442 -13.46 -34.35 -23.83
C SER C 442 -12.25 -34.44 -22.89
N LEU C 443 -12.40 -33.98 -21.65
CA LEU C 443 -11.33 -34.00 -20.65
C LEU C 443 -11.16 -35.39 -20.07
N VAL C 444 -12.22 -36.23 -20.17
CA VAL C 444 -12.23 -37.59 -19.62
C VAL C 444 -11.37 -38.56 -20.48
N PRO C 445 -10.32 -39.22 -19.92
CA PRO C 445 -9.55 -40.16 -20.75
C PRO C 445 -10.18 -41.56 -20.77
N ARG C 446 -9.90 -42.36 -21.83
CA ARG C 446 -10.45 -43.72 -21.94
C ARG C 446 -9.65 -44.77 -21.18
N SER D 2 21.44 -21.47 22.26
CA SER D 2 21.86 -22.63 21.48
C SER D 2 22.49 -22.18 20.15
N VAL D 3 23.06 -23.13 19.39
CA VAL D 3 23.57 -22.81 18.05
C VAL D 3 22.51 -23.34 17.09
N GLY D 4 21.92 -22.43 16.32
CA GLY D 4 20.89 -22.74 15.34
C GLY D 4 21.48 -23.06 13.98
N ILE D 5 20.75 -23.85 13.20
CA ILE D 5 21.10 -24.18 11.84
C ILE D 5 19.84 -24.32 11.00
N VAL D 6 19.87 -23.68 9.84
CA VAL D 6 18.71 -23.69 8.92
C VAL D 6 18.76 -24.95 8.09
N TYR D 7 17.71 -25.77 8.21
CA TYR D 7 17.50 -26.94 7.39
C TYR D 7 16.07 -27.40 7.42
N GLY D 8 15.74 -28.24 6.46
CA GLY D 8 14.42 -28.83 6.27
C GLY D 8 14.43 -29.63 5.01
N ASP D 9 13.46 -30.53 4.87
CA ASP D 9 13.35 -31.42 3.71
C ASP D 9 13.06 -30.63 2.44
N GLN D 10 12.07 -29.73 2.48
CA GLN D 10 11.74 -28.88 1.32
C GLN D 10 12.88 -27.93 1.01
N TYR D 11 13.51 -27.39 2.07
CA TYR D 11 14.61 -26.41 1.96
C TYR D 11 15.79 -27.05 1.26
N ARG D 12 16.10 -28.30 1.63
CA ARG D 12 17.21 -29.05 1.02
C ARG D 12 16.94 -29.25 -0.49
N GLN D 13 15.72 -29.67 -0.89
CA GLN D 13 15.35 -29.85 -2.30
C GLN D 13 15.49 -28.53 -3.07
N LEU D 14 15.08 -27.40 -2.47
CA LEU D 14 15.19 -26.09 -3.11
C LEU D 14 16.60 -25.57 -3.27
N CYS D 15 17.44 -25.66 -2.19
CA CYS D 15 18.84 -25.26 -2.23
C CYS D 15 19.67 -26.12 -3.20
N CYS D 16 19.18 -27.34 -3.53
CA CYS D 16 19.85 -28.26 -4.47
C CYS D 16 19.27 -28.23 -5.89
N SER D 17 18.37 -27.29 -6.18
CA SER D 17 17.67 -27.28 -7.48
C SER D 17 18.27 -26.39 -8.55
N SER D 18 19.39 -25.69 -8.26
CA SER D 18 20.01 -24.76 -9.23
C SER D 18 21.06 -25.42 -10.15
N PRO D 19 21.19 -24.98 -11.42
CA PRO D 19 22.20 -25.58 -12.31
C PRO D 19 23.63 -25.21 -11.92
N LYS D 20 23.85 -24.10 -11.19
CA LYS D 20 25.18 -23.65 -10.80
C LYS D 20 25.68 -24.29 -9.50
N PHE D 21 24.83 -24.37 -8.48
CA PHE D 21 25.27 -24.93 -7.19
C PHE D 21 24.87 -26.39 -6.97
N GLY D 22 24.11 -26.95 -7.90
CA GLY D 22 23.65 -28.33 -7.89
C GLY D 22 23.38 -28.88 -6.51
N ASP D 23 24.07 -29.96 -6.12
CA ASP D 23 23.89 -30.60 -4.83
C ASP D 23 24.82 -30.16 -3.69
N ARG D 24 25.52 -29.02 -3.84
CA ARG D 24 26.45 -28.51 -2.80
C ARG D 24 25.85 -28.48 -1.39
N TYR D 25 24.62 -27.93 -1.24
CA TYR D 25 23.95 -27.84 0.06
C TYR D 25 23.77 -29.20 0.70
N ALA D 26 23.43 -30.22 -0.11
CA ALA D 26 23.25 -31.58 0.42
C ALA D 26 24.57 -32.15 0.91
N LEU D 27 25.69 -31.86 0.21
CA LEU D 27 27.03 -32.33 0.64
C LEU D 27 27.40 -31.69 1.98
N VAL D 28 27.14 -30.37 2.11
CA VAL D 28 27.40 -29.63 3.34
C VAL D 28 26.63 -30.22 4.53
N MET D 29 25.30 -30.28 4.43
CA MET D 29 24.48 -30.79 5.54
C MET D 29 24.71 -32.26 5.84
N ASP D 30 24.93 -33.09 4.80
CA ASP D 30 25.22 -34.53 5.01
C ASP D 30 26.58 -34.74 5.70
N LEU D 31 27.59 -33.89 5.42
CA LEU D 31 28.88 -34.03 6.12
C LEU D 31 28.74 -33.59 7.60
N ILE D 32 27.99 -32.52 7.87
CA ILE D 32 27.69 -32.04 9.23
C ILE D 32 26.94 -33.16 9.98
N ASN D 33 26.03 -33.83 9.25
CA ASN D 33 25.25 -34.94 9.81
C ASN D 33 26.14 -36.17 10.03
N ALA D 34 27.02 -36.49 9.05
CA ALA D 34 28.01 -37.57 9.07
C ALA D 34 28.93 -37.42 10.29
N TYR D 35 29.26 -36.17 10.69
CA TYR D 35 30.11 -35.89 11.87
C TYR D 35 29.36 -35.81 13.21
N LYS D 36 28.06 -36.17 13.22
CA LYS D 36 27.22 -36.23 14.43
C LYS D 36 27.06 -34.86 15.12
N LEU D 37 27.11 -33.78 14.32
CA LEU D 37 26.95 -32.41 14.82
C LEU D 37 25.48 -32.01 14.93
N ILE D 38 24.59 -32.62 14.14
CA ILE D 38 23.15 -32.29 14.14
C ILE D 38 22.49 -32.37 15.56
N PRO D 39 22.71 -33.41 16.40
CA PRO D 39 22.12 -33.39 17.77
C PRO D 39 22.59 -32.23 18.68
N GLU D 40 23.70 -31.54 18.31
CA GLU D 40 24.22 -30.40 19.08
C GLU D 40 23.56 -29.09 18.67
N LEU D 41 22.89 -29.11 17.51
CA LEU D 41 22.30 -27.94 16.90
C LEU D 41 20.77 -27.86 16.97
N SER D 42 20.25 -26.63 17.07
CA SER D 42 18.84 -26.31 17.08
C SER D 42 18.38 -26.13 15.63
N ARG D 43 17.49 -27.01 15.10
CA ARG D 43 17.04 -26.79 13.72
C ARG D 43 16.19 -25.52 13.68
N VAL D 44 16.55 -24.60 12.79
CA VAL D 44 15.80 -23.37 12.57
C VAL D 44 15.02 -23.58 11.27
N PRO D 45 13.69 -23.67 11.36
CA PRO D 45 12.92 -23.89 10.13
C PRO D 45 12.83 -22.64 9.26
N PRO D 46 12.92 -22.78 7.93
CA PRO D 46 12.76 -21.60 7.05
C PRO D 46 11.41 -20.92 7.25
N LEU D 47 11.39 -19.58 7.15
CA LEU D 47 10.16 -18.79 7.31
C LEU D 47 9.21 -19.05 6.16
N GLN D 48 7.92 -19.20 6.48
CA GLN D 48 6.86 -19.34 5.49
C GLN D 48 5.84 -18.26 5.78
N TRP D 49 5.11 -17.82 4.75
CA TRP D 49 4.16 -16.72 4.87
C TRP D 49 2.71 -17.11 4.79
N ASP D 50 1.84 -16.23 5.36
CA ASP D 50 0.39 -16.37 5.44
C ASP D 50 -0.28 -16.13 4.12
N SER D 51 0.40 -15.44 3.18
CA SER D 51 -0.20 -15.11 1.90
C SER D 51 0.84 -14.63 0.90
N PRO D 52 0.51 -14.63 -0.42
CA PRO D 52 1.40 -14.02 -1.42
C PRO D 52 1.72 -12.55 -1.10
N SER D 53 0.73 -11.77 -0.59
CA SER D 53 0.95 -10.35 -0.21
C SER D 53 1.98 -10.23 0.91
N ARG D 54 1.94 -11.14 1.90
CA ARG D 54 2.92 -11.11 3.01
C ARG D 54 4.31 -11.50 2.54
N MET D 55 4.40 -12.40 1.57
CA MET D 55 5.70 -12.77 0.97
C MET D 55 6.25 -11.55 0.22
N TYR D 56 5.39 -10.87 -0.59
CA TYR D 56 5.81 -9.66 -1.32
C TYR D 56 6.27 -8.54 -0.39
N GLU D 57 5.54 -8.27 0.71
CA GLU D 57 5.89 -7.26 1.73
C GLU D 57 7.28 -7.53 2.31
N ALA D 58 7.60 -8.81 2.60
CA ALA D 58 8.92 -9.15 3.13
C ALA D 58 10.05 -8.98 2.10
N VAL D 59 9.84 -9.45 0.85
CA VAL D 59 10.90 -9.38 -0.17
C VAL D 59 11.13 -7.95 -0.67
N THR D 60 10.03 -7.19 -0.79
CA THR D 60 10.03 -5.79 -1.24
C THR D 60 10.50 -4.80 -0.19
N ALA D 61 10.92 -5.29 1.00
CA ALA D 61 11.52 -4.43 2.03
C ALA D 61 12.85 -3.93 1.41
N PHE D 62 13.39 -4.69 0.40
CA PHE D 62 14.58 -4.33 -0.35
C PHE D 62 14.36 -4.30 -1.87
N HIS D 63 13.89 -5.43 -2.44
CA HIS D 63 13.75 -5.56 -3.90
C HIS D 63 12.53 -4.81 -4.41
N SER D 64 12.55 -4.33 -5.65
CA SER D 64 11.38 -3.66 -6.21
C SER D 64 10.33 -4.70 -6.57
N THR D 65 9.05 -4.30 -6.58
CA THR D 65 7.96 -5.21 -6.91
C THR D 65 8.12 -5.74 -8.33
N GLU D 66 8.45 -4.86 -9.29
CA GLU D 66 8.66 -5.21 -10.70
C GLU D 66 9.75 -6.27 -10.87
N TYR D 67 10.82 -6.19 -10.06
CA TYR D 67 11.91 -7.18 -10.08
C TYR D 67 11.40 -8.53 -9.58
N VAL D 68 10.69 -8.53 -8.44
CA VAL D 68 10.10 -9.75 -7.90
C VAL D 68 9.12 -10.34 -8.92
N ASP D 69 8.28 -9.48 -9.55
CA ASP D 69 7.30 -9.93 -10.55
C ASP D 69 8.03 -10.62 -11.72
N ALA D 70 9.14 -10.01 -12.21
CA ALA D 70 9.95 -10.54 -13.32
C ALA D 70 10.60 -11.87 -12.98
N LEU D 71 11.09 -12.01 -11.73
CA LEU D 71 11.74 -13.26 -11.29
C LEU D 71 10.71 -14.39 -11.14
N LYS D 72 9.50 -14.05 -10.69
CA LYS D 72 8.43 -15.04 -10.57
C LYS D 72 7.97 -15.42 -12.00
N LYS D 73 7.86 -14.42 -12.92
CA LYS D 73 7.47 -14.69 -14.31
C LYS D 73 8.54 -15.56 -14.99
N LEU D 74 9.84 -15.36 -14.66
CA LEU D 74 10.97 -16.13 -15.20
C LEU D 74 10.83 -17.62 -14.84
N GLN D 75 10.50 -17.93 -13.57
CA GLN D 75 10.26 -19.31 -13.15
C GLN D 75 9.07 -19.90 -13.94
N MET D 76 7.97 -19.17 -14.00
CA MET D 76 6.76 -19.60 -14.73
C MET D 76 7.11 -19.94 -16.19
N LEU D 77 7.85 -19.05 -16.86
CA LEU D 77 8.22 -19.23 -18.27
C LEU D 77 9.16 -20.42 -18.49
N HIS D 78 10.07 -20.68 -17.51
CA HIS D 78 11.00 -21.79 -17.54
C HIS D 78 10.34 -23.11 -17.16
N CYS D 79 9.04 -23.07 -16.76
CA CYS D 79 8.23 -24.25 -16.42
C CYS D 79 7.36 -24.70 -17.58
N GLU D 80 7.52 -24.06 -18.75
CA GLU D 80 6.81 -24.35 -20.01
C GLU D 80 7.83 -24.61 -21.13
N GLU D 81 7.52 -25.56 -22.04
CA GLU D 81 8.41 -25.97 -23.15
C GLU D 81 8.71 -24.87 -24.17
N LYS D 82 7.69 -24.04 -24.51
CA LYS D 82 7.81 -22.93 -25.45
C LYS D 82 8.78 -21.90 -24.90
N GLU D 83 9.72 -21.43 -25.74
CA GLU D 83 10.70 -20.44 -25.32
C GLU D 83 10.19 -19.01 -25.22
N LEU D 84 10.95 -18.15 -24.52
CA LEU D 84 10.62 -16.74 -24.29
C LEU D 84 10.37 -15.95 -25.57
N THR D 85 9.41 -15.04 -25.55
CA THR D 85 9.11 -14.14 -26.67
C THR D 85 10.20 -13.04 -26.66
N ALA D 86 10.30 -12.23 -27.73
CA ALA D 86 11.27 -11.12 -27.79
C ALA D 86 10.97 -10.15 -26.63
N ASP D 87 9.67 -9.83 -26.38
CA ASP D 87 9.26 -8.93 -25.29
C ASP D 87 9.64 -9.46 -23.92
N ASP D 88 9.48 -10.76 -23.69
CA ASP D 88 9.85 -11.31 -22.38
C ASP D 88 11.36 -11.35 -22.19
N GLU D 89 12.16 -11.54 -23.26
CA GLU D 89 13.63 -11.54 -23.15
C GLU D 89 14.08 -10.12 -22.73
N LEU D 90 13.49 -9.07 -23.33
CA LEU D 90 13.80 -7.67 -23.03
C LEU D 90 13.49 -7.32 -21.58
N LEU D 91 12.35 -7.78 -21.10
CA LEU D 91 11.94 -7.61 -19.71
C LEU D 91 13.00 -8.27 -18.79
N MET D 92 13.40 -9.52 -19.08
CA MET D 92 14.41 -10.19 -18.24
C MET D 92 15.74 -9.45 -18.27
N ASP D 93 16.15 -9.01 -19.49
CA ASP D 93 17.39 -8.23 -19.71
C ASP D 93 17.40 -6.94 -18.86
N SER D 94 16.23 -6.25 -18.77
CA SER D 94 16.09 -5.06 -17.93
C SER D 94 16.40 -5.26 -16.41
N PHE D 95 16.35 -6.52 -15.92
CA PHE D 95 16.70 -6.87 -14.53
C PHE D 95 17.97 -7.74 -14.43
N SER D 96 18.77 -7.81 -15.53
CA SER D 96 19.95 -8.70 -15.67
C SER D 96 19.58 -10.18 -15.37
N LEU D 97 18.35 -10.59 -15.69
CA LEU D 97 17.98 -11.98 -15.45
C LEU D 97 18.38 -12.70 -16.75
N ASN D 98 19.70 -12.86 -16.94
CA ASN D 98 20.31 -13.40 -18.16
C ASN D 98 21.75 -13.73 -17.87
N TYR D 99 22.44 -14.34 -18.85
CA TYR D 99 23.87 -14.66 -18.80
C TYR D 99 24.26 -15.39 -17.50
N ASP D 100 24.87 -14.66 -16.54
CA ASP D 100 25.29 -15.19 -15.24
C ASP D 100 24.16 -15.64 -14.36
N CYS D 101 22.96 -15.03 -14.53
CA CYS D 101 21.80 -15.34 -13.72
C CYS D 101 20.64 -15.82 -14.62
N PRO D 102 20.77 -17.05 -15.17
CA PRO D 102 19.71 -17.52 -16.08
C PRO D 102 18.49 -17.99 -15.32
N GLY D 103 17.42 -18.18 -16.08
CA GLY D 103 16.23 -18.77 -15.53
C GLY D 103 16.41 -20.27 -15.55
N PHE D 104 15.63 -20.96 -14.76
CA PHE D 104 15.57 -22.42 -14.67
C PHE D 104 14.24 -22.72 -13.96
N PRO D 105 13.67 -23.95 -14.04
CA PRO D 105 12.32 -24.17 -13.48
C PRO D 105 12.03 -23.76 -12.04
N SER D 106 13.03 -23.76 -11.16
CA SER D 106 12.80 -23.42 -9.76
C SER D 106 13.49 -22.10 -9.34
N VAL D 107 13.84 -21.25 -10.29
CA VAL D 107 14.56 -19.99 -10.04
C VAL D 107 14.00 -19.10 -8.92
N PHE D 108 12.68 -18.89 -8.91
CA PHE D 108 12.04 -18.08 -7.88
C PHE D 108 12.04 -18.78 -6.52
N ASP D 109 11.56 -20.05 -6.49
CA ASP D 109 11.49 -20.88 -5.27
C ASP D 109 12.87 -21.00 -4.63
N TYR D 110 13.91 -21.27 -5.47
CA TYR D 110 15.31 -21.44 -5.09
C TYR D 110 15.85 -20.19 -4.40
N SER D 111 15.63 -19.00 -5.02
CA SER D 111 16.16 -17.74 -4.45
C SER D 111 15.37 -17.31 -3.23
N LEU D 112 14.05 -17.58 -3.24
CA LEU D 112 13.20 -17.25 -2.12
C LEU D 112 13.57 -18.11 -0.91
N ALA D 113 13.96 -19.37 -1.17
CA ALA D 113 14.33 -20.28 -0.09
C ALA D 113 15.45 -19.67 0.77
N ALA D 114 16.51 -19.10 0.13
CA ALA D 114 17.61 -18.51 0.88
C ALA D 114 17.09 -17.37 1.80
N VAL D 115 16.16 -16.57 1.27
CA VAL D 115 15.52 -15.46 1.99
C VAL D 115 14.72 -16.04 3.20
N GLN D 116 13.89 -17.08 2.96
CA GLN D 116 13.11 -17.75 4.01
C GLN D 116 14.04 -18.25 5.13
N GLY D 117 15.20 -18.77 4.74
CA GLY D 117 16.14 -19.29 5.72
C GLY D 117 16.83 -18.22 6.53
N SER D 118 17.34 -17.18 5.85
CA SER D 118 18.10 -16.11 6.53
C SER D 118 17.18 -15.17 7.35
N LEU D 119 15.89 -15.04 6.97
CA LEU D 119 14.90 -14.29 7.77
C LEU D 119 14.54 -15.05 9.03
N ALA D 120 14.38 -16.37 8.92
CA ALA D 120 14.07 -17.23 10.09
C ALA D 120 15.27 -17.19 11.03
N ALA D 121 16.48 -17.20 10.43
CA ALA D 121 17.74 -17.13 11.20
C ALA D 121 17.78 -15.84 12.02
N ALA D 122 17.53 -14.65 11.39
CA ALA D 122 17.48 -13.37 12.10
C ALA D 122 16.39 -13.41 13.22
N SER D 123 15.22 -13.99 12.96
CA SER D 123 14.15 -14.11 13.97
C SER D 123 14.56 -14.93 15.20
N ALA D 124 15.26 -16.05 14.98
CA ALA D 124 15.75 -16.92 16.07
C ALA D 124 16.76 -16.13 16.92
N LEU D 125 17.56 -15.23 16.29
CA LEU D 125 18.49 -14.38 17.04
C LEU D 125 17.77 -13.31 17.86
N ILE D 126 16.76 -12.65 17.27
CA ILE D 126 15.98 -11.56 17.87
C ILE D 126 15.20 -12.03 19.10
N CYS D 127 14.48 -13.15 19.01
CA CYS D 127 13.69 -13.69 20.13
C CYS D 127 14.60 -14.39 21.16
N ARG D 128 15.94 -14.33 20.94
CA ARG D 128 16.95 -14.97 21.80
C ARG D 128 16.82 -16.50 21.94
N HIS D 129 16.29 -17.20 20.91
CA HIS D 129 16.22 -18.68 20.93
C HIS D 129 17.64 -19.25 20.70
N CYS D 130 18.42 -18.58 19.86
CA CYS D 130 19.78 -18.93 19.52
C CYS D 130 20.72 -17.76 19.74
N GLU D 131 21.94 -18.04 20.20
CA GLU D 131 23.01 -17.05 20.34
C GLU D 131 23.64 -16.89 18.95
N VAL D 132 23.73 -17.98 18.19
CA VAL D 132 24.29 -17.96 16.84
C VAL D 132 23.39 -18.80 15.94
N VAL D 133 23.21 -18.38 14.67
CA VAL D 133 22.45 -19.14 13.68
C VAL D 133 23.26 -19.26 12.41
N ILE D 134 23.35 -20.47 11.88
CA ILE D 134 24.05 -20.77 10.64
C ILE D 134 23.03 -21.03 9.50
N ASN D 135 23.29 -20.46 8.34
CA ASN D 135 22.48 -20.74 7.17
C ASN D 135 23.41 -20.99 5.98
N TRP D 136 23.72 -22.27 5.72
CA TRP D 136 24.60 -22.60 4.60
C TRP D 136 23.90 -22.55 3.25
N GLY D 137 22.59 -22.31 3.25
CA GLY D 137 21.85 -22.15 2.01
C GLY D 137 21.79 -20.69 1.58
N GLY D 138 22.28 -19.80 2.46
CA GLY D 138 22.21 -18.35 2.27
C GLY D 138 23.55 -17.70 2.01
N GLY D 139 23.57 -16.37 1.91
CA GLY D 139 24.79 -15.60 1.70
C GLY D 139 24.95 -15.01 0.32
N TRP D 140 23.83 -14.70 -0.35
CA TRP D 140 23.73 -14.21 -1.74
C TRP D 140 23.91 -12.68 -1.88
N HIS D 141 25.14 -12.29 -1.57
CA HIS D 141 25.58 -10.93 -1.41
C HIS D 141 25.57 -9.99 -2.61
N HIS D 142 25.46 -10.49 -3.82
CA HIS D 142 25.59 -9.63 -5.00
C HIS D 142 24.26 -9.09 -5.50
N ALA D 143 23.12 -9.73 -5.12
CA ALA D 143 21.81 -9.29 -5.63
C ALA D 143 21.50 -7.85 -5.24
N LYS D 144 20.98 -7.09 -6.18
CA LYS D 144 20.63 -5.69 -5.95
C LYS D 144 19.10 -5.49 -5.97
N ARG D 145 18.62 -4.30 -5.55
CA ARG D 145 17.21 -3.92 -5.52
C ARG D 145 16.43 -4.43 -6.74
N SER D 146 16.92 -4.16 -7.98
CA SER D 146 16.21 -4.57 -9.22
C SER D 146 17.14 -5.28 -10.22
N GLU D 147 18.11 -6.04 -9.70
CA GLU D 147 19.08 -6.65 -10.59
C GLU D 147 19.66 -7.90 -9.97
N ALA D 148 19.68 -8.98 -10.76
CA ALA D 148 20.31 -10.25 -10.39
C ALA D 148 21.79 -10.05 -10.69
N SER D 149 22.69 -10.69 -9.93
CA SER D 149 24.12 -10.51 -10.19
C SER D 149 24.91 -11.64 -9.53
N GLY D 150 25.94 -12.13 -10.20
CA GLY D 150 26.83 -13.20 -9.72
C GLY D 150 26.06 -14.39 -9.14
N PHE D 151 25.04 -14.88 -9.90
CA PHE D 151 24.15 -15.99 -9.49
C PHE D 151 23.37 -15.73 -8.18
N CYS D 152 23.20 -14.46 -7.82
CA CYS D 152 22.43 -14.02 -6.68
C CYS D 152 21.17 -13.36 -7.26
N TYR D 153 20.00 -13.94 -6.95
CA TYR D 153 18.73 -13.40 -7.46
C TYR D 153 18.01 -12.55 -6.43
N LEU D 154 18.06 -12.94 -5.18
CA LEU D 154 17.45 -12.20 -4.08
C LEU D 154 18.50 -12.05 -2.98
N ASN D 155 18.58 -10.85 -2.40
CA ASN D 155 19.61 -10.62 -1.37
C ASN D 155 19.10 -11.01 0.01
N ASP D 156 19.26 -12.29 0.39
CA ASP D 156 18.80 -12.81 1.69
C ASP D 156 19.54 -12.08 2.82
N ILE D 157 20.81 -11.66 2.59
CA ILE D 157 21.61 -10.99 3.63
C ILE D 157 21.01 -9.65 3.98
N VAL D 158 20.79 -8.81 2.96
CA VAL D 158 20.18 -7.47 3.14
C VAL D 158 18.85 -7.60 3.92
N LEU D 159 18.00 -8.52 3.49
CA LEU D 159 16.71 -8.76 4.14
C LEU D 159 16.88 -9.18 5.62
N ALA D 160 17.84 -10.09 5.88
CA ALA D 160 18.13 -10.52 7.24
C ALA D 160 18.66 -9.34 8.06
N ILE D 161 19.60 -8.53 7.49
CA ILE D 161 20.15 -7.40 8.23
C ILE D 161 19.07 -6.38 8.53
N HIS D 162 18.21 -6.09 7.54
CA HIS D 162 17.10 -5.15 7.69
C HIS D 162 16.15 -5.62 8.83
N ARG D 163 15.91 -6.92 8.92
CA ARG D 163 15.09 -7.51 9.98
C ARG D 163 15.77 -7.30 11.35
N LEU D 164 17.09 -7.46 11.43
CA LEU D 164 17.84 -7.28 12.68
C LEU D 164 17.87 -5.82 13.13
N VAL D 165 18.23 -4.93 12.17
CA VAL D 165 18.41 -3.50 12.40
C VAL D 165 17.11 -2.79 12.80
N SER D 166 15.95 -3.37 12.45
CA SER D 166 14.61 -2.84 12.73
C SER D 166 13.86 -3.63 13.82
N SER D 167 14.55 -4.44 14.63
CA SER D 167 13.88 -5.25 15.64
C SER D 167 13.56 -4.47 16.92
N THR D 168 14.39 -3.48 17.28
CA THR D 168 14.15 -2.74 18.51
C THR D 168 13.50 -1.37 18.29
N THR D 178 20.63 0.08 17.97
CA THR D 178 20.74 -1.19 17.23
C THR D 178 21.66 -1.01 16.04
N ARG D 179 22.85 -1.60 16.13
CA ARG D 179 23.86 -1.51 15.08
C ARG D 179 24.24 -2.92 14.68
N VAL D 180 24.39 -3.14 13.37
CA VAL D 180 24.75 -4.43 12.80
C VAL D 180 26.13 -4.27 12.14
N LEU D 181 27.02 -5.23 12.42
CA LEU D 181 28.30 -5.28 11.77
C LEU D 181 28.22 -6.41 10.77
N TYR D 182 28.42 -6.11 9.51
CA TYR D 182 28.41 -7.14 8.47
C TYR D 182 29.83 -7.44 8.04
N VAL D 183 30.21 -8.72 8.11
CA VAL D 183 31.58 -9.14 7.72
C VAL D 183 31.47 -10.09 6.55
N ASP D 184 32.14 -9.77 5.44
CA ASP D 184 32.03 -10.54 4.20
C ASP D 184 33.37 -11.15 3.87
N LEU D 185 33.47 -12.47 4.09
CA LEU D 185 34.74 -13.21 3.91
C LEU D 185 34.93 -13.87 2.54
N ASP D 186 33.94 -13.75 1.68
CA ASP D 186 33.94 -14.32 0.34
C ASP D 186 35.11 -13.74 -0.46
N LEU D 187 35.62 -14.50 -1.43
CA LEU D 187 36.67 -14.07 -2.34
C LEU D 187 36.24 -12.78 -3.05
N HIS D 188 34.93 -12.64 -3.32
CA HIS D 188 34.32 -11.52 -4.05
C HIS D 188 33.81 -10.41 -3.11
N HIS D 189 33.89 -9.17 -3.59
CA HIS D 189 33.41 -8.01 -2.84
C HIS D 189 31.91 -8.13 -2.63
N GLY D 190 31.45 -7.88 -1.40
CA GLY D 190 30.04 -7.92 -1.05
C GLY D 190 29.36 -6.62 -1.46
N ASP D 191 29.26 -6.37 -2.79
CA ASP D 191 28.70 -5.14 -3.36
C ASP D 191 27.23 -4.91 -3.11
N GLY D 192 26.38 -5.94 -3.26
CA GLY D 192 24.93 -5.81 -3.05
C GLY D 192 24.60 -5.35 -1.65
N VAL D 193 25.27 -5.95 -0.64
CA VAL D 193 25.05 -5.58 0.77
C VAL D 193 25.60 -4.19 1.07
N GLU D 194 26.83 -3.92 0.59
CA GLU D 194 27.44 -2.60 0.76
C GLU D 194 26.53 -1.53 0.18
N GLU D 195 26.02 -1.73 -1.03
CA GLU D 195 25.13 -0.76 -1.69
C GLU D 195 23.85 -0.53 -0.91
N ALA D 196 23.19 -1.62 -0.45
CA ALA D 196 21.94 -1.51 0.30
C ALA D 196 22.05 -0.61 1.53
N PHE D 197 23.21 -0.64 2.22
CA PHE D 197 23.43 0.12 3.45
C PHE D 197 24.41 1.27 3.29
N TRP D 198 24.67 1.68 2.01
CA TRP D 198 25.60 2.78 1.66
C TRP D 198 25.26 4.08 2.42
N TYR D 199 23.97 4.38 2.64
CA TYR D 199 23.53 5.63 3.30
C TYR D 199 23.09 5.39 4.76
N SER D 200 23.35 4.19 5.28
CA SER D 200 22.92 3.77 6.61
C SER D 200 24.08 3.68 7.61
N PRO D 201 24.19 4.55 8.63
CA PRO D 201 25.31 4.41 9.60
C PRO D 201 25.15 3.24 10.60
N ARG D 202 23.93 2.74 10.81
CA ARG D 202 23.66 1.65 11.77
C ARG D 202 24.08 0.26 11.26
N VAL D 203 24.33 0.14 9.95
CA VAL D 203 24.81 -1.11 9.38
C VAL D 203 26.22 -0.84 8.83
N VAL D 204 27.23 -1.37 9.52
CA VAL D 204 28.62 -1.20 9.07
C VAL D 204 28.99 -2.45 8.27
N THR D 205 29.45 -2.23 7.05
CA THR D 205 29.81 -3.34 6.16
C THR D 205 31.32 -3.41 6.03
N PHE D 206 31.86 -4.64 6.08
CA PHE D 206 33.28 -4.86 5.93
C PHE D 206 33.47 -6.07 5.07
N SER D 207 34.11 -5.87 3.88
CA SER D 207 34.41 -6.93 2.91
C SER D 207 35.89 -7.03 2.71
N VAL D 208 36.39 -8.25 2.82
CA VAL D 208 37.79 -8.55 2.50
C VAL D 208 37.65 -9.41 1.23
N HIS D 209 38.42 -9.09 0.18
CA HIS D 209 38.21 -9.79 -1.09
C HIS D 209 39.37 -9.59 -2.00
N HIS D 210 39.37 -10.29 -3.11
CA HIS D 210 40.35 -10.00 -4.13
C HIS D 210 39.72 -8.91 -4.99
N ALA D 211 40.55 -7.98 -5.49
CA ALA D 211 40.13 -7.01 -6.47
C ALA D 211 41.30 -6.82 -7.45
N SER D 212 41.01 -6.82 -8.75
CA SER D 212 42.02 -6.63 -9.81
C SER D 212 41.28 -6.29 -11.11
N PRO D 213 41.91 -5.62 -12.09
CA PRO D 213 41.16 -5.24 -13.30
C PRO D 213 40.43 -6.39 -13.99
N GLY D 214 39.14 -6.18 -14.22
CA GLY D 214 38.29 -7.15 -14.89
C GLY D 214 37.73 -8.25 -14.00
N PHE D 215 38.10 -8.27 -12.71
CA PHE D 215 37.66 -9.33 -11.80
C PHE D 215 36.34 -8.94 -11.20
N PHE D 216 35.38 -9.86 -11.22
CA PHE D 216 34.02 -9.63 -10.72
C PHE D 216 33.96 -9.27 -9.24
N PRO D 217 33.06 -8.36 -8.75
CA PRO D 217 32.17 -7.43 -9.50
C PRO D 217 32.83 -6.13 -9.93
N GLY D 218 34.05 -5.87 -9.45
CA GLY D 218 34.81 -4.70 -9.86
C GLY D 218 34.89 -3.60 -8.81
N THR D 219 34.11 -3.73 -7.75
CA THR D 219 34.05 -2.73 -6.68
C THR D 219 34.89 -3.21 -5.49
N GLY D 220 34.85 -2.46 -4.39
CA GLY D 220 35.56 -2.78 -3.15
C GLY D 220 37.02 -2.41 -3.23
N THR D 221 37.34 -1.39 -4.07
CA THR D 221 38.71 -0.94 -4.28
C THR D 221 38.77 0.55 -4.67
N TRP D 222 39.98 1.05 -5.02
CA TRP D 222 40.21 2.42 -5.51
C TRP D 222 39.31 2.64 -6.70
N ASN D 223 38.59 3.78 -6.71
CA ASN D 223 37.59 4.16 -7.68
C ASN D 223 38.09 5.19 -8.67
N PRO D 231 42.08 8.21 -8.52
CA PRO D 231 41.15 7.29 -7.86
C PRO D 231 41.13 7.42 -6.34
N ILE D 232 39.95 7.35 -5.76
CA ILE D 232 39.74 7.44 -4.30
C ILE D 232 39.11 6.17 -3.78
N PHE D 233 38.99 6.04 -2.46
CA PHE D 233 38.29 4.92 -1.87
C PHE D 233 36.97 5.44 -1.30
N LEU D 234 35.85 5.13 -1.99
CA LEU D 234 34.52 5.52 -1.53
C LEU D 234 34.16 4.60 -0.34
N ASN D 235 33.43 5.14 0.65
CA ASN D 235 33.17 4.43 1.91
C ASN D 235 31.78 4.67 2.54
N GLY D 236 30.79 5.05 1.74
CA GLY D 236 29.46 5.35 2.22
C GLY D 236 29.12 6.79 1.86
N ALA D 237 27.84 7.18 1.96
CA ALA D 237 27.44 8.54 1.61
C ALA D 237 26.37 9.07 2.54
N GLY D 238 26.20 10.38 2.58
CA GLY D 238 25.23 11.03 3.47
C GLY D 238 25.52 10.66 4.91
N ARG D 239 24.50 10.19 5.64
CA ARG D 239 24.72 9.82 7.04
C ARG D 239 25.50 8.50 7.17
N GLY D 240 25.58 7.76 6.07
CA GLY D 240 26.29 6.49 5.97
C GLY D 240 27.76 6.65 5.59
N ARG D 241 28.25 7.89 5.48
CA ARG D 241 29.66 8.16 5.14
C ARG D 241 30.56 7.48 6.18
N PHE D 242 31.67 6.84 5.69
CA PHE D 242 32.65 6.09 6.49
C PHE D 242 32.13 4.75 7.07
N SER D 243 30.89 4.35 6.72
CA SER D 243 30.28 3.11 7.23
C SER D 243 30.56 1.90 6.36
N ALA D 244 31.15 2.09 5.16
CA ALA D 244 31.43 0.93 4.28
C ALA D 244 32.93 0.73 4.22
N PHE D 245 33.41 -0.41 4.75
CA PHE D 245 34.84 -0.73 4.82
C PHE D 245 35.18 -1.80 3.80
N ASN D 246 36.35 -1.68 3.19
CA ASN D 246 36.83 -2.62 2.20
C ASN D 246 38.30 -2.91 2.35
N LEU D 247 38.65 -4.19 2.20
CA LEU D 247 40.05 -4.62 2.22
C LEU D 247 40.37 -5.46 0.96
N PRO D 248 40.82 -4.84 -0.16
CA PRO D 248 41.14 -5.63 -1.36
C PRO D 248 42.54 -6.23 -1.24
N LEU D 249 42.66 -7.51 -1.54
CA LEU D 249 43.94 -8.20 -1.44
C LEU D 249 44.38 -8.77 -2.77
N GLU D 250 45.72 -8.84 -2.96
CA GLU D 250 46.31 -9.39 -4.17
C GLU D 250 46.15 -10.92 -4.13
N GLU D 251 46.17 -11.56 -5.31
CA GLU D 251 46.10 -13.01 -5.45
C GLU D 251 47.26 -13.71 -4.70
N GLY D 252 47.01 -14.93 -4.23
CA GLY D 252 48.00 -15.75 -3.58
C GLY D 252 48.15 -15.66 -2.08
N ILE D 253 47.31 -14.85 -1.39
CA ILE D 253 47.42 -14.70 0.06
C ILE D 253 47.12 -16.05 0.79
N ASN D 254 47.96 -16.42 1.76
CA ASN D 254 47.81 -17.67 2.51
C ASN D 254 47.03 -17.39 3.79
N ASP D 255 46.75 -18.43 4.61
CA ASP D 255 45.99 -18.30 5.86
C ASP D 255 46.54 -17.26 6.83
N LEU D 256 47.86 -17.31 7.09
CA LEU D 256 48.49 -16.43 8.06
C LEU D 256 48.46 -14.94 7.71
N ASP D 257 48.77 -14.58 6.47
CA ASP D 257 48.77 -13.18 6.04
C ASP D 257 47.38 -12.62 5.90
N TRP D 258 46.42 -13.44 5.46
CA TRP D 258 45.01 -13.00 5.35
C TRP D 258 44.47 -12.80 6.77
N SER D 259 44.85 -13.69 7.73
CA SER D 259 44.48 -13.60 9.16
C SER D 259 45.04 -12.34 9.79
N ASN D 260 46.33 -12.04 9.53
CA ASN D 260 47.01 -10.85 10.05
C ASN D 260 46.45 -9.60 9.41
N ALA D 261 45.98 -9.69 8.16
CA ALA D 261 45.37 -8.56 7.44
C ALA D 261 43.99 -8.21 7.99
N ILE D 262 43.20 -9.23 8.39
CA ILE D 262 41.82 -9.03 8.87
C ILE D 262 41.61 -8.84 10.39
N GLY D 263 42.39 -9.59 11.20
CA GLY D 263 42.31 -9.64 12.65
C GLY D 263 42.22 -8.31 13.37
N PRO D 264 43.20 -7.38 13.21
CA PRO D 264 43.10 -6.07 13.87
C PRO D 264 41.90 -5.26 13.39
N ILE D 265 41.50 -5.38 12.11
CA ILE D 265 40.34 -4.67 11.57
C ILE D 265 39.06 -5.13 12.28
N LEU D 266 38.84 -6.45 12.37
CA LEU D 266 37.67 -7.04 13.03
C LEU D 266 37.59 -6.55 14.47
N ASP D 267 38.70 -6.69 15.22
CA ASP D 267 38.76 -6.26 16.61
C ASP D 267 38.48 -4.77 16.78
N SER D 268 39.01 -3.92 15.90
CA SER D 268 38.77 -2.48 15.97
C SER D 268 37.31 -2.13 15.64
N LEU D 269 36.71 -2.83 14.67
CA LEU D 269 35.29 -2.65 14.33
C LEU D 269 34.42 -3.00 15.53
N ASN D 270 34.69 -4.15 16.17
CA ASN D 270 33.91 -4.54 17.34
C ASN D 270 34.05 -3.55 18.51
N ILE D 271 35.27 -3.08 18.78
CA ILE D 271 35.53 -2.12 19.87
C ILE D 271 34.76 -0.81 19.64
N VAL D 272 34.92 -0.23 18.44
CA VAL D 272 34.31 1.03 18.09
C VAL D 272 32.81 0.96 17.88
N ILE D 273 32.34 0.08 17.01
CA ILE D 273 30.91 -0.03 16.64
C ILE D 273 30.03 -0.62 17.74
N GLN D 274 30.59 -1.56 18.56
CA GLN D 274 29.90 -2.31 19.63
C GLN D 274 28.57 -2.82 19.06
N PRO D 275 28.64 -3.69 18.02
CA PRO D 275 27.40 -4.12 17.35
C PRO D 275 26.50 -4.95 18.23
N SER D 276 25.18 -4.86 17.97
CA SER D 276 24.13 -5.64 18.64
C SER D 276 24.06 -7.01 17.99
N TYR D 277 24.43 -7.10 16.69
CA TYR D 277 24.44 -8.33 15.90
C TYR D 277 25.60 -8.30 14.97
N VAL D 278 26.13 -9.47 14.65
CA VAL D 278 27.16 -9.59 13.63
C VAL D 278 26.61 -10.55 12.57
N VAL D 279 26.72 -10.19 11.30
CA VAL D 279 26.28 -11.07 10.21
C VAL D 279 27.55 -11.41 9.44
N VAL D 280 27.87 -12.70 9.30
CA VAL D 280 29.10 -13.11 8.59
C VAL D 280 28.76 -13.86 7.31
N GLN D 281 29.33 -13.43 6.21
CA GLN D 281 29.18 -14.15 4.96
C GLN D 281 30.49 -14.93 4.86
N CYS D 282 30.42 -16.25 4.76
CA CYS D 282 31.57 -17.14 4.80
C CYS D 282 31.74 -17.94 3.49
N GLY D 283 31.68 -17.25 2.34
CA GLY D 283 31.87 -17.86 1.01
C GLY D 283 33.19 -18.58 0.97
N ALA D 284 33.19 -19.84 0.50
CA ALA D 284 34.36 -20.73 0.51
C ALA D 284 35.25 -20.62 -0.72
N ASP D 285 35.06 -19.60 -1.55
CA ASP D 285 35.86 -19.43 -2.76
C ASP D 285 37.29 -18.94 -2.54
N CYS D 286 37.67 -18.64 -1.27
CA CYS D 286 39.05 -18.23 -0.94
C CYS D 286 39.90 -19.47 -0.77
N LEU D 287 39.27 -20.66 -0.67
CA LEU D 287 40.05 -21.88 -0.47
C LEU D 287 41.06 -22.05 -1.61
N ALA D 288 42.26 -22.52 -1.28
CA ALA D 288 43.35 -22.80 -2.23
C ALA D 288 42.91 -23.78 -3.31
N THR D 289 41.89 -24.62 -3.00
CA THR D 289 41.39 -25.67 -3.87
C THR D 289 40.14 -25.25 -4.66
N ASP D 290 39.72 -24.01 -4.49
CA ASP D 290 38.60 -23.50 -5.27
C ASP D 290 39.05 -23.38 -6.75
N PRO D 291 38.19 -23.71 -7.75
CA PRO D 291 38.60 -23.53 -9.17
C PRO D 291 39.02 -22.11 -9.59
N HIS D 292 38.69 -21.04 -8.80
CA HIS D 292 39.12 -19.67 -9.12
C HIS D 292 40.65 -19.61 -9.00
N ARG D 293 41.22 -20.34 -8.00
CA ARG D 293 42.67 -20.39 -7.70
C ARG D 293 43.26 -18.99 -7.53
N ILE D 294 42.68 -18.22 -6.59
CA ILE D 294 43.15 -16.84 -6.31
C ILE D 294 43.81 -16.78 -4.94
N PHE D 295 43.07 -17.05 -3.87
CA PHE D 295 43.64 -17.05 -2.53
C PHE D 295 44.02 -18.47 -2.17
N ARG D 296 44.85 -18.62 -1.12
CA ARG D 296 45.36 -19.93 -0.66
C ARG D 296 44.92 -20.27 0.75
N LEU D 297 43.65 -19.99 1.09
CA LEU D 297 43.13 -20.33 2.42
C LEU D 297 42.86 -21.83 2.53
N THR D 298 42.84 -22.31 3.76
CA THR D 298 42.58 -23.73 4.01
C THR D 298 41.43 -23.86 5.00
N ASN D 299 41.12 -25.09 5.41
CA ASN D 299 40.16 -25.35 6.46
C ASN D 299 40.99 -26.02 7.60
N PHE D 300 42.32 -25.80 7.63
CA PHE D 300 43.18 -26.45 8.63
C PHE D 300 42.89 -25.97 10.03
N TYR D 301 42.85 -26.92 10.99
CA TYR D 301 42.57 -26.61 12.38
C TYR D 301 43.64 -27.30 13.23
N PRO D 302 44.86 -26.74 13.30
CA PRO D 302 45.94 -27.45 14.03
C PRO D 302 45.80 -27.40 15.55
N SER D 315 49.54 -23.98 9.59
CA SER D 315 48.85 -22.78 10.06
C SER D 315 47.33 -22.97 10.18
N LEU D 316 46.67 -22.07 10.93
CA LEU D 316 45.25 -22.09 11.19
C LEU D 316 44.50 -21.47 10.01
N SER D 317 43.41 -22.12 9.58
CA SER D 317 42.55 -21.63 8.51
C SER D 317 42.17 -20.18 8.77
N GLY D 318 42.31 -19.32 7.76
CA GLY D 318 41.93 -17.92 7.83
C GLY D 318 40.48 -17.80 8.26
N TYR D 319 39.61 -18.65 7.68
CA TYR D 319 38.18 -18.74 7.99
C TYR D 319 37.91 -19.04 9.46
N LEU D 320 38.57 -20.09 10.00
CA LEU D 320 38.41 -20.49 11.40
C LEU D 320 38.97 -19.43 12.35
N TYR D 321 40.11 -18.79 12.00
CA TYR D 321 40.66 -17.69 12.79
C TYR D 321 39.62 -16.53 12.91
N ALA D 322 39.03 -16.11 11.77
CA ALA D 322 38.02 -15.04 11.67
C ALA D 322 36.75 -15.38 12.47
N ILE D 323 36.19 -16.57 12.23
CA ILE D 323 34.96 -17.01 12.91
C ILE D 323 35.19 -17.04 14.44
N LYS D 324 36.31 -17.63 14.89
CA LYS D 324 36.62 -17.75 16.31
C LYS D 324 36.76 -16.37 16.96
N LYS D 325 37.44 -15.45 16.28
CA LYS D 325 37.61 -14.08 16.75
C LYS D 325 36.25 -13.42 16.87
N ILE D 326 35.39 -13.51 15.82
CA ILE D 326 34.04 -12.90 15.85
C ILE D 326 33.19 -13.48 16.99
N LEU D 327 33.22 -14.82 17.16
CA LEU D 327 32.44 -15.50 18.21
C LEU D 327 32.98 -15.16 19.62
N SER D 328 34.27 -14.75 19.72
CA SER D 328 34.86 -14.37 21.02
C SER D 328 34.24 -13.09 21.57
N TRP D 329 33.56 -12.31 20.72
CA TRP D 329 32.91 -11.07 21.12
C TRP D 329 31.62 -11.32 21.86
N LYS D 330 31.06 -12.54 21.74
CA LYS D 330 29.78 -12.96 22.38
C LYS D 330 28.62 -12.05 21.95
N VAL D 331 28.59 -11.71 20.67
CA VAL D 331 27.53 -10.87 20.11
C VAL D 331 26.63 -11.83 19.29
N PRO D 332 25.27 -11.80 19.41
CA PRO D 332 24.43 -12.70 18.60
C PRO D 332 24.82 -12.60 17.13
N THR D 333 25.12 -13.75 16.53
CA THR D 333 25.70 -13.78 15.19
C THR D 333 24.98 -14.70 14.20
N LEU D 334 24.93 -14.27 12.96
CA LEU D 334 24.38 -15.03 11.84
C LEU D 334 25.56 -15.39 10.93
N ILE D 335 25.76 -16.72 10.70
CA ILE D 335 26.81 -17.17 9.79
C ILE D 335 26.11 -17.68 8.53
N LEU D 336 26.52 -17.15 7.38
CA LEU D 336 25.95 -17.49 6.08
C LEU D 336 26.96 -18.07 5.11
N GLY D 337 26.45 -18.80 4.13
CA GLY D 337 27.21 -19.43 3.07
C GLY D 337 27.66 -18.38 2.06
N GLY D 338 27.72 -18.79 0.82
CA GLY D 338 28.08 -17.91 -0.29
C GLY D 338 28.75 -18.72 -1.37
N GLY D 339 29.77 -18.15 -1.97
CA GLY D 339 30.54 -18.79 -3.02
C GLY D 339 31.23 -20.08 -2.57
N GLY D 340 31.75 -20.80 -3.54
CA GLY D 340 32.44 -22.07 -3.32
C GLY D 340 32.03 -23.05 -4.38
N TYR D 341 32.87 -23.21 -5.43
CA TYR D 341 32.64 -24.11 -6.56
C TYR D 341 33.23 -25.52 -6.39
N ASN D 342 34.05 -25.72 -5.36
CA ASN D 342 34.58 -27.05 -5.10
C ASN D 342 33.67 -27.54 -3.97
N PHE D 343 32.59 -28.26 -4.31
CA PHE D 343 31.58 -28.69 -3.33
C PHE D 343 32.11 -29.50 -2.15
N PRO D 344 32.94 -30.55 -2.36
CA PRO D 344 33.45 -31.31 -1.21
C PRO D 344 34.33 -30.46 -0.28
N ASP D 345 35.19 -29.60 -0.84
CA ASP D 345 36.03 -28.72 -0.03
C ASP D 345 35.25 -27.59 0.69
N THR D 346 34.12 -27.17 0.12
CA THR D 346 33.22 -26.20 0.74
C THR D 346 32.56 -26.94 1.95
N ALA D 347 32.14 -28.19 1.75
CA ALA D 347 31.56 -28.99 2.85
C ALA D 347 32.60 -29.21 3.96
N ARG D 348 33.87 -29.45 3.58
CA ARG D 348 35.00 -29.61 4.51
C ARG D 348 35.19 -28.37 5.36
N LEU D 349 35.13 -27.18 4.73
CA LEU D 349 35.31 -25.95 5.50
C LEU D 349 34.11 -25.69 6.44
N TRP D 350 32.90 -25.67 5.87
CA TRP D 350 31.71 -25.32 6.62
C TRP D 350 31.39 -26.31 7.74
N THR D 351 31.84 -27.57 7.62
CA THR D 351 31.70 -28.58 8.68
C THR D 351 32.59 -28.16 9.85
N ARG D 352 33.81 -27.69 9.55
CA ARG D 352 34.72 -27.21 10.58
C ARG D 352 34.24 -25.91 11.22
N VAL D 353 33.66 -24.99 10.42
CA VAL D 353 33.06 -23.76 10.94
C VAL D 353 31.87 -24.14 11.89
N THR D 354 31.08 -25.13 11.49
CA THR D 354 29.93 -25.57 12.31
C THR D 354 30.38 -26.07 13.67
N ALA D 355 31.40 -26.95 13.70
CA ALA D 355 31.95 -27.55 14.93
C ALA D 355 32.56 -26.47 15.81
N LEU D 356 33.29 -25.51 15.19
CA LEU D 356 33.93 -24.38 15.89
C LEU D 356 32.87 -23.54 16.62
N THR D 357 31.78 -23.20 15.93
CA THR D 357 30.69 -22.38 16.49
C THR D 357 30.08 -23.10 17.71
N ILE D 358 29.87 -24.41 17.58
CA ILE D 358 29.35 -25.25 18.68
C ILE D 358 30.32 -25.18 19.87
N GLU D 359 31.60 -25.36 19.63
CA GLU D 359 32.65 -25.30 20.67
C GLU D 359 32.68 -23.95 21.38
N GLU D 360 32.70 -22.83 20.60
CA GLU D 360 32.76 -21.46 21.11
C GLU D 360 31.52 -21.05 21.93
N VAL D 361 30.31 -21.34 21.44
CA VAL D 361 29.07 -20.95 22.09
C VAL D 361 28.72 -21.82 23.28
N LYS D 362 28.72 -23.14 23.09
CA LYS D 362 28.38 -24.10 24.13
C LYS D 362 29.50 -24.41 25.13
N GLY D 363 30.76 -24.26 24.73
CA GLY D 363 31.90 -24.57 25.59
C GLY D 363 32.12 -26.08 25.65
N LYS D 364 31.57 -26.81 24.65
CA LYS D 364 31.63 -28.26 24.53
C LYS D 364 32.68 -28.61 23.49
N LYS D 365 33.71 -29.39 23.86
CA LYS D 365 34.77 -29.81 22.94
C LYS D 365 34.15 -30.62 21.81
N MET D 366 34.53 -30.32 20.56
CA MET D 366 34.01 -31.05 19.40
C MET D 366 35.16 -31.83 18.79
N THR D 367 34.99 -33.15 18.73
CA THR D 367 36.04 -34.04 18.19
C THR D 367 35.66 -34.58 16.83
N ILE D 368 36.18 -33.96 15.80
CA ILE D 368 35.94 -34.38 14.43
C ILE D 368 37.07 -35.35 14.01
N SER D 369 36.72 -36.56 13.52
CA SER D 369 37.70 -37.52 13.02
C SER D 369 38.49 -36.91 11.82
N PRO D 370 39.82 -37.14 11.68
CA PRO D 370 40.54 -36.55 10.53
C PRO D 370 40.11 -37.12 9.17
N GLU D 371 39.48 -38.31 9.17
CA GLU D 371 38.97 -38.95 7.95
C GLU D 371 37.46 -38.79 7.81
N ILE D 372 37.00 -38.65 6.57
CA ILE D 372 35.59 -38.46 6.24
C ILE D 372 34.79 -39.70 6.68
N PRO D 373 33.72 -39.53 7.49
CA PRO D 373 32.93 -40.71 7.90
C PRO D 373 32.11 -41.22 6.73
N GLU D 374 31.78 -42.52 6.78
CA GLU D 374 30.94 -43.15 5.77
C GLU D 374 29.58 -42.46 5.79
N HIS D 375 29.07 -42.12 4.60
CA HIS D 375 27.78 -41.48 4.37
C HIS D 375 27.44 -41.52 2.87
N SER D 376 26.25 -41.02 2.49
CA SER D 376 25.78 -41.01 1.10
C SER D 376 26.77 -40.41 0.07
N TYR D 377 27.47 -39.30 0.44
CA TYR D 377 28.41 -38.60 -0.43
C TYR D 377 29.89 -38.92 -0.17
N PHE D 378 30.19 -40.01 0.61
CA PHE D 378 31.55 -40.43 0.93
C PHE D 378 32.50 -40.45 -0.28
N SER D 379 32.03 -40.98 -1.43
CA SER D 379 32.84 -41.12 -2.66
C SER D 379 33.26 -39.79 -3.32
N ARG D 380 32.61 -38.68 -2.96
CA ARG D 380 32.97 -37.36 -3.51
C ARG D 380 34.20 -36.76 -2.82
N TYR D 381 34.68 -37.39 -1.72
CA TYR D 381 35.79 -36.89 -0.91
C TYR D 381 37.18 -37.35 -1.25
N GLY D 382 37.38 -37.73 -2.51
CA GLY D 382 38.68 -38.12 -3.05
C GLY D 382 39.68 -36.98 -3.07
N PRO D 383 41.00 -37.28 -3.18
CA PRO D 383 41.61 -38.60 -3.33
C PRO D 383 41.87 -39.37 -2.04
N ASP D 384 42.06 -38.65 -0.91
CA ASP D 384 42.43 -39.23 0.38
C ASP D 384 41.32 -39.48 1.43
N PHE D 385 40.08 -38.97 1.21
CA PHE D 385 38.93 -39.09 2.13
C PHE D 385 39.25 -38.50 3.52
N GLU D 386 40.01 -37.39 3.54
CA GLU D 386 40.43 -36.68 4.74
C GLU D 386 39.60 -35.40 4.88
N LEU D 387 39.45 -34.88 6.11
CA LEU D 387 38.72 -33.64 6.37
C LEU D 387 39.51 -32.41 5.93
N ASP D 388 40.84 -32.45 6.09
CA ASP D 388 41.72 -31.37 5.61
C ASP D 388 41.64 -31.35 4.10
N ILE D 389 41.56 -30.16 3.50
CA ILE D 389 41.55 -30.06 2.05
C ILE D 389 42.91 -30.55 1.49
N ASP D 390 42.94 -31.00 0.22
CA ASP D 390 44.16 -31.51 -0.41
C ASP D 390 45.05 -30.37 -0.92
N TYR D 391 45.73 -29.68 0.01
CA TYR D 391 46.62 -28.58 -0.31
C TYR D 391 47.82 -28.55 0.63
N PHE D 392 49.00 -28.22 0.08
CA PHE D 392 50.26 -28.13 0.82
C PHE D 392 50.75 -26.68 0.82
N PRO D 393 50.65 -25.95 1.96
CA PRO D 393 51.07 -24.53 1.98
C PRO D 393 52.54 -24.32 2.29
N ASP D 402 53.00 -3.91 4.10
CA ASP D 402 53.36 -2.90 3.12
C ASP D 402 52.10 -2.33 2.47
N SER D 403 51.51 -3.07 1.51
CA SER D 403 50.24 -2.72 0.87
C SER D 403 49.17 -2.87 1.98
N ILE D 404 49.26 -3.96 2.77
CA ILE D 404 48.38 -4.24 3.90
C ILE D 404 48.55 -3.19 5.01
N GLN D 405 49.78 -2.70 5.24
CA GLN D 405 50.06 -1.66 6.23
C GLN D 405 49.38 -0.34 5.84
N LYS D 406 49.46 0.05 4.56
CA LYS D 406 48.79 1.25 4.02
C LYS D 406 47.26 1.12 4.15
N HIS D 407 46.72 -0.09 3.87
CA HIS D 407 45.27 -0.36 3.98
C HIS D 407 44.80 -0.22 5.41
N HIS D 408 45.60 -0.73 6.38
CA HIS D 408 45.37 -0.63 7.82
C HIS D 408 45.34 0.84 8.26
N ARG D 409 46.32 1.65 7.83
CA ARG D 409 46.35 3.08 8.17
C ARG D 409 45.09 3.82 7.64
N ARG D 410 44.68 3.50 6.41
CA ARG D 410 43.50 4.08 5.76
C ARG D 410 42.21 3.68 6.52
N ILE D 411 42.08 2.39 6.86
CA ILE D 411 40.89 1.84 7.55
C ILE D 411 40.73 2.41 8.96
N LEU D 412 41.87 2.57 9.70
CA LEU D 412 41.96 3.15 11.05
C LEU D 412 41.45 4.61 11.00
N GLU D 413 41.88 5.38 9.99
CA GLU D 413 41.45 6.78 9.80
C GLU D 413 39.96 6.84 9.49
N GLN D 414 39.46 5.90 8.67
CA GLN D 414 38.04 5.81 8.29
C GLN D 414 37.18 5.45 9.50
N LEU D 415 37.69 4.57 10.38
CA LEU D 415 37.00 4.16 11.59
C LEU D 415 36.93 5.33 12.58
N ARG D 416 38.02 6.13 12.67
CA ARG D 416 38.06 7.35 13.50
C ARG D 416 37.03 8.36 12.94
N ASN D 417 37.00 8.53 11.60
CA ASN D 417 36.07 9.41 10.88
C ASN D 417 34.62 8.99 11.12
N TYR D 418 34.35 7.68 11.05
CA TYR D 418 33.05 7.06 11.34
C TYR D 418 32.62 7.34 12.79
N ALA D 419 33.54 7.10 13.75
CA ALA D 419 33.29 7.32 15.18
C ALA D 419 32.96 8.80 15.45
N ASP D 420 33.73 9.72 14.82
CA ASP D 420 33.56 11.16 14.93
C ASP D 420 32.20 11.62 14.40
N LEU D 421 31.80 11.12 13.21
CA LEU D 421 30.53 11.45 12.57
C LEU D 421 29.34 10.90 13.37
N ASN D 422 29.50 9.68 13.93
CA ASN D 422 28.44 9.03 14.69
C ASN D 422 28.49 9.24 16.22
N LYS D 423 29.33 10.19 16.68
CA LYS D 423 29.50 10.58 18.09
C LYS D 423 29.62 9.36 19.02
N LEU D 424 30.53 8.44 18.67
CA LEU D 424 30.77 7.22 19.43
C LEU D 424 31.96 7.40 20.37
N ILE D 425 31.82 6.92 21.62
CA ILE D 425 32.86 7.01 22.64
C ILE D 425 33.85 5.86 22.47
N TYR D 426 35.14 6.18 22.26
CA TYR D 426 36.21 5.19 22.09
C TYR D 426 37.61 5.74 22.40
N ASP D 427 38.51 4.87 22.89
CA ASP D 427 39.90 5.24 23.17
C ASP D 427 40.74 4.98 21.92
N TYR D 428 41.27 6.06 21.32
CA TYR D 428 42.08 6.05 20.10
C TYR D 428 43.33 5.18 20.18
N ASP D 429 44.08 5.27 21.30
CA ASP D 429 45.31 4.49 21.49
C ASP D 429 45.09 2.99 21.67
N GLN D 430 43.93 2.56 22.24
CA GLN D 430 43.56 1.15 22.41
C GLN D 430 43.31 0.50 21.03
N VAL D 431 42.70 1.26 20.11
CA VAL D 431 42.37 0.86 18.74
C VAL D 431 43.62 0.86 17.85
N TYR D 432 44.45 1.93 17.96
CA TYR D 432 45.71 2.11 17.24
C TYR D 432 46.66 0.95 17.52
N GLN D 433 46.79 0.55 18.81
CA GLN D 433 47.65 -0.54 19.27
C GLN D 433 47.34 -1.94 18.69
N LEU D 434 46.08 -2.23 18.30
CA LEU D 434 45.69 -3.52 17.73
C LEU D 434 46.46 -3.79 16.42
N TYR D 435 46.64 -2.74 15.61
CA TYR D 435 47.34 -2.77 14.33
C TYR D 435 48.86 -2.84 14.49
ZN ZN E . -25.96 11.75 -22.38
K K F . -30.05 8.23 -17.86
K K G . -26.51 -1.47 -6.78
O01 KMY H . -23.84 12.86 -23.18
C02 KMY H . -23.33 11.75 -23.15
N03 KMY H . -23.65 10.79 -22.14
O04 KMY H . -24.42 11.06 -21.14
C05 KMY H . -22.44 11.28 -24.25
S06 KMY H . -22.63 9.74 -24.95
C07 KMY H . -21.31 9.80 -26.06
C08 KMY H . -20.82 8.88 -26.99
C09 KMY H . -19.70 9.22 -27.76
C10 KMY H . -19.07 10.46 -27.56
C11 KMY H . -19.54 11.35 -26.62
C12 KMY H . -20.70 11.02 -25.84
C13 KMY H . -21.31 11.83 -24.84
CL KMY H . -20.69 13.41 -24.45
O01 KMY I . -32.10 19.25 6.76
C02 KMY I . -33.21 19.51 6.30
N03 KMY I . -34.32 19.82 7.16
O04 KMY I . -34.20 19.83 8.46
C05 KMY I . -33.45 19.50 4.83
S06 KMY I . -34.57 20.53 4.01
C07 KMY I . -34.30 19.90 2.41
C08 KMY I . -34.86 20.20 1.15
C09 KMY I . -34.44 19.48 0.01
C10 KMY I . -33.47 18.46 0.14
C11 KMY I . -32.91 18.19 1.38
C12 KMY I . -33.36 18.89 2.54
C13 KMY I . -32.91 18.66 3.86
CL KMY I . -31.70 17.48 4.22
C1 DMF J . -21.55 33.53 -2.92
C2 DMF J . -23.12 34.04 -1.04
C DMF J . -21.55 32.13 -0.83
O DMF J . -20.66 31.41 -1.26
N DMF J . -22.06 33.22 -1.59
ZN ZN K . 3.14 25.31 2.05
K K L . 6.93 28.37 -3.04
K K M . 5.07 41.48 -10.47
O01 KMY N . 1.32 25.67 4.42
C02 KMY N . 0.55 25.97 3.52
N03 KMY N . 0.91 26.83 2.42
O04 KMY N . 2.07 27.41 2.32
C05 KMY N . -0.81 25.40 3.48
S06 KMY N . -1.56 24.91 2.02
C07 KMY N . -3.07 24.40 2.69
C08 KMY N . -4.23 23.88 2.10
C09 KMY N . -5.32 23.55 2.92
C10 KMY N . -5.24 23.75 4.31
C11 KMY N . -4.09 24.28 4.88
C12 KMY N . -2.98 24.59 4.05
C13 KMY N . -1.74 25.16 4.48
CL KMY N . -1.40 25.50 6.16
O01 KMY O . 24.11 47.44 5.65
C02 KMY O . 24.84 46.61 5.11
N03 KMY O . 26.10 47.00 4.52
O04 KMY O . 26.53 48.23 4.54
C05 KMY O . 24.42 45.20 5.04
S06 KMY O . 25.39 43.82 5.45
C07 KMY O . 24.16 42.61 5.12
C08 KMY O . 24.15 41.20 5.16
C09 KMY O . 23.01 40.50 4.75
C10 KMY O . 21.87 41.18 4.31
C11 KMY O . 21.87 42.58 4.29
C12 KMY O . 23.05 43.29 4.67
C13 KMY O . 23.21 44.69 4.61
CL KMY O . 21.89 45.70 4.14
C1 GOL P . 1.48 30.18 -14.62
O1 GOL P . 1.39 29.68 -15.92
C2 GOL P . 0.20 30.16 -13.82
O2 GOL P . -0.16 28.88 -13.42
C3 GOL P . 0.11 31.21 -12.74
O3 GOL P . 1.03 31.08 -11.69
ZN ZN Q . -5.42 -23.89 6.94
K K R . -6.73 -28.35 1.61
K K S . -2.60 -42.81 -0.53
O01 KMY T . -4.87 -23.48 9.73
C02 KMY T . -3.80 -23.95 9.37
N03 KMY T . -3.68 -25.07 8.48
O04 KMY T . -4.69 -25.72 8.01
C05 KMY T . -2.51 -23.34 9.80
S06 KMY T . -1.20 -23.11 8.73
C07 KMY T . -0.09 -22.41 9.86
C08 KMY T . 1.22 -21.95 9.73
C09 KMY T . 1.87 -21.43 10.85
C10 KMY T . 1.20 -21.35 12.08
C11 KMY T . -0.10 -21.80 12.21
C12 KMY T . -0.77 -22.33 11.06
C13 KMY T . -2.10 -22.86 11.04
CL KMY T . -3.12 -22.86 12.45
O01 KMY U . -25.74 -45.83 6.11
C02 KMY U . -26.65 -45.32 5.46
N03 KMY U . -27.75 -46.15 5.08
O04 KMY U . -27.77 -47.41 5.41
C05 KMY U . -26.62 -43.87 5.09
S06 KMY U . -27.94 -42.83 4.68
C07 KMY U . -27.02 -41.36 4.49
C08 KMY U . -27.34 -40.02 4.18
C09 KMY U . -26.33 -39.05 4.02
C10 KMY U . -24.99 -39.40 4.27
C11 KMY U . -24.67 -40.69 4.65
C12 KMY U . -25.70 -41.68 4.74
C13 KMY U . -25.50 -43.04 5.05
CL KMY U . -23.93 -43.64 5.39
C1 DMF V . -9.19 -25.53 18.67
C2 DMF V . -11.33 -25.29 17.38
C DMF V . -11.06 -23.94 19.36
O DMF V . -10.64 -23.47 20.39
N DMF V . -10.49 -24.89 18.47
C1 DMF W . -29.68 -26.20 6.07
C2 DMF W . -29.98 -23.81 6.77
C DMF W . -27.89 -24.49 5.73
O DMF W . -27.18 -25.29 5.20
N DMF W . -29.17 -24.84 6.19
C1 DMF X . -33.04 -25.20 13.14
C2 DMF X . -33.61 -27.04 14.73
C DMF X . -35.03 -26.70 12.74
O DMF X . -35.33 -26.12 11.72
N DMF X . -33.91 -26.30 13.53
ZN ZN Y . 32.40 -15.38 -4.26
K K Z . 34.25 -10.58 0.55
K K AA . 26.67 1.39 5.85
O01 KMY BA . 30.69 -16.94 -5.79
C02 KMY BA . 30.31 -15.87 -6.23
N03 KMY BA . 30.23 -14.70 -5.41
O04 KMY BA . 30.49 -14.77 -4.15
C05 KMY BA . 30.01 -15.71 -7.68
S06 KMY BA . 30.62 -14.41 -8.59
C07 KMY BA . 29.93 -14.87 -10.12
C08 KMY BA . 29.98 -14.27 -11.40
C09 KMY BA . 29.28 -14.88 -12.44
C10 KMY BA . 28.53 -16.06 -12.23
C11 KMY BA . 28.47 -16.64 -10.96
C12 KMY BA . 29.18 -16.02 -9.89
C13 KMY BA . 29.22 -16.47 -8.53
CL KMY BA . 28.35 -17.90 -8.03
O01 KMY CA . 24.02 -14.95 25.92
C02 KMY CA . 25.24 -14.94 25.94
N03 KMY CA . 25.99 -14.64 27.12
O04 KMY CA . 25.40 -14.35 28.25
C05 KMY CA . 26.00 -15.27 24.70
S06 KMY CA . 27.38 -16.30 24.63
C07 KMY CA . 27.71 -16.11 22.93
C08 KMY CA . 28.68 -16.66 22.07
C09 KMY CA . 28.68 -16.29 20.72
C10 KMY CA . 27.71 -15.41 20.22
C11 KMY CA . 26.75 -14.89 21.07
C12 KMY CA . 26.74 -15.25 22.44
C13 KMY CA . 25.82 -14.77 23.41
CL KMY CA . 24.52 -13.71 23.00
C1 GOL DA . 32.72 0.77 -3.79
O1 GOL DA . 32.95 -0.37 -3.03
C2 GOL DA . 33.95 1.44 -4.35
O2 GOL DA . 34.52 0.65 -5.34
C3 GOL DA . 34.91 1.88 -3.26
O3 GOL DA . 35.87 2.86 -3.57
C1 DMF EA . 19.16 -1.61 -16.02
C2 DMF EA . 20.14 -3.67 -14.99
C DMF EA . 19.44 -3.70 -17.35
O DMF EA . 18.95 -3.17 -18.32
N DMF EA . 19.56 -3.00 -16.13
C1 DMF FA . 2.34 -13.10 -27.91
C2 DMF FA . 2.42 -15.33 -29.06
C DMF FA . 4.44 -13.85 -28.99
O DMF FA . 5.08 -14.68 -29.61
N DMF FA . 3.08 -14.11 -28.65
#